data_7FUV
# 
_entry.id   7FUV 
# 
_audit_conform.dict_name       mmcif_pdbx.dic 
_audit_conform.dict_version    5.392 
_audit_conform.dict_location   http://mmcif.pdb.org/dictionaries/ascii/mmcif_pdbx.dic 
# 
loop_
_database_2.database_id 
_database_2.database_code 
_database_2.pdbx_database_accession 
_database_2.pdbx_DOI 
PDB   7FUV         pdb_00007fuv 10.2210/pdb7fuv/pdb 
WWPDB D_1001405376 ?            ?                   
# 
loop_
_pdbx_audit_revision_history.ordinal 
_pdbx_audit_revision_history.data_content_type 
_pdbx_audit_revision_history.major_revision 
_pdbx_audit_revision_history.minor_revision 
_pdbx_audit_revision_history.revision_date 
1 'Structure model' 1 0 2023-03-29 
2 'Structure model' 1 1 2024-05-22 
# 
_pdbx_audit_revision_details.ordinal             1 
_pdbx_audit_revision_details.revision_ordinal    1 
_pdbx_audit_revision_details.data_content_type   'Structure model' 
_pdbx_audit_revision_details.provider            repository 
_pdbx_audit_revision_details.type                'Initial release' 
_pdbx_audit_revision_details.description         ? 
_pdbx_audit_revision_details.details             ? 
# 
_pdbx_audit_revision_group.ordinal             1 
_pdbx_audit_revision_group.revision_ordinal    2 
_pdbx_audit_revision_group.data_content_type   'Structure model' 
_pdbx_audit_revision_group.group               'Data collection' 
# 
loop_
_pdbx_audit_revision_category.ordinal 
_pdbx_audit_revision_category.revision_ordinal 
_pdbx_audit_revision_category.data_content_type 
_pdbx_audit_revision_category.category 
1 2 'Structure model' chem_comp_atom 
2 2 'Structure model' chem_comp_bond 
# 
_pdbx_database_status.entry_id                        7FUV 
_pdbx_database_status.status_code                     REL 
_pdbx_database_status.status_code_sf                  REL 
_pdbx_database_status.status_code_mr                  ? 
_pdbx_database_status.status_code_cs                  ? 
_pdbx_database_status.recvd_initial_deposition_date   2023-03-09 
_pdbx_database_status.status_code_nmr_data            ? 
_pdbx_database_status.deposit_site                    RCSB 
_pdbx_database_status.process_site                    RCSB 
_pdbx_database_status.SG_entry                        ? 
_pdbx_database_status.pdb_format_compatible           Y 
_pdbx_database_status.methods_development_category    ? 
# 
_pdbx_contact_author.id                 1 
_pdbx_contact_author.email              frank.von-delft@diamond.ac.uk 
_pdbx_contact_author.name_first         Frank 
_pdbx_contact_author.name_last          'von Delft' 
_pdbx_contact_author.role               'principal investigator/group leader' 
_pdbx_contact_author.identifier_ORCID   0000-0003-0378-0017 
_pdbx_contact_author.name_mi            ? 
# 
loop_
_audit_author.name 
_audit_author.pdbx_ordinal 
'Grosjean, H.'   1 
'Tomlinson, C.'  2 
'Bradshaw, W.J.' 3 
'Koekemoer, L.'  4 
'Krojer, T.'     5 
'Fearon, D.'     6 
'Biggin, P.C.'   7 
'von Delft, F.'  8 
# 
_citation.id                        primary 
_citation.title                     'PanDDA analysis group deposition' 
_citation.journal_abbrev            'To Be Published' 
_citation.journal_volume            ? 
_citation.page_first                ? 
_citation.page_last                 ? 
_citation.year                      ? 
_citation.journal_id_ASTM           ? 
_citation.country                   ? 
_citation.journal_id_ISSN           ? 
_citation.journal_id_CSD            0353 
_citation.book_publisher            ? 
_citation.pdbx_database_id_PubMed   ? 
_citation.pdbx_database_id_DOI      ? 
# 
loop_
_citation_author.citation_id 
_citation_author.name 
_citation_author.identifier_ORCID 
_citation_author.ordinal 
primary 'Grosjean, H.'   ? 1 
primary 'Tomlinson, C.'  ? 2 
primary 'Bradshaw, W.J.' ? 3 
primary 'Koekemoer, L.'  ? 4 
primary 'Krojer, T.'     ? 5 
primary 'Fearon, D.'     ? 6 
primary 'Biggin, P.C.'   ? 7 
primary 'von Delft, F.'  ? 8 
# 
loop_
_entity.id 
_entity.type 
_entity.src_method 
_entity.pdbx_description 
_entity.formula_weight 
_entity.pdbx_number_of_molecules 
_entity.pdbx_ec 
_entity.pdbx_mutation 
_entity.pdbx_fragment 
_entity.details 
1 polymer     man 'PH-interacting protein'                                     17627.859 1   ? ? ? ? 
2 non-polymer syn 'N-cyclopropyl-4-(furan-2-carbonyl)piperazine-1-carboxamide' 263.292   1   ? ? ? ? 
3 water       nat water                                                        18.015    202 ? ? ? ? 
# 
_entity_name_com.entity_id   1 
_entity_name_com.name        
'PHIP,DDB1- and CUL4-associated factor 14,IRS-1 PH domain-binding protein,WD repeat-containing protein 11' 
# 
_entity_poly.entity_id                      1 
_entity_poly.type                           'polypeptide(L)' 
_entity_poly.nstd_linkage                   no 
_entity_poly.nstd_monomer                   no 
_entity_poly.pdbx_seq_one_letter_code       
;MHHHHHHSSGVDLGTENLYFQSMSYDIQAWKKQCEELLNLIFQCEDSEPFRQPVDLLEYPDYRDIIDTPMDFATVRETLE
AGNYESPMELCKDVRLIFSNSKAYTPSKRSRIYSMSLRLSAFFEEHISSVLSDYKSALRFHKRNTITKR
;
_entity_poly.pdbx_seq_one_letter_code_can   
;MHHHHHHSSGVDLGTENLYFQSMSYDIQAWKKQCEELLNLIFQCEDSEPFRQPVDLLEYPDYRDIIDTPMDFATVRETLE
AGNYESPMELCKDVRLIFSNSKAYTPSKRSRIYSMSLRLSAFFEEHISSVLSDYKSALRFHKRNTITKR
;
_entity_poly.pdbx_strand_id                 A 
_entity_poly.pdbx_target_identifier         ? 
# 
loop_
_pdbx_entity_nonpoly.entity_id 
_pdbx_entity_nonpoly.name 
_pdbx_entity_nonpoly.comp_id 
2 'N-cyclopropyl-4-(furan-2-carbonyl)piperazine-1-carboxamide' ZJI 
3 water                                                        HOH 
# 
loop_
_entity_poly_seq.entity_id 
_entity_poly_seq.num 
_entity_poly_seq.mon_id 
_entity_poly_seq.hetero 
1 1   MET n 
1 2   HIS n 
1 3   HIS n 
1 4   HIS n 
1 5   HIS n 
1 6   HIS n 
1 7   HIS n 
1 8   SER n 
1 9   SER n 
1 10  GLY n 
1 11  VAL n 
1 12  ASP n 
1 13  LEU n 
1 14  GLY n 
1 15  THR n 
1 16  GLU n 
1 17  ASN n 
1 18  LEU n 
1 19  TYR n 
1 20  PHE n 
1 21  GLN n 
1 22  SER n 
1 23  MET n 
1 24  SER n 
1 25  TYR n 
1 26  ASP n 
1 27  ILE n 
1 28  GLN n 
1 29  ALA n 
1 30  TRP n 
1 31  LYS n 
1 32  LYS n 
1 33  GLN n 
1 34  CYS n 
1 35  GLU n 
1 36  GLU n 
1 37  LEU n 
1 38  LEU n 
1 39  ASN n 
1 40  LEU n 
1 41  ILE n 
1 42  PHE n 
1 43  GLN n 
1 44  CYS n 
1 45  GLU n 
1 46  ASP n 
1 47  SER n 
1 48  GLU n 
1 49  PRO n 
1 50  PHE n 
1 51  ARG n 
1 52  GLN n 
1 53  PRO n 
1 54  VAL n 
1 55  ASP n 
1 56  LEU n 
1 57  LEU n 
1 58  GLU n 
1 59  TYR n 
1 60  PRO n 
1 61  ASP n 
1 62  TYR n 
1 63  ARG n 
1 64  ASP n 
1 65  ILE n 
1 66  ILE n 
1 67  ASP n 
1 68  THR n 
1 69  PRO n 
1 70  MET n 
1 71  ASP n 
1 72  PHE n 
1 73  ALA n 
1 74  THR n 
1 75  VAL n 
1 76  ARG n 
1 77  GLU n 
1 78  THR n 
1 79  LEU n 
1 80  GLU n 
1 81  ALA n 
1 82  GLY n 
1 83  ASN n 
1 84  TYR n 
1 85  GLU n 
1 86  SER n 
1 87  PRO n 
1 88  MET n 
1 89  GLU n 
1 90  LEU n 
1 91  CYS n 
1 92  LYS n 
1 93  ASP n 
1 94  VAL n 
1 95  ARG n 
1 96  LEU n 
1 97  ILE n 
1 98  PHE n 
1 99  SER n 
1 100 ASN n 
1 101 SER n 
1 102 LYS n 
1 103 ALA n 
1 104 TYR n 
1 105 THR n 
1 106 PRO n 
1 107 SER n 
1 108 LYS n 
1 109 ARG n 
1 110 SER n 
1 111 ARG n 
1 112 ILE n 
1 113 TYR n 
1 114 SER n 
1 115 MET n 
1 116 SER n 
1 117 LEU n 
1 118 ARG n 
1 119 LEU n 
1 120 SER n 
1 121 ALA n 
1 122 PHE n 
1 123 PHE n 
1 124 GLU n 
1 125 GLU n 
1 126 HIS n 
1 127 ILE n 
1 128 SER n 
1 129 SER n 
1 130 VAL n 
1 131 LEU n 
1 132 SER n 
1 133 ASP n 
1 134 TYR n 
1 135 LYS n 
1 136 SER n 
1 137 ALA n 
1 138 LEU n 
1 139 ARG n 
1 140 PHE n 
1 141 HIS n 
1 142 LYS n 
1 143 ARG n 
1 144 ASN n 
1 145 THR n 
1 146 ILE n 
1 147 THR n 
1 148 LYS n 
1 149 ARG n 
# 
_entity_src_gen.entity_id                          1 
_entity_src_gen.pdbx_src_id                        1 
_entity_src_gen.pdbx_alt_source_flag               sample 
_entity_src_gen.pdbx_seq_type                      'Biological sequence' 
_entity_src_gen.pdbx_beg_seq_num                   1 
_entity_src_gen.pdbx_end_seq_num                   149 
_entity_src_gen.gene_src_common_name               human 
_entity_src_gen.gene_src_genus                     ? 
_entity_src_gen.pdbx_gene_src_gene                 'PHIP, DCAF14, WDR11' 
_entity_src_gen.gene_src_species                   ? 
_entity_src_gen.gene_src_strain                    ? 
_entity_src_gen.gene_src_tissue                    ? 
_entity_src_gen.gene_src_tissue_fraction           ? 
_entity_src_gen.gene_src_details                   ? 
_entity_src_gen.pdbx_gene_src_fragment             ? 
_entity_src_gen.pdbx_gene_src_scientific_name      'Homo sapiens' 
_entity_src_gen.pdbx_gene_src_ncbi_taxonomy_id     9606 
_entity_src_gen.pdbx_gene_src_variant              ? 
_entity_src_gen.pdbx_gene_src_cell_line            ? 
_entity_src_gen.pdbx_gene_src_atcc                 ? 
_entity_src_gen.pdbx_gene_src_organ                ? 
_entity_src_gen.pdbx_gene_src_organelle            ? 
_entity_src_gen.pdbx_gene_src_cell                 ? 
_entity_src_gen.pdbx_gene_src_cellular_location    ? 
_entity_src_gen.host_org_common_name               ? 
_entity_src_gen.pdbx_host_org_scientific_name      'Escherichia coli' 
_entity_src_gen.pdbx_host_org_ncbi_taxonomy_id     562 
_entity_src_gen.host_org_genus                     ? 
_entity_src_gen.pdbx_host_org_gene                 ? 
_entity_src_gen.pdbx_host_org_organ                ? 
_entity_src_gen.host_org_species                   ? 
_entity_src_gen.pdbx_host_org_tissue               ? 
_entity_src_gen.pdbx_host_org_tissue_fraction      ? 
_entity_src_gen.pdbx_host_org_strain               ? 
_entity_src_gen.pdbx_host_org_variant              ? 
_entity_src_gen.pdbx_host_org_cell_line            ? 
_entity_src_gen.pdbx_host_org_atcc                 ? 
_entity_src_gen.pdbx_host_org_culture_collection   ? 
_entity_src_gen.pdbx_host_org_cell                 ? 
_entity_src_gen.pdbx_host_org_organelle            ? 
_entity_src_gen.pdbx_host_org_cellular_location    ? 
_entity_src_gen.pdbx_host_org_vector_type          ? 
_entity_src_gen.pdbx_host_org_vector               ? 
_entity_src_gen.host_org_details                   ? 
_entity_src_gen.expression_system_id               ? 
_entity_src_gen.plasmid_name                       ? 
_entity_src_gen.plasmid_details                    ? 
_entity_src_gen.pdbx_description                   ? 
# 
loop_
_chem_comp.id 
_chem_comp.type 
_chem_comp.mon_nstd_flag 
_chem_comp.name 
_chem_comp.pdbx_synonyms 
_chem_comp.formula 
_chem_comp.formula_weight 
ALA 'L-peptide linking' y ALANINE                                                      ? 'C3 H7 N O2'     89.093  
ARG 'L-peptide linking' y ARGININE                                                     ? 'C6 H15 N4 O2 1' 175.209 
ASN 'L-peptide linking' y ASPARAGINE                                                   ? 'C4 H8 N2 O3'    132.118 
ASP 'L-peptide linking' y 'ASPARTIC ACID'                                              ? 'C4 H7 N O4'     133.103 
CYS 'L-peptide linking' y CYSTEINE                                                     ? 'C3 H7 N O2 S'   121.158 
GLN 'L-peptide linking' y GLUTAMINE                                                    ? 'C5 H10 N2 O3'   146.144 
GLU 'L-peptide linking' y 'GLUTAMIC ACID'                                              ? 'C5 H9 N O4'     147.129 
GLY 'peptide linking'   y GLYCINE                                                      ? 'C2 H5 N O2'     75.067  
HIS 'L-peptide linking' y HISTIDINE                                                    ? 'C6 H10 N3 O2 1' 156.162 
HOH non-polymer         . WATER                                                        ? 'H2 O'           18.015  
ILE 'L-peptide linking' y ISOLEUCINE                                                   ? 'C6 H13 N O2'    131.173 
LEU 'L-peptide linking' y LEUCINE                                                      ? 'C6 H13 N O2'    131.173 
LYS 'L-peptide linking' y LYSINE                                                       ? 'C6 H15 N2 O2 1' 147.195 
MET 'L-peptide linking' y METHIONINE                                                   ? 'C5 H11 N O2 S'  149.211 
PHE 'L-peptide linking' y PHENYLALANINE                                                ? 'C9 H11 N O2'    165.189 
PRO 'L-peptide linking' y PROLINE                                                      ? 'C5 H9 N O2'     115.130 
SER 'L-peptide linking' y SERINE                                                       ? 'C3 H7 N O3'     105.093 
THR 'L-peptide linking' y THREONINE                                                    ? 'C4 H9 N O3'     119.119 
TRP 'L-peptide linking' y TRYPTOPHAN                                                   ? 'C11 H12 N2 O2'  204.225 
TYR 'L-peptide linking' y TYROSINE                                                     ? 'C9 H11 N O3'    181.189 
VAL 'L-peptide linking' y VALINE                                                       ? 'C5 H11 N O2'    117.146 
ZJI non-polymer         . 'N-cyclopropyl-4-(furan-2-carbonyl)piperazine-1-carboxamide' ? 'C13 H17 N3 O3'  263.292 
# 
loop_
_pdbx_poly_seq_scheme.asym_id 
_pdbx_poly_seq_scheme.entity_id 
_pdbx_poly_seq_scheme.seq_id 
_pdbx_poly_seq_scheme.mon_id 
_pdbx_poly_seq_scheme.ndb_seq_num 
_pdbx_poly_seq_scheme.pdb_seq_num 
_pdbx_poly_seq_scheme.auth_seq_num 
_pdbx_poly_seq_scheme.pdb_mon_id 
_pdbx_poly_seq_scheme.auth_mon_id 
_pdbx_poly_seq_scheme.pdb_strand_id 
_pdbx_poly_seq_scheme.pdb_ins_code 
_pdbx_poly_seq_scheme.hetero 
A 1 1   MET 1   1292 ?    ?   ?   A . n 
A 1 2   HIS 2   1293 ?    ?   ?   A . n 
A 1 3   HIS 3   1294 ?    ?   ?   A . n 
A 1 4   HIS 4   1295 ?    ?   ?   A . n 
A 1 5   HIS 5   1296 ?    ?   ?   A . n 
A 1 6   HIS 6   1297 ?    ?   ?   A . n 
A 1 7   HIS 7   1298 ?    ?   ?   A . n 
A 1 8   SER 8   1299 ?    ?   ?   A . n 
A 1 9   SER 9   1300 ?    ?   ?   A . n 
A 1 10  GLY 10  1301 ?    ?   ?   A . n 
A 1 11  VAL 11  1302 ?    ?   ?   A . n 
A 1 12  ASP 12  1303 ?    ?   ?   A . n 
A 1 13  LEU 13  1304 ?    ?   ?   A . n 
A 1 14  GLY 14  1305 ?    ?   ?   A . n 
A 1 15  THR 15  1306 ?    ?   ?   A . n 
A 1 16  GLU 16  1307 ?    ?   ?   A . n 
A 1 17  ASN 17  1308 ?    ?   ?   A . n 
A 1 18  LEU 18  1309 ?    ?   ?   A . n 
A 1 19  TYR 19  1310 ?    ?   ?   A . n 
A 1 20  PHE 20  1311 ?    ?   ?   A . n 
A 1 21  GLN 21  1312 ?    ?   ?   A . n 
A 1 22  SER 22  1313 ?    ?   ?   A . n 
A 1 23  MET 23  1314 ?    ?   ?   A . n 
A 1 24  SER 24  1315 1315 SER SER A . n 
A 1 25  TYR 25  1316 1316 TYR TYR A . n 
A 1 26  ASP 26  1317 1317 ASP ASP A . n 
A 1 27  ILE 27  1318 1318 ILE ILE A . n 
A 1 28  GLN 28  1319 1319 GLN GLN A . n 
A 1 29  ALA 29  1320 1320 ALA ALA A . n 
A 1 30  TRP 30  1321 1321 TRP TRP A . n 
A 1 31  LYS 31  1322 1322 LYS LYS A . n 
A 1 32  LYS 32  1323 1323 LYS LYS A . n 
A 1 33  GLN 33  1324 1324 GLN GLN A . n 
A 1 34  CYS 34  1325 1325 CYS CYS A . n 
A 1 35  GLU 35  1326 1326 GLU GLU A . n 
A 1 36  GLU 36  1327 1327 GLU GLU A . n 
A 1 37  LEU 37  1328 1328 LEU LEU A . n 
A 1 38  LEU 38  1329 1329 LEU LEU A . n 
A 1 39  ASN 39  1330 1330 ASN ASN A . n 
A 1 40  LEU 40  1331 1331 LEU LEU A . n 
A 1 41  ILE 41  1332 1332 ILE ILE A . n 
A 1 42  PHE 42  1333 1333 PHE PHE A . n 
A 1 43  GLN 43  1334 1334 GLN GLN A . n 
A 1 44  CYS 44  1335 1335 CYS CYS A . n 
A 1 45  GLU 45  1336 1336 GLU GLU A . n 
A 1 46  ASP 46  1337 1337 ASP ASP A . n 
A 1 47  SER 47  1338 1338 SER SER A . n 
A 1 48  GLU 48  1339 1339 GLU GLU A . n 
A 1 49  PRO 49  1340 1340 PRO PRO A . n 
A 1 50  PHE 50  1341 1341 PHE PHE A . n 
A 1 51  ARG 51  1342 1342 ARG ARG A . n 
A 1 52  GLN 52  1343 1343 GLN GLN A . n 
A 1 53  PRO 53  1344 1344 PRO PRO A . n 
A 1 54  VAL 54  1345 1345 VAL VAL A . n 
A 1 55  ASP 55  1346 1346 ASP ASP A . n 
A 1 56  LEU 56  1347 1347 LEU LEU A . n 
A 1 57  LEU 57  1348 1348 LEU LEU A . n 
A 1 58  GLU 58  1349 1349 GLU GLU A . n 
A 1 59  TYR 59  1350 1350 TYR TYR A . n 
A 1 60  PRO 60  1351 1351 PRO PRO A . n 
A 1 61  ASP 61  1352 1352 ASP ASP A . n 
A 1 62  TYR 62  1353 1353 TYR TYR A . n 
A 1 63  ARG 63  1354 1354 ARG ARG A . n 
A 1 64  ASP 64  1355 1355 ASP ASP A . n 
A 1 65  ILE 65  1356 1356 ILE ILE A . n 
A 1 66  ILE 66  1357 1357 ILE ILE A . n 
A 1 67  ASP 67  1358 1358 ASP ASP A . n 
A 1 68  THR 68  1359 1359 THR THR A . n 
A 1 69  PRO 69  1360 1360 PRO PRO A . n 
A 1 70  MET 70  1361 1361 MET MET A . n 
A 1 71  ASP 71  1362 1362 ASP ASP A . n 
A 1 72  PHE 72  1363 1363 PHE PHE A . n 
A 1 73  ALA 73  1364 1364 ALA ALA A . n 
A 1 74  THR 74  1365 1365 THR THR A . n 
A 1 75  VAL 75  1366 1366 VAL VAL A . n 
A 1 76  ARG 76  1367 1367 ARG ARG A . n 
A 1 77  GLU 77  1368 1368 GLU GLU A . n 
A 1 78  THR 78  1369 1369 THR THR A . n 
A 1 79  LEU 79  1370 1370 LEU LEU A . n 
A 1 80  GLU 80  1371 1371 GLU GLU A . n 
A 1 81  ALA 81  1372 1372 ALA ALA A . n 
A 1 82  GLY 82  1373 1373 GLY GLY A . n 
A 1 83  ASN 83  1374 1374 ASN ASN A . n 
A 1 84  TYR 84  1375 1375 TYR TYR A . n 
A 1 85  GLU 85  1376 1376 GLU GLU A . n 
A 1 86  SER 86  1377 1377 SER SER A . n 
A 1 87  PRO 87  1378 1378 PRO PRO A . n 
A 1 88  MET 88  1379 1379 MET MET A . n 
A 1 89  GLU 89  1380 1380 GLU GLU A . n 
A 1 90  LEU 90  1381 1381 LEU LEU A . n 
A 1 91  CYS 91  1382 1382 CYS CYS A . n 
A 1 92  LYS 92  1383 1383 LYS LYS A . n 
A 1 93  ASP 93  1384 1384 ASP ASP A . n 
A 1 94  VAL 94  1385 1385 VAL VAL A . n 
A 1 95  ARG 95  1386 1386 ARG ARG A . n 
A 1 96  LEU 96  1387 1387 LEU LEU A . n 
A 1 97  ILE 97  1388 1388 ILE ILE A . n 
A 1 98  PHE 98  1389 1389 PHE PHE A . n 
A 1 99  SER 99  1390 1390 SER SER A . n 
A 1 100 ASN 100 1391 1391 ASN ASN A . n 
A 1 101 SER 101 1392 1392 SER SER A . n 
A 1 102 LYS 102 1393 1393 LYS LYS A . n 
A 1 103 ALA 103 1394 1394 ALA ALA A . n 
A 1 104 TYR 104 1395 1395 TYR TYR A . n 
A 1 105 THR 105 1396 1396 THR THR A . n 
A 1 106 PRO 106 1397 1397 PRO PRO A . n 
A 1 107 SER 107 1398 1398 SER SER A . n 
A 1 108 LYS 108 1399 1399 LYS LYS A . n 
A 1 109 ARG 109 1400 1400 ARG ARG A . n 
A 1 110 SER 110 1401 1401 SER SER A . n 
A 1 111 ARG 111 1402 1402 ARG ARG A . n 
A 1 112 ILE 112 1403 1403 ILE ILE A . n 
A 1 113 TYR 113 1404 1404 TYR TYR A . n 
A 1 114 SER 114 1405 1405 SER SER A . n 
A 1 115 MET 115 1406 1406 MET MET A . n 
A 1 116 SER 116 1407 1407 SER SER A . n 
A 1 117 LEU 117 1408 1408 LEU LEU A . n 
A 1 118 ARG 118 1409 1409 ARG ARG A . n 
A 1 119 LEU 119 1410 1410 LEU LEU A . n 
A 1 120 SER 120 1411 1411 SER SER A . n 
A 1 121 ALA 121 1412 1412 ALA ALA A . n 
A 1 122 PHE 122 1413 1413 PHE PHE A . n 
A 1 123 PHE 123 1414 1414 PHE PHE A . n 
A 1 124 GLU 124 1415 1415 GLU GLU A . n 
A 1 125 GLU 125 1416 1416 GLU GLU A . n 
A 1 126 HIS 126 1417 1417 HIS HIS A . n 
A 1 127 ILE 127 1418 1418 ILE ILE A . n 
A 1 128 SER 128 1419 1419 SER SER A . n 
A 1 129 SER 129 1420 1420 SER SER A . n 
A 1 130 VAL 130 1421 1421 VAL VAL A . n 
A 1 131 LEU 131 1422 1422 LEU LEU A . n 
A 1 132 SER 132 1423 1423 SER SER A . n 
A 1 133 ASP 133 1424 1424 ASP ASP A . n 
A 1 134 TYR 134 1425 1425 TYR TYR A . n 
A 1 135 LYS 135 1426 1426 LYS LYS A . n 
A 1 136 SER 136 1427 1427 SER SER A . n 
A 1 137 ALA 137 1428 1428 ALA ALA A . n 
A 1 138 LEU 138 1429 1429 LEU LEU A . n 
A 1 139 ARG 139 1430 1430 ARG ARG A . n 
A 1 140 PHE 140 1431 1431 PHE PHE A . n 
A 1 141 HIS 141 1432 1432 HIS HIS A . n 
A 1 142 LYS 142 1433 1433 LYS LYS A . n 
A 1 143 ARG 143 1434 1434 ARG ARG A . n 
A 1 144 ASN 144 1435 1435 ASN ASN A . n 
A 1 145 THR 145 1436 ?    ?   ?   A . n 
A 1 146 ILE 146 1437 ?    ?   ?   A . n 
A 1 147 THR 147 1438 ?    ?   ?   A . n 
A 1 148 LYS 148 1439 ?    ?   ?   A . n 
A 1 149 ARG 149 1440 ?    ?   ?   A . n 
# 
loop_
_pdbx_nonpoly_scheme.asym_id 
_pdbx_nonpoly_scheme.entity_id 
_pdbx_nonpoly_scheme.mon_id 
_pdbx_nonpoly_scheme.ndb_seq_num 
_pdbx_nonpoly_scheme.pdb_seq_num 
_pdbx_nonpoly_scheme.auth_seq_num 
_pdbx_nonpoly_scheme.pdb_mon_id 
_pdbx_nonpoly_scheme.auth_mon_id 
_pdbx_nonpoly_scheme.pdb_strand_id 
_pdbx_nonpoly_scheme.pdb_ins_code 
B 2 ZJI 1   1901 1901 ZJI LIG A . 
C 3 HOH 1   2001 1670 HOH HOH A . 
C 3 HOH 2   2002 1607 HOH HOH A . 
C 3 HOH 3   2003 1610 HOH HOH A . 
C 3 HOH 4   2004 1662 HOH HOH A . 
C 3 HOH 5   2005 1    HOH HOH A . 
C 3 HOH 6   2006 5    HOH HOH A . 
C 3 HOH 7   2007 1631 HOH HOH A . 
C 3 HOH 8   2008 1605 HOH HOH A . 
C 3 HOH 9   2009 1624 HOH HOH A . 
C 3 HOH 10  2010 1750 HOH HOH A . 
C 3 HOH 11  2011 1695 HOH HOH A . 
C 3 HOH 12  2012 1602 HOH HOH A . 
C 3 HOH 13  2013 1609 HOH HOH A . 
C 3 HOH 14  2014 1603 HOH HOH A . 
C 3 HOH 15  2015 1622 HOH HOH A . 
C 3 HOH 16  2016 1712 HOH HOH A . 
C 3 HOH 17  2017 1630 HOH HOH A . 
C 3 HOH 18  2018 1757 HOH HOH A . 
C 3 HOH 19  2019 1608 HOH HOH A . 
C 3 HOH 20  2020 1612 HOH HOH A . 
C 3 HOH 21  2021 1604 HOH HOH A . 
C 3 HOH 22  2022 1629 HOH HOH A . 
C 3 HOH 23  2023 1745 HOH HOH A . 
C 3 HOH 24  2024 12   HOH HOH A . 
C 3 HOH 25  2025 1732 HOH HOH A . 
C 3 HOH 26  2026 1615 HOH HOH A . 
C 3 HOH 27  2027 1620 HOH HOH A . 
C 3 HOH 28  2028 1616 HOH HOH A . 
C 3 HOH 29  2029 1658 HOH HOH A . 
C 3 HOH 30  2030 17   HOH HOH A . 
C 3 HOH 31  2031 1676 HOH HOH A . 
C 3 HOH 32  2032 1692 HOH HOH A . 
C 3 HOH 33  2033 14   HOH HOH A . 
C 3 HOH 34  2034 1660 HOH HOH A . 
C 3 HOH 35  2035 1677 HOH HOH A . 
C 3 HOH 36  2036 1647 HOH HOH A . 
C 3 HOH 37  2037 1626 HOH HOH A . 
C 3 HOH 38  2038 1645 HOH HOH A . 
C 3 HOH 39  2039 1634 HOH HOH A . 
C 3 HOH 40  2040 1672 HOH HOH A . 
C 3 HOH 41  2041 1617 HOH HOH A . 
C 3 HOH 42  2042 1625 HOH HOH A . 
C 3 HOH 43  2043 1628 HOH HOH A . 
C 3 HOH 44  2044 1767 HOH HOH A . 
C 3 HOH 45  2045 1644 HOH HOH A . 
C 3 HOH 46  2046 1668 HOH HOH A . 
C 3 HOH 47  2047 1740 HOH HOH A . 
C 3 HOH 48  2048 1619 HOH HOH A . 
C 3 HOH 49  2049 1632 HOH HOH A . 
C 3 HOH 50  2050 1655 HOH HOH A . 
C 3 HOH 51  2051 1646 HOH HOH A . 
C 3 HOH 52  2052 1673 HOH HOH A . 
C 3 HOH 53  2053 1738 HOH HOH A . 
C 3 HOH 54  2054 1623 HOH HOH A . 
C 3 HOH 55  2055 1643 HOH HOH A . 
C 3 HOH 56  2056 1666 HOH HOH A . 
C 3 HOH 57  2057 1747 HOH HOH A . 
C 3 HOH 58  2058 1679 HOH HOH A . 
C 3 HOH 59  2059 1736 HOH HOH A . 
C 3 HOH 60  2060 1674 HOH HOH A . 
C 3 HOH 61  2061 1687 HOH HOH A . 
C 3 HOH 62  2062 1633 HOH HOH A . 
C 3 HOH 63  2063 1682 HOH HOH A . 
C 3 HOH 64  2064 1733 HOH HOH A . 
C 3 HOH 65  2065 1663 HOH HOH A . 
C 3 HOH 66  2066 1723 HOH HOH A . 
C 3 HOH 67  2067 6    HOH HOH A . 
C 3 HOH 68  2068 1661 HOH HOH A . 
C 3 HOH 69  2069 7    HOH HOH A . 
C 3 HOH 70  2070 1652 HOH HOH A . 
C 3 HOH 71  2071 1693 HOH HOH A . 
C 3 HOH 72  2072 1671 HOH HOH A . 
C 3 HOH 73  2073 1613 HOH HOH A . 
C 3 HOH 74  2074 1680 HOH HOH A . 
C 3 HOH 75  2075 1651 HOH HOH A . 
C 3 HOH 76  2076 1650 HOH HOH A . 
C 3 HOH 77  2077 1689 HOH HOH A . 
C 3 HOH 78  2078 1637 HOH HOH A . 
C 3 HOH 79  2079 1701 HOH HOH A . 
C 3 HOH 80  2080 1711 HOH HOH A . 
C 3 HOH 81  2081 1635 HOH HOH A . 
C 3 HOH 82  2082 1700 HOH HOH A . 
C 3 HOH 83  2083 1741 HOH HOH A . 
C 3 HOH 84  2084 1688 HOH HOH A . 
C 3 HOH 85  2085 1665 HOH HOH A . 
C 3 HOH 86  2086 19   HOH HOH A . 
C 3 HOH 87  2087 1721 HOH HOH A . 
C 3 HOH 88  2088 1675 HOH HOH A . 
C 3 HOH 89  2089 1601 HOH HOH A . 
C 3 HOH 90  2090 1664 HOH HOH A . 
C 3 HOH 91  2091 1720 HOH HOH A . 
C 3 HOH 92  2092 1681 HOH HOH A . 
C 3 HOH 93  2093 1694 HOH HOH A . 
C 3 HOH 94  2094 1699 HOH HOH A . 
C 3 HOH 95  2095 1684 HOH HOH A . 
C 3 HOH 96  2096 1678 HOH HOH A . 
C 3 HOH 97  2097 1690 HOH HOH A . 
C 3 HOH 98  2098 1686 HOH HOH A . 
C 3 HOH 99  2099 1714 HOH HOH A . 
C 3 HOH 100 2100 1731 HOH HOH A . 
C 3 HOH 101 2101 1696 HOH HOH A . 
C 3 HOH 102 2102 1683 HOH HOH A . 
C 3 HOH 103 2103 1648 HOH HOH A . 
C 3 HOH 104 2104 1638 HOH HOH A . 
C 3 HOH 105 2105 1669 HOH HOH A . 
C 3 HOH 106 2106 1657 HOH HOH A . 
C 3 HOH 107 2107 1685 HOH HOH A . 
C 3 HOH 108 2108 1730 HOH HOH A . 
C 3 HOH 109 2109 1718 HOH HOH A . 
C 3 HOH 110 2110 1713 HOH HOH A . 
C 3 HOH 111 2111 1725 HOH HOH A . 
C 3 HOH 112 2112 1716 HOH HOH A . 
C 3 HOH 113 2113 1719 HOH HOH A . 
C 3 HOH 114 2114 1697 HOH HOH A . 
C 3 HOH 115 2115 1708 HOH HOH A . 
C 3 HOH 116 2116 1710 HOH HOH A . 
C 3 HOH 117 2117 1641 HOH HOH A . 
C 3 HOH 118 2118 1715 HOH HOH A . 
C 3 HOH 119 2119 1611 HOH HOH A . 
C 3 HOH 120 2120 1706 HOH HOH A . 
C 3 HOH 121 2121 1728 HOH HOH A . 
C 3 HOH 122 2122 1627 HOH HOH A . 
C 3 HOH 123 2123 1722 HOH HOH A . 
C 3 HOH 124 2124 1704 HOH HOH A . 
C 3 HOH 125 2125 1735 HOH HOH A . 
C 3 HOH 126 2126 1724 HOH HOH A . 
C 3 HOH 127 2127 1667 HOH HOH A . 
C 3 HOH 128 2128 13   HOH HOH A . 
C 3 HOH 129 2129 1729 HOH HOH A . 
C 3 HOH 130 2130 1709 HOH HOH A . 
C 3 HOH 131 2131 1734 HOH HOH A . 
C 3 HOH 132 2132 15   HOH HOH A . 
C 3 HOH 133 2133 1727 HOH HOH A . 
C 3 HOH 134 2134 1737 HOH HOH A . 
C 3 HOH 135 2135 4    HOH HOH A . 
C 3 HOH 136 2136 1653 HOH HOH A . 
C 3 HOH 137 2137 1726 HOH HOH A . 
C 3 HOH 138 2138 1744 HOH HOH A . 
C 3 HOH 139 2139 1801 HOH HOH A . 
C 3 HOH 140 2140 1703 HOH HOH A . 
C 3 HOH 141 2141 11   HOH HOH A . 
C 3 HOH 142 2142 1640 HOH HOH A . 
C 3 HOH 143 2143 3    HOH HOH A . 
C 3 HOH 144 2144 1656 HOH HOH A . 
C 3 HOH 145 2145 2    HOH HOH A . 
C 3 HOH 146 2146 1773 HOH HOH A . 
C 3 HOH 147 2147 1742 HOH HOH A . 
C 3 HOH 148 2148 20   HOH HOH A . 
C 3 HOH 149 2149 1752 HOH HOH A . 
C 3 HOH 150 2150 1753 HOH HOH A . 
C 3 HOH 151 2151 1751 HOH HOH A . 
C 3 HOH 152 2152 1755 HOH HOH A . 
C 3 HOH 153 2153 1754 HOH HOH A . 
C 3 HOH 154 2154 1743 HOH HOH A . 
C 3 HOH 155 2155 1776 HOH HOH A . 
C 3 HOH 156 2156 1756 HOH HOH A . 
C 3 HOH 157 2157 1759 HOH HOH A . 
C 3 HOH 158 2158 1769 HOH HOH A . 
C 3 HOH 159 2159 1763 HOH HOH A . 
C 3 HOH 160 2160 9    HOH HOH A . 
C 3 HOH 161 2161 1766 HOH HOH A . 
C 3 HOH 162 2162 1642 HOH HOH A . 
C 3 HOH 163 2163 1768 HOH HOH A . 
C 3 HOH 164 2164 1762 HOH HOH A . 
C 3 HOH 165 2165 10   HOH HOH A . 
C 3 HOH 166 2166 1784 HOH HOH A . 
C 3 HOH 167 2167 1765 HOH HOH A . 
C 3 HOH 168 2168 1786 HOH HOH A . 
C 3 HOH 169 2169 1770 HOH HOH A . 
C 3 HOH 170 2170 1764 HOH HOH A . 
C 3 HOH 171 2171 1772 HOH HOH A . 
C 3 HOH 172 2172 1748 HOH HOH A . 
C 3 HOH 173 2173 1777 HOH HOH A . 
C 3 HOH 174 2174 1758 HOH HOH A . 
C 3 HOH 175 2175 1795 HOH HOH A . 
C 3 HOH 176 2176 18   HOH HOH A . 
C 3 HOH 177 2177 1779 HOH HOH A . 
C 3 HOH 178 2178 1774 HOH HOH A . 
C 3 HOH 179 2179 1796 HOH HOH A . 
C 3 HOH 180 2180 1778 HOH HOH A . 
C 3 HOH 181 2181 1782 HOH HOH A . 
C 3 HOH 182 2182 1783 HOH HOH A . 
C 3 HOH 183 2183 1781 HOH HOH A . 
C 3 HOH 184 2184 1785 HOH HOH A . 
C 3 HOH 185 2185 1775 HOH HOH A . 
C 3 HOH 186 2186 1794 HOH HOH A . 
C 3 HOH 187 2187 16   HOH HOH A . 
C 3 HOH 188 2188 1760 HOH HOH A . 
C 3 HOH 189 2189 1788 HOH HOH A . 
C 3 HOH 190 2190 1787 HOH HOH A . 
C 3 HOH 191 2191 1654 HOH HOH A . 
C 3 HOH 192 2192 1791 HOH HOH A . 
C 3 HOH 193 2193 1789 HOH HOH A . 
C 3 HOH 194 2194 1790 HOH HOH A . 
C 3 HOH 195 2195 1761 HOH HOH A . 
C 3 HOH 196 2196 1792 HOH HOH A . 
C 3 HOH 197 2197 1793 HOH HOH A . 
C 3 HOH 198 2198 8    HOH HOH A . 
C 3 HOH 199 2199 1798 HOH HOH A . 
C 3 HOH 200 2200 1797 HOH HOH A . 
C 3 HOH 201 2201 1799 HOH HOH A . 
C 3 HOH 202 2202 1800 HOH HOH A . 
# 
loop_
_pdbx_unobs_or_zero_occ_atoms.id 
_pdbx_unobs_or_zero_occ_atoms.PDB_model_num 
_pdbx_unobs_or_zero_occ_atoms.polymer_flag 
_pdbx_unobs_or_zero_occ_atoms.occupancy_flag 
_pdbx_unobs_or_zero_occ_atoms.auth_asym_id 
_pdbx_unobs_or_zero_occ_atoms.auth_comp_id 
_pdbx_unobs_or_zero_occ_atoms.auth_seq_id 
_pdbx_unobs_or_zero_occ_atoms.PDB_ins_code 
_pdbx_unobs_or_zero_occ_atoms.auth_atom_id 
_pdbx_unobs_or_zero_occ_atoms.label_alt_id 
_pdbx_unobs_or_zero_occ_atoms.label_asym_id 
_pdbx_unobs_or_zero_occ_atoms.label_comp_id 
_pdbx_unobs_or_zero_occ_atoms.label_seq_id 
_pdbx_unobs_or_zero_occ_atoms.label_atom_id 
1 1 Y 1 A GLN 1334 ? CD  ? A GLN 43 CD  
2 1 Y 1 A GLN 1334 ? OE1 ? A GLN 43 OE1 
3 1 Y 1 A GLN 1334 ? NE2 ? A GLN 43 NE2 
# 
loop_
_software.pdbx_ordinal 
_software.name 
_software.version 
_software.date 
_software.type 
_software.contact_author 
_software.contact_author_email 
_software.classification 
_software.location 
_software.language 
_software.citation_id 
1 REFMAC      5.8.0267 ?               program 'Garib N. Murshudov' garib@ysbl.york.ac.uk    refinement        
http://www.ccp4.ac.uk/dist/html/refmac5.html        Fortran_77 ? 
2 Aimless     0.7.7    23/04/21        program 'Phil Evans'         ?                        'data scaling'    
http://www.mrc-lmb.cam.ac.uk/harry/pre/aimless.html ?          ? 
3 PDB_EXTRACT 3.23     'SEP. 23, 2016' package PDB                  deposit@deposit.rcsb.org 'data extraction' 
http://sw-tools.pdb.org/apps/PDB_EXTRACT/           C++        ? 
4 XDS         .        ?               program ?                    ?                        'data reduction'  ? ?          ? 
5 REFMAC      .        ?               program ?                    ?                        phasing           ? ?          ? 
# 
_cell.entry_id           7FUV 
_cell.length_a           81.916 
_cell.length_b           27.428 
_cell.length_c           56.563 
_cell.angle_alpha        90.000 
_cell.angle_beta         100.180 
_cell.angle_gamma        90.000 
_cell.Z_PDB              4 
_cell.pdbx_unique_axis   ? 
# 
_symmetry.entry_id                         7FUV 
_symmetry.space_group_name_H-M             'C 1 2 1' 
_symmetry.pdbx_full_space_group_name_H-M   ? 
_symmetry.cell_setting                     ? 
_symmetry.Int_Tables_number                5 
# 
_exptl.crystals_number   1 
_exptl.entry_id          7FUV 
_exptl.method            'X-RAY DIFFRACTION' 
# 
_exptl_crystal.id                    1 
_exptl_crystal.pdbx_mosaicity        0.000 
_exptl_crystal.pdbx_mosaicity_esd    ? 
_exptl_crystal.density_Matthews      1.77 
_exptl_crystal.density_diffrn        ? 
_exptl_crystal.density_meas          ? 
_exptl_crystal.density_meas_temp     ? 
_exptl_crystal.density_percent_sol   30.66 
_exptl_crystal.size_max              ? 
_exptl_crystal.size_mid              ? 
_exptl_crystal.size_min              ? 
_exptl_crystal.size_rad              ? 
_exptl_crystal.description           ? 
# 
_exptl_crystal_grow.crystal_id      1 
_exptl_crystal_grow.method          'VAPOR DIFFUSION, SITTING DROP' 
_exptl_crystal_grow.pH              5.6 
_exptl_crystal_grow.temp            277 
_exptl_crystal_grow.pdbx_details    '20% PEG 8000, 0.04M potassium phosphate' 
_exptl_crystal_grow.temp_details    ? 
_exptl_crystal_grow.pdbx_pH_range   ? 
# 
_diffrn.id                     1 
_diffrn.ambient_temp           100 
_diffrn.crystal_id             1 
_diffrn.ambient_temp_details   ? 
# 
_diffrn_detector.detector               PIXEL 
_diffrn_detector.type                   'DECTRIS PILATUS 6M' 
_diffrn_detector.pdbx_collection_date   2022-09-24 
_diffrn_detector.diffrn_id              1 
_diffrn_detector.details                ? 
# 
_diffrn_radiation.diffrn_id                        1 
_diffrn_radiation.wavelength_id                    1 
_diffrn_radiation.pdbx_diffrn_protocol             'SINGLE WAVELENGTH' 
_diffrn_radiation.pdbx_monochromatic_or_laue_m_l   ? 
_diffrn_radiation.monochromator                    ? 
_diffrn_radiation.pdbx_scattering_type             x-ray 
# 
_diffrn_radiation_wavelength.id           1 
_diffrn_radiation_wavelength.wavelength   0.92124 
_diffrn_radiation_wavelength.wt           1.0 
# 
_diffrn_source.diffrn_id                   1 
_diffrn_source.source                      SYNCHROTRON 
_diffrn_source.type                        'DIAMOND BEAMLINE I04-1' 
_diffrn_source.pdbx_wavelength_list        0.92124 
_diffrn_source.pdbx_synchrotron_site       Diamond 
_diffrn_source.pdbx_synchrotron_beamline   I04-1 
_diffrn_source.pdbx_wavelength             ? 
# 
_reflns.entry_id                     7FUV 
_reflns.pdbx_diffrn_id               1 
_reflns.pdbx_ordinal                 1 
_reflns.observed_criterion_sigma_I   ? 
_reflns.observed_criterion_sigma_F   ? 
_reflns.d_resolution_low             55.700 
_reflns.d_resolution_high            1.190 
_reflns.number_obs                   32872 
_reflns.number_all                   ? 
_reflns.percent_possible_obs         81.700 
_reflns.pdbx_Rmerge_I_obs            0.049 
_reflns.pdbx_Rsym_value              ? 
_reflns.pdbx_netI_over_sigmaI        24.000 
_reflns.B_iso_Wilson_estimate        ? 
_reflns.pdbx_redundancy              5.200 
_reflns.pdbx_Rrim_I_all              0.053 
_reflns.pdbx_Rpim_I_all              0.021 
_reflns.pdbx_CC_half                 0.992 
_reflns.pdbx_netI_over_av_sigmaI     ? 
_reflns.pdbx_number_measured_all     172018 
_reflns.pdbx_scaling_rejects         0 
_reflns.pdbx_chi_squared             ? 
_reflns.Rmerge_F_all                 ? 
_reflns.Rmerge_F_obs                 ? 
_reflns.observed_criterion_F_max     ? 
_reflns.observed_criterion_F_min     ? 
_reflns.observed_criterion_I_max     ? 
_reflns.observed_criterion_I_min     ? 
_reflns.pdbx_d_res_high_opt          ? 
_reflns.pdbx_d_res_low_opt           ? 
_reflns.details                      ? 
# 
loop_
_reflns_shell.pdbx_diffrn_id 
_reflns_shell.pdbx_ordinal 
_reflns_shell.d_res_high 
_reflns_shell.d_res_low 
_reflns_shell.number_measured_obs 
_reflns_shell.number_measured_all 
_reflns_shell.number_unique_obs 
_reflns_shell.pdbx_rejects 
_reflns_shell.Rmerge_I_obs 
_reflns_shell.meanI_over_sigI_obs 
_reflns_shell.pdbx_Rsym_value 
_reflns_shell.pdbx_chi_squared 
_reflns_shell.pdbx_redundancy 
_reflns_shell.percent_possible_obs 
_reflns_shell.pdbx_netI_over_sigmaI_obs 
_reflns_shell.number_possible 
_reflns_shell.number_unique_all 
_reflns_shell.Rmerge_F_all 
_reflns_shell.Rmerge_F_obs 
_reflns_shell.Rmerge_I_all 
_reflns_shell.meanI_over_sigI_all 
_reflns_shell.percent_possible_all 
_reflns_shell.pdbx_Rrim_I_all 
_reflns_shell.pdbx_Rpim_I_all 
_reflns_shell.pdbx_CC_half 
1 1 1.190 1.210  ? 601  ? ? 0.235 ? ? ? 1.400 ? 1.400  ? 433 ? ? ? ? 21.300 0.321 0.217 0.908 
1 2 6.410 55.700 ? 1706 ? ? 0.077 ? ? ? 5.800 ? 53.500 ? 293 ? ? ? ? 99.800 0.085 0.037 0.982 
# 
_refine.entry_id                                 7FUV 
_refine.pdbx_refine_id                           'X-RAY DIFFRACTION' 
_refine.ls_d_res_high                            1.1900 
_refine.ls_d_res_low                             55.6700 
_refine.pdbx_ls_sigma_F                          0.000 
_refine.pdbx_data_cutoff_high_absF               ? 
_refine.pdbx_data_cutoff_low_absF                ? 
_refine.ls_percent_reflns_obs                    81.8800 
_refine.ls_number_reflns_obs                     31234 
_refine.ls_number_reflns_all                     ? 
_refine.pdbx_ls_cross_valid_method               THROUGHOUT 
_refine.ls_matrix_type                           ? 
_refine.pdbx_R_Free_selection_details            RANDOM 
_refine.details                                  
'HYDROGENS HAVE BEEN ADDED IN THE RIDING POSITIONS U VALUES      : REFINED INDIVIDUALLY' 
_refine.ls_R_factor_all                          ? 
_refine.ls_R_factor_obs                          0.1755 
_refine.ls_R_factor_R_work                       0.1740 
_refine.ls_wR_factor_R_work                      ? 
_refine.ls_R_factor_R_free                       0.2031 
_refine.ls_wR_factor_R_free                      ? 
_refine.ls_percent_reflns_R_free                 5.0000 
_refine.ls_number_reflns_R_free                  1638 
_refine.ls_number_reflns_R_work                  ? 
_refine.ls_R_factor_R_free_error                 ? 
_refine.B_iso_mean                               17.9800 
_refine.solvent_model_param_bsol                 ? 
_refine.solvent_model_param_ksol                 ? 
_refine.pdbx_isotropic_thermal_model             ? 
_refine.aniso_B[1][1]                            0.0600 
_refine.aniso_B[2][2]                            0.5500 
_refine.aniso_B[3][3]                            -0.7100 
_refine.aniso_B[1][2]                            0.0000 
_refine.aniso_B[1][3]                            0.3900 
_refine.aniso_B[2][3]                            0.0000 
_refine.correlation_coeff_Fo_to_Fc               0.9650 
_refine.correlation_coeff_Fo_to_Fc_free          0.9560 
_refine.overall_SU_R_Cruickshank_DPI             ? 
_refine.pdbx_overall_SU_R_free_Cruickshank_DPI   ? 
_refine.pdbx_overall_SU_R_Blow_DPI               ? 
_refine.pdbx_overall_SU_R_free_Blow_DPI          ? 
_refine.overall_SU_R_free                        ? 
_refine.pdbx_overall_ESU_R                       0.0720 
_refine.pdbx_overall_ESU_R_Free                  0.0710 
_refine.overall_SU_ML                            0.0500 
_refine.overall_SU_B                             1.1310 
_refine.solvent_model_details                    MASK 
_refine.pdbx_solvent_vdw_probe_radii             1.2000 
_refine.pdbx_solvent_ion_probe_radii             0.8000 
_refine.pdbx_solvent_shrinkage_radii             0.8000 
_refine.ls_number_parameters                     ? 
_refine.ls_number_restraints                     ? 
_refine.pdbx_starting_model                      7av9 
_refine.pdbx_method_to_determine_struct          'FOURIER SYNTHESIS' 
_refine.pdbx_stereochemistry_target_values       'MAXIMUM LIKELIHOOD' 
_refine.pdbx_stereochem_target_val_spec_case     ? 
_refine.overall_FOM_work_R_set                   ? 
_refine.B_iso_max                                244.620 
_refine.B_iso_min                                9.150 
_refine.pdbx_overall_phase_error                 ? 
_refine.occupancy_max                            ? 
_refine.occupancy_min                            ? 
_refine.pdbx_diffrn_id                           1 
_refine.pdbx_TLS_residual_ADP_flag               ? 
_refine.pdbx_ls_sigma_I                          ? 
_refine.pdbx_data_cutoff_high_rms_absF           ? 
_refine.ls_R_factor_R_free_error_details         ? 
# 
_refine_hist.cycle_id                         final 
_refine_hist.pdbx_refine_id                   'X-RAY DIFFRACTION' 
_refine_hist.d_res_high                       1.1900 
_refine_hist.d_res_low                        55.6700 
_refine_hist.pdbx_number_atoms_ligand         19 
_refine_hist.number_atoms_solvent             202 
_refine_hist.number_atoms_total               1224 
_refine_hist.pdbx_number_residues_total       121 
_refine_hist.pdbx_B_iso_mean_ligand           19.18 
_refine_hist.pdbx_B_iso_mean_solvent          29.07 
_refine_hist.pdbx_number_atoms_protein        1003 
_refine_hist.pdbx_number_atoms_nucleic_acid   0 
# 
loop_
_refine_ls_restr.pdbx_refine_id 
_refine_ls_restr.type 
_refine_ls_restr.number 
_refine_ls_restr.dev_ideal 
_refine_ls_restr.dev_ideal_target 
_refine_ls_restr.weight 
_refine_ls_restr.pdbx_restraint_function 
'X-RAY DIFFRACTION' r_bond_refined_d       2791 0.009  0.015  ? ? 
'X-RAY DIFFRACTION' r_bond_other_d         1876 0.001  0.014  ? ? 
'X-RAY DIFFRACTION' r_angle_refined_deg    2846 1.663  1.676  ? ? 
'X-RAY DIFFRACTION' r_angle_other_deg      4387 1.425  1.583  ? ? 
'X-RAY DIFFRACTION' r_dihedral_angle_1_deg 264  6.600  5.000  ? ? 
'X-RAY DIFFRACTION' r_dihedral_angle_2_deg 119  23.121 20.252 ? ? 
'X-RAY DIFFRACTION' r_dihedral_angle_3_deg 344  14.514 15.000 ? ? 
'X-RAY DIFFRACTION' r_dihedral_angle_4_deg 18   15.910 15.000 ? ? 
'X-RAY DIFFRACTION' r_chiral_restr         262  0.088  0.200  ? ? 
'X-RAY DIFFRACTION' r_gen_planes_refined   2456 0.009  0.020  ? ? 
'X-RAY DIFFRACTION' r_gen_planes_other     507  0.002  0.020  ? ? 
'X-RAY DIFFRACTION' r_mcbond_it            1332 1.162  1.755  ? ? 
'X-RAY DIFFRACTION' r_mcbond_other         1273 1.187  1.681  ? ? 
'X-RAY DIFFRACTION' r_mcangle_it           1262 2.188  2.431  ? ? 
# 
_refine_ls_shell.d_res_high                       1.1900 
_refine_ls_shell.d_res_low                        1.2210 
_refine_ls_shell.pdbx_total_number_of_bins_used   20 
_refine_ls_shell.percent_reflns_obs               23.5000 
_refine_ls_shell.number_reflns_R_work             645 
_refine_ls_shell.R_factor_all                     ? 
_refine_ls_shell.R_factor_R_work                  0.3090 
_refine_ls_shell.R_factor_R_free                  0.4310 
_refine_ls_shell.percent_reflns_R_free            ? 
_refine_ls_shell.number_reflns_R_free             34 
_refine_ls_shell.R_factor_R_free_error            ? 
_refine_ls_shell.number_reflns_all                679 
_refine_ls_shell.number_reflns_obs                ? 
_refine_ls_shell.pdbx_refine_id                   'X-RAY DIFFRACTION' 
# 
_struct.entry_id                  7FUV 
_struct.title                     'PanDDA analysis group deposition -- PHIP in complex with Z183376720' 
_struct.pdbx_model_details        ? 
_struct.pdbx_CASP_flag            ? 
_struct.pdbx_model_type_details   ? 
# 
_struct_keywords.entry_id        7FUV 
_struct_keywords.text            
'False negatives, ligand features, rescreening, catalogue, fragment follow-ups, automated chemistry, SIGNALING PROTEIN' 
_struct_keywords.pdbx_keywords   'SIGNALING PROTEIN' 
# 
loop_
_struct_asym.id 
_struct_asym.pdbx_blank_PDB_chainid_flag 
_struct_asym.pdbx_modified 
_struct_asym.entity_id 
_struct_asym.details 
A N N 1 ? 
B N N 2 ? 
C N N 3 ? 
# 
_struct_ref.id                         1 
_struct_ref.db_name                    UNP 
_struct_ref.db_code                    PHIP_HUMAN 
_struct_ref.pdbx_db_accession          Q8WWQ0 
_struct_ref.pdbx_db_isoform            ? 
_struct_ref.entity_id                  1 
_struct_ref.pdbx_seq_one_letter_code   
;SYDIQAWKKQCEELLNLIFQCEDSEPFRQPVDLLEYPDYRDIIDTPMDFATVRETLEAGNYESPMELCKDVRLIFSNSKA
YTPSKRSRIYSMSLRLSAFFEEHISSVLSDYKSALRFHKRNTITKR
;
_struct_ref.pdbx_align_begin           1315 
# 
_struct_ref_seq.align_id                      1 
_struct_ref_seq.ref_id                        1 
_struct_ref_seq.pdbx_PDB_id_code              7FUV 
_struct_ref_seq.pdbx_strand_id                A 
_struct_ref_seq.seq_align_beg                 24 
_struct_ref_seq.pdbx_seq_align_beg_ins_code   ? 
_struct_ref_seq.seq_align_end                 149 
_struct_ref_seq.pdbx_seq_align_end_ins_code   ? 
_struct_ref_seq.pdbx_db_accession             Q8WWQ0 
_struct_ref_seq.db_align_beg                  1315 
_struct_ref_seq.pdbx_db_align_beg_ins_code    ? 
_struct_ref_seq.db_align_end                  1440 
_struct_ref_seq.pdbx_db_align_end_ins_code    ? 
_struct_ref_seq.pdbx_auth_seq_align_beg       1315 
_struct_ref_seq.pdbx_auth_seq_align_end       1440 
# 
loop_
_struct_ref_seq_dif.align_id 
_struct_ref_seq_dif.pdbx_pdb_id_code 
_struct_ref_seq_dif.mon_id 
_struct_ref_seq_dif.pdbx_pdb_strand_id 
_struct_ref_seq_dif.seq_num 
_struct_ref_seq_dif.pdbx_pdb_ins_code 
_struct_ref_seq_dif.pdbx_seq_db_name 
_struct_ref_seq_dif.pdbx_seq_db_accession_code 
_struct_ref_seq_dif.db_mon_id 
_struct_ref_seq_dif.pdbx_seq_db_seq_num 
_struct_ref_seq_dif.details 
_struct_ref_seq_dif.pdbx_auth_seq_num 
_struct_ref_seq_dif.pdbx_ordinal 
1 7FUV MET A 1  ? UNP Q8WWQ0 ? ? 'initiating methionine' 1292 1  
1 7FUV HIS A 2  ? UNP Q8WWQ0 ? ? 'expression tag'        1293 2  
1 7FUV HIS A 3  ? UNP Q8WWQ0 ? ? 'expression tag'        1294 3  
1 7FUV HIS A 4  ? UNP Q8WWQ0 ? ? 'expression tag'        1295 4  
1 7FUV HIS A 5  ? UNP Q8WWQ0 ? ? 'expression tag'        1296 5  
1 7FUV HIS A 6  ? UNP Q8WWQ0 ? ? 'expression tag'        1297 6  
1 7FUV HIS A 7  ? UNP Q8WWQ0 ? ? 'expression tag'        1298 7  
1 7FUV SER A 8  ? UNP Q8WWQ0 ? ? 'expression tag'        1299 8  
1 7FUV SER A 9  ? UNP Q8WWQ0 ? ? 'expression tag'        1300 9  
1 7FUV GLY A 10 ? UNP Q8WWQ0 ? ? 'expression tag'        1301 10 
1 7FUV VAL A 11 ? UNP Q8WWQ0 ? ? 'expression tag'        1302 11 
1 7FUV ASP A 12 ? UNP Q8WWQ0 ? ? 'expression tag'        1303 12 
1 7FUV LEU A 13 ? UNP Q8WWQ0 ? ? 'expression tag'        1304 13 
1 7FUV GLY A 14 ? UNP Q8WWQ0 ? ? 'expression tag'        1305 14 
1 7FUV THR A 15 ? UNP Q8WWQ0 ? ? 'expression tag'        1306 15 
1 7FUV GLU A 16 ? UNP Q8WWQ0 ? ? 'expression tag'        1307 16 
1 7FUV ASN A 17 ? UNP Q8WWQ0 ? ? 'expression tag'        1308 17 
1 7FUV LEU A 18 ? UNP Q8WWQ0 ? ? 'expression tag'        1309 18 
1 7FUV TYR A 19 ? UNP Q8WWQ0 ? ? 'expression tag'        1310 19 
1 7FUV PHE A 20 ? UNP Q8WWQ0 ? ? 'expression tag'        1311 20 
1 7FUV GLN A 21 ? UNP Q8WWQ0 ? ? 'expression tag'        1312 21 
1 7FUV SER A 22 ? UNP Q8WWQ0 ? ? 'expression tag'        1313 22 
1 7FUV MET A 23 ? UNP Q8WWQ0 ? ? 'expression tag'        1314 23 
# 
_pdbx_struct_assembly.id                   1 
_pdbx_struct_assembly.details              author_and_software_defined_assembly 
_pdbx_struct_assembly.method_details       PISA 
_pdbx_struct_assembly.oligomeric_details   monomeric 
_pdbx_struct_assembly.oligomeric_count     1 
# 
_pdbx_struct_assembly_gen.assembly_id       1 
_pdbx_struct_assembly_gen.oper_expression   1 
_pdbx_struct_assembly_gen.asym_id_list      A,B,C 
# 
_pdbx_struct_oper_list.id                   1 
_pdbx_struct_oper_list.type                 'identity operation' 
_pdbx_struct_oper_list.name                 1_555 
_pdbx_struct_oper_list.symmetry_operation   x,y,z 
_pdbx_struct_oper_list.matrix[1][1]         1.0000000000 
_pdbx_struct_oper_list.matrix[1][2]         0.0000000000 
_pdbx_struct_oper_list.matrix[1][3]         0.0000000000 
_pdbx_struct_oper_list.vector[1]            0.0000000000 
_pdbx_struct_oper_list.matrix[2][1]         0.0000000000 
_pdbx_struct_oper_list.matrix[2][2]         1.0000000000 
_pdbx_struct_oper_list.matrix[2][3]         0.0000000000 
_pdbx_struct_oper_list.vector[2]            0.0000000000 
_pdbx_struct_oper_list.matrix[3][1]         0.0000000000 
_pdbx_struct_oper_list.matrix[3][2]         0.0000000000 
_pdbx_struct_oper_list.matrix[3][3]         1.0000000000 
_pdbx_struct_oper_list.vector[3]            0.0000000000 
# 
loop_
_struct_conf.conf_type_id 
_struct_conf.id 
_struct_conf.pdbx_PDB_helix_id 
_struct_conf.beg_label_comp_id 
_struct_conf.beg_label_asym_id 
_struct_conf.beg_label_seq_id 
_struct_conf.pdbx_beg_PDB_ins_code 
_struct_conf.end_label_comp_id 
_struct_conf.end_label_asym_id 
_struct_conf.end_label_seq_id 
_struct_conf.pdbx_end_PDB_ins_code 
_struct_conf.beg_auth_comp_id 
_struct_conf.beg_auth_asym_id 
_struct_conf.beg_auth_seq_id 
_struct_conf.end_auth_comp_id 
_struct_conf.end_auth_asym_id 
_struct_conf.end_auth_seq_id 
_struct_conf.pdbx_PDB_helix_class 
_struct_conf.details 
_struct_conf.pdbx_PDB_helix_length 
HELX_P HELX_P1 AA1 ALA A 29  ? CYS A 44  ? ALA A 1320 CYS A 1335 1 ? 16 
HELX_P HELX_P2 AA2 GLU A 45  ? ARG A 51  ? GLU A 1336 ARG A 1342 5 ? 7  
HELX_P HELX_P3 AA3 ASP A 61  ? ILE A 66  ? ASP A 1352 ILE A 1357 1 ? 6  
HELX_P HELX_P4 AA4 ASP A 71  ? ALA A 81  ? ASP A 1362 ALA A 1372 1 ? 11 
HELX_P HELX_P5 AA5 SER A 86  ? THR A 105 ? SER A 1377 THR A 1396 1 ? 20 
HELX_P HELX_P6 AA6 SER A 110 ? LYS A 142 ? SER A 1401 LYS A 1433 1 ? 33 
# 
_struct_conf_type.id          HELX_P 
_struct_conf_type.criteria    ? 
_struct_conf_type.reference   ? 
# 
_pdbx_validate_close_contact.id               1 
_pdbx_validate_close_contact.PDB_model_num    1 
_pdbx_validate_close_contact.auth_atom_id_1   O 
_pdbx_validate_close_contact.auth_asym_id_1   A 
_pdbx_validate_close_contact.auth_comp_id_1   HOH 
_pdbx_validate_close_contact.auth_seq_id_1    2053 
_pdbx_validate_close_contact.PDB_ins_code_1   ? 
_pdbx_validate_close_contact.label_alt_id_1   ? 
_pdbx_validate_close_contact.auth_atom_id_2   O 
_pdbx_validate_close_contact.auth_asym_id_2   A 
_pdbx_validate_close_contact.auth_comp_id_2   HOH 
_pdbx_validate_close_contact.auth_seq_id_2    2082 
_pdbx_validate_close_contact.PDB_ins_code_2   ? 
_pdbx_validate_close_contact.label_alt_id_2   ? 
_pdbx_validate_close_contact.dist             1.90 
# 
_pdbx_validate_symm_contact.id                1 
_pdbx_validate_symm_contact.PDB_model_num     1 
_pdbx_validate_symm_contact.auth_atom_id_1    O 
_pdbx_validate_symm_contact.auth_asym_id_1    A 
_pdbx_validate_symm_contact.auth_comp_id_1    HOH 
_pdbx_validate_symm_contact.auth_seq_id_1     2161 
_pdbx_validate_symm_contact.PDB_ins_code_1    ? 
_pdbx_validate_symm_contact.label_alt_id_1    ? 
_pdbx_validate_symm_contact.site_symmetry_1   1_555 
_pdbx_validate_symm_contact.auth_atom_id_2    O 
_pdbx_validate_symm_contact.auth_asym_id_2    A 
_pdbx_validate_symm_contact.auth_comp_id_2    HOH 
_pdbx_validate_symm_contact.auth_seq_id_2     2178 
_pdbx_validate_symm_contact.PDB_ins_code_2    ? 
_pdbx_validate_symm_contact.label_alt_id_2    ? 
_pdbx_validate_symm_contact.site_symmetry_2   4_445 
_pdbx_validate_symm_contact.dist              2.04 
# 
loop_
_pdbx_struct_special_symmetry.id 
_pdbx_struct_special_symmetry.PDB_model_num 
_pdbx_struct_special_symmetry.auth_asym_id 
_pdbx_struct_special_symmetry.auth_comp_id 
_pdbx_struct_special_symmetry.auth_seq_id 
_pdbx_struct_special_symmetry.PDB_ins_code 
_pdbx_struct_special_symmetry.label_asym_id 
_pdbx_struct_special_symmetry.label_comp_id 
_pdbx_struct_special_symmetry.label_seq_id 
1 1 A HOH 2125 ? C HOH . 
2 1 A HOH 2194 ? C HOH . 
# 
_phasing.method   MR 
# 
_pdbx_entry_details.entry_id                 7FUV 
_pdbx_entry_details.compound_details         ? 
_pdbx_entry_details.source_details           ? 
_pdbx_entry_details.nonpolymer_details       ? 
_pdbx_entry_details.sequence_details         ? 
_pdbx_entry_details.has_ligand_of_interest   Y 
# 
loop_
_pdbx_unobs_or_zero_occ_residues.id 
_pdbx_unobs_or_zero_occ_residues.PDB_model_num 
_pdbx_unobs_or_zero_occ_residues.polymer_flag 
_pdbx_unobs_or_zero_occ_residues.occupancy_flag 
_pdbx_unobs_or_zero_occ_residues.auth_asym_id 
_pdbx_unobs_or_zero_occ_residues.auth_comp_id 
_pdbx_unobs_or_zero_occ_residues.auth_seq_id 
_pdbx_unobs_or_zero_occ_residues.PDB_ins_code 
_pdbx_unobs_or_zero_occ_residues.label_asym_id 
_pdbx_unobs_or_zero_occ_residues.label_comp_id 
_pdbx_unobs_or_zero_occ_residues.label_seq_id 
1  1 Y 1 A MET 1292 ? A MET 1   
2  1 Y 1 A HIS 1293 ? A HIS 2   
3  1 Y 1 A HIS 1294 ? A HIS 3   
4  1 Y 1 A HIS 1295 ? A HIS 4   
5  1 Y 1 A HIS 1296 ? A HIS 5   
6  1 Y 1 A HIS 1297 ? A HIS 6   
7  1 Y 1 A HIS 1298 ? A HIS 7   
8  1 Y 1 A SER 1299 ? A SER 8   
9  1 Y 1 A SER 1300 ? A SER 9   
10 1 Y 1 A GLY 1301 ? A GLY 10  
11 1 Y 1 A VAL 1302 ? A VAL 11  
12 1 Y 1 A ASP 1303 ? A ASP 12  
13 1 Y 1 A LEU 1304 ? A LEU 13  
14 1 Y 1 A GLY 1305 ? A GLY 14  
15 1 Y 1 A THR 1306 ? A THR 15  
16 1 Y 1 A GLU 1307 ? A GLU 16  
17 1 Y 1 A ASN 1308 ? A ASN 17  
18 1 Y 1 A LEU 1309 ? A LEU 18  
19 1 Y 1 A TYR 1310 ? A TYR 19  
20 1 Y 1 A PHE 1311 ? A PHE 20  
21 1 Y 1 A GLN 1312 ? A GLN 21  
22 1 Y 1 A SER 1313 ? A SER 22  
23 1 Y 1 A MET 1314 ? A MET 23  
24 1 Y 1 A THR 1436 ? A THR 145 
25 1 Y 1 A ILE 1437 ? A ILE 146 
26 1 Y 1 A THR 1438 ? A THR 147 
27 1 Y 1 A LYS 1439 ? A LYS 148 
28 1 Y 1 A ARG 1440 ? A ARG 149 
# 
loop_
_chem_comp_atom.comp_id 
_chem_comp_atom.atom_id 
_chem_comp_atom.type_symbol 
_chem_comp_atom.pdbx_aromatic_flag 
_chem_comp_atom.pdbx_stereo_config 
_chem_comp_atom.pdbx_ordinal 
ALA N    N N N 1   
ALA CA   C N S 2   
ALA C    C N N 3   
ALA O    O N N 4   
ALA CB   C N N 5   
ALA OXT  O N N 6   
ALA H    H N N 7   
ALA H2   H N N 8   
ALA HA   H N N 9   
ALA HB1  H N N 10  
ALA HB2  H N N 11  
ALA HB3  H N N 12  
ALA HXT  H N N 13  
ARG N    N N N 14  
ARG CA   C N S 15  
ARG C    C N N 16  
ARG O    O N N 17  
ARG CB   C N N 18  
ARG CG   C N N 19  
ARG CD   C N N 20  
ARG NE   N N N 21  
ARG CZ   C N N 22  
ARG NH1  N N N 23  
ARG NH2  N N N 24  
ARG OXT  O N N 25  
ARG H    H N N 26  
ARG H2   H N N 27  
ARG HA   H N N 28  
ARG HB2  H N N 29  
ARG HB3  H N N 30  
ARG HG2  H N N 31  
ARG HG3  H N N 32  
ARG HD2  H N N 33  
ARG HD3  H N N 34  
ARG HE   H N N 35  
ARG HH11 H N N 36  
ARG HH12 H N N 37  
ARG HH21 H N N 38  
ARG HH22 H N N 39  
ARG HXT  H N N 40  
ASN N    N N N 41  
ASN CA   C N S 42  
ASN C    C N N 43  
ASN O    O N N 44  
ASN CB   C N N 45  
ASN CG   C N N 46  
ASN OD1  O N N 47  
ASN ND2  N N N 48  
ASN OXT  O N N 49  
ASN H    H N N 50  
ASN H2   H N N 51  
ASN HA   H N N 52  
ASN HB2  H N N 53  
ASN HB3  H N N 54  
ASN HD21 H N N 55  
ASN HD22 H N N 56  
ASN HXT  H N N 57  
ASP N    N N N 58  
ASP CA   C N S 59  
ASP C    C N N 60  
ASP O    O N N 61  
ASP CB   C N N 62  
ASP CG   C N N 63  
ASP OD1  O N N 64  
ASP OD2  O N N 65  
ASP OXT  O N N 66  
ASP H    H N N 67  
ASP H2   H N N 68  
ASP HA   H N N 69  
ASP HB2  H N N 70  
ASP HB3  H N N 71  
ASP HD2  H N N 72  
ASP HXT  H N N 73  
CYS N    N N N 74  
CYS CA   C N R 75  
CYS C    C N N 76  
CYS O    O N N 77  
CYS CB   C N N 78  
CYS SG   S N N 79  
CYS OXT  O N N 80  
CYS H    H N N 81  
CYS H2   H N N 82  
CYS HA   H N N 83  
CYS HB2  H N N 84  
CYS HB3  H N N 85  
CYS HG   H N N 86  
CYS HXT  H N N 87  
GLN N    N N N 88  
GLN CA   C N S 89  
GLN C    C N N 90  
GLN O    O N N 91  
GLN CB   C N N 92  
GLN CG   C N N 93  
GLN CD   C N N 94  
GLN OE1  O N N 95  
GLN NE2  N N N 96  
GLN OXT  O N N 97  
GLN H    H N N 98  
GLN H2   H N N 99  
GLN HA   H N N 100 
GLN HB2  H N N 101 
GLN HB3  H N N 102 
GLN HG2  H N N 103 
GLN HG3  H N N 104 
GLN HE21 H N N 105 
GLN HE22 H N N 106 
GLN HXT  H N N 107 
GLU N    N N N 108 
GLU CA   C N S 109 
GLU C    C N N 110 
GLU O    O N N 111 
GLU CB   C N N 112 
GLU CG   C N N 113 
GLU CD   C N N 114 
GLU OE1  O N N 115 
GLU OE2  O N N 116 
GLU OXT  O N N 117 
GLU H    H N N 118 
GLU H2   H N N 119 
GLU HA   H N N 120 
GLU HB2  H N N 121 
GLU HB3  H N N 122 
GLU HG2  H N N 123 
GLU HG3  H N N 124 
GLU HE2  H N N 125 
GLU HXT  H N N 126 
GLY N    N N N 127 
GLY CA   C N N 128 
GLY C    C N N 129 
GLY O    O N N 130 
GLY OXT  O N N 131 
GLY H    H N N 132 
GLY H2   H N N 133 
GLY HA2  H N N 134 
GLY HA3  H N N 135 
GLY HXT  H N N 136 
HIS N    N N N 137 
HIS CA   C N S 138 
HIS C    C N N 139 
HIS O    O N N 140 
HIS CB   C N N 141 
HIS CG   C Y N 142 
HIS ND1  N Y N 143 
HIS CD2  C Y N 144 
HIS CE1  C Y N 145 
HIS NE2  N Y N 146 
HIS OXT  O N N 147 
HIS H    H N N 148 
HIS H2   H N N 149 
HIS HA   H N N 150 
HIS HB2  H N N 151 
HIS HB3  H N N 152 
HIS HD1  H N N 153 
HIS HD2  H N N 154 
HIS HE1  H N N 155 
HIS HE2  H N N 156 
HIS HXT  H N N 157 
HOH O    O N N 158 
HOH H1   H N N 159 
HOH H2   H N N 160 
ILE N    N N N 161 
ILE CA   C N S 162 
ILE C    C N N 163 
ILE O    O N N 164 
ILE CB   C N S 165 
ILE CG1  C N N 166 
ILE CG2  C N N 167 
ILE CD1  C N N 168 
ILE OXT  O N N 169 
ILE H    H N N 170 
ILE H2   H N N 171 
ILE HA   H N N 172 
ILE HB   H N N 173 
ILE HG12 H N N 174 
ILE HG13 H N N 175 
ILE HG21 H N N 176 
ILE HG22 H N N 177 
ILE HG23 H N N 178 
ILE HD11 H N N 179 
ILE HD12 H N N 180 
ILE HD13 H N N 181 
ILE HXT  H N N 182 
LEU N    N N N 183 
LEU CA   C N S 184 
LEU C    C N N 185 
LEU O    O N N 186 
LEU CB   C N N 187 
LEU CG   C N N 188 
LEU CD1  C N N 189 
LEU CD2  C N N 190 
LEU OXT  O N N 191 
LEU H    H N N 192 
LEU H2   H N N 193 
LEU HA   H N N 194 
LEU HB2  H N N 195 
LEU HB3  H N N 196 
LEU HG   H N N 197 
LEU HD11 H N N 198 
LEU HD12 H N N 199 
LEU HD13 H N N 200 
LEU HD21 H N N 201 
LEU HD22 H N N 202 
LEU HD23 H N N 203 
LEU HXT  H N N 204 
LYS N    N N N 205 
LYS CA   C N S 206 
LYS C    C N N 207 
LYS O    O N N 208 
LYS CB   C N N 209 
LYS CG   C N N 210 
LYS CD   C N N 211 
LYS CE   C N N 212 
LYS NZ   N N N 213 
LYS OXT  O N N 214 
LYS H    H N N 215 
LYS H2   H N N 216 
LYS HA   H N N 217 
LYS HB2  H N N 218 
LYS HB3  H N N 219 
LYS HG2  H N N 220 
LYS HG3  H N N 221 
LYS HD2  H N N 222 
LYS HD3  H N N 223 
LYS HE2  H N N 224 
LYS HE3  H N N 225 
LYS HZ1  H N N 226 
LYS HZ2  H N N 227 
LYS HZ3  H N N 228 
LYS HXT  H N N 229 
MET N    N N N 230 
MET CA   C N S 231 
MET C    C N N 232 
MET O    O N N 233 
MET CB   C N N 234 
MET CG   C N N 235 
MET SD   S N N 236 
MET CE   C N N 237 
MET OXT  O N N 238 
MET H    H N N 239 
MET H2   H N N 240 
MET HA   H N N 241 
MET HB2  H N N 242 
MET HB3  H N N 243 
MET HG2  H N N 244 
MET HG3  H N N 245 
MET HE1  H N N 246 
MET HE2  H N N 247 
MET HE3  H N N 248 
MET HXT  H N N 249 
PHE N    N N N 250 
PHE CA   C N S 251 
PHE C    C N N 252 
PHE O    O N N 253 
PHE CB   C N N 254 
PHE CG   C Y N 255 
PHE CD1  C Y N 256 
PHE CD2  C Y N 257 
PHE CE1  C Y N 258 
PHE CE2  C Y N 259 
PHE CZ   C Y N 260 
PHE OXT  O N N 261 
PHE H    H N N 262 
PHE H2   H N N 263 
PHE HA   H N N 264 
PHE HB2  H N N 265 
PHE HB3  H N N 266 
PHE HD1  H N N 267 
PHE HD2  H N N 268 
PHE HE1  H N N 269 
PHE HE2  H N N 270 
PHE HZ   H N N 271 
PHE HXT  H N N 272 
PRO N    N N N 273 
PRO CA   C N S 274 
PRO C    C N N 275 
PRO O    O N N 276 
PRO CB   C N N 277 
PRO CG   C N N 278 
PRO CD   C N N 279 
PRO OXT  O N N 280 
PRO H    H N N 281 
PRO HA   H N N 282 
PRO HB2  H N N 283 
PRO HB3  H N N 284 
PRO HG2  H N N 285 
PRO HG3  H N N 286 
PRO HD2  H N N 287 
PRO HD3  H N N 288 
PRO HXT  H N N 289 
SER N    N N N 290 
SER CA   C N S 291 
SER C    C N N 292 
SER O    O N N 293 
SER CB   C N N 294 
SER OG   O N N 295 
SER OXT  O N N 296 
SER H    H N N 297 
SER H2   H N N 298 
SER HA   H N N 299 
SER HB2  H N N 300 
SER HB3  H N N 301 
SER HG   H N N 302 
SER HXT  H N N 303 
THR N    N N N 304 
THR CA   C N S 305 
THR C    C N N 306 
THR O    O N N 307 
THR CB   C N R 308 
THR OG1  O N N 309 
THR CG2  C N N 310 
THR OXT  O N N 311 
THR H    H N N 312 
THR H2   H N N 313 
THR HA   H N N 314 
THR HB   H N N 315 
THR HG1  H N N 316 
THR HG21 H N N 317 
THR HG22 H N N 318 
THR HG23 H N N 319 
THR HXT  H N N 320 
TRP N    N N N 321 
TRP CA   C N S 322 
TRP C    C N N 323 
TRP O    O N N 324 
TRP CB   C N N 325 
TRP CG   C Y N 326 
TRP CD1  C Y N 327 
TRP CD2  C Y N 328 
TRP NE1  N Y N 329 
TRP CE2  C Y N 330 
TRP CE3  C Y N 331 
TRP CZ2  C Y N 332 
TRP CZ3  C Y N 333 
TRP CH2  C Y N 334 
TRP OXT  O N N 335 
TRP H    H N N 336 
TRP H2   H N N 337 
TRP HA   H N N 338 
TRP HB2  H N N 339 
TRP HB3  H N N 340 
TRP HD1  H N N 341 
TRP HE1  H N N 342 
TRP HE3  H N N 343 
TRP HZ2  H N N 344 
TRP HZ3  H N N 345 
TRP HH2  H N N 346 
TRP HXT  H N N 347 
TYR N    N N N 348 
TYR CA   C N S 349 
TYR C    C N N 350 
TYR O    O N N 351 
TYR CB   C N N 352 
TYR CG   C Y N 353 
TYR CD1  C Y N 354 
TYR CD2  C Y N 355 
TYR CE1  C Y N 356 
TYR CE2  C Y N 357 
TYR CZ   C Y N 358 
TYR OH   O N N 359 
TYR OXT  O N N 360 
TYR H    H N N 361 
TYR H2   H N N 362 
TYR HA   H N N 363 
TYR HB2  H N N 364 
TYR HB3  H N N 365 
TYR HD1  H N N 366 
TYR HD2  H N N 367 
TYR HE1  H N N 368 
TYR HE2  H N N 369 
TYR HH   H N N 370 
TYR HXT  H N N 371 
VAL N    N N N 372 
VAL CA   C N S 373 
VAL C    C N N 374 
VAL O    O N N 375 
VAL CB   C N N 376 
VAL CG1  C N N 377 
VAL CG2  C N N 378 
VAL OXT  O N N 379 
VAL H    H N N 380 
VAL H2   H N N 381 
VAL HA   H N N 382 
VAL HB   H N N 383 
VAL HG11 H N N 384 
VAL HG12 H N N 385 
VAL HG13 H N N 386 
VAL HG21 H N N 387 
VAL HG22 H N N 388 
VAL HG23 H N N 389 
VAL HXT  H N N 390 
ZJI N1   N N N 391 
ZJI N3   N N N 392 
ZJI C4   C N N 393 
ZJI C5   C N N 394 
ZJI C6   C N N 395 
ZJI C7   C N N 396 
ZJI C8   C N N 397 
ZJI C10  C Y N 398 
ZJI C13  C Y N 399 
ZJI C1   C N N 400 
ZJI C11  C Y N 401 
ZJI C12  C Y N 402 
ZJI C2   C N N 403 
ZJI C3   C N N 404 
ZJI C9   C N N 405 
ZJI N2   N N N 406 
ZJI O1   O N N 407 
ZJI O2   O N N 408 
ZJI O3   O Y N 409 
ZJI H1   H N N 410 
ZJI H6   H N N 411 
ZJI H5   H N N 412 
ZJI H7   H N N 413 
ZJI H8   H N N 414 
ZJI H10  H N N 415 
ZJI H9   H N N 416 
ZJI H11  H N N 417 
ZJI H12  H N N 418 
ZJI H14  H N N 419 
ZJI H13  H N N 420 
ZJI H17  H N N 421 
ZJI H15  H N N 422 
ZJI H16  H N N 423 
ZJI H2   H N N 424 
ZJI H4   H N N 425 
ZJI H3   H N N 426 
# 
loop_
_chem_comp_bond.comp_id 
_chem_comp_bond.atom_id_1 
_chem_comp_bond.atom_id_2 
_chem_comp_bond.value_order 
_chem_comp_bond.pdbx_aromatic_flag 
_chem_comp_bond.pdbx_stereo_config 
_chem_comp_bond.pdbx_ordinal 
ALA N   CA   sing N N 1   
ALA N   H    sing N N 2   
ALA N   H2   sing N N 3   
ALA CA  C    sing N N 4   
ALA CA  CB   sing N N 5   
ALA CA  HA   sing N N 6   
ALA C   O    doub N N 7   
ALA C   OXT  sing N N 8   
ALA CB  HB1  sing N N 9   
ALA CB  HB2  sing N N 10  
ALA CB  HB3  sing N N 11  
ALA OXT HXT  sing N N 12  
ARG N   CA   sing N N 13  
ARG N   H    sing N N 14  
ARG N   H2   sing N N 15  
ARG CA  C    sing N N 16  
ARG CA  CB   sing N N 17  
ARG CA  HA   sing N N 18  
ARG C   O    doub N N 19  
ARG C   OXT  sing N N 20  
ARG CB  CG   sing N N 21  
ARG CB  HB2  sing N N 22  
ARG CB  HB3  sing N N 23  
ARG CG  CD   sing N N 24  
ARG CG  HG2  sing N N 25  
ARG CG  HG3  sing N N 26  
ARG CD  NE   sing N N 27  
ARG CD  HD2  sing N N 28  
ARG CD  HD3  sing N N 29  
ARG NE  CZ   sing N N 30  
ARG NE  HE   sing N N 31  
ARG CZ  NH1  sing N N 32  
ARG CZ  NH2  doub N N 33  
ARG NH1 HH11 sing N N 34  
ARG NH1 HH12 sing N N 35  
ARG NH2 HH21 sing N N 36  
ARG NH2 HH22 sing N N 37  
ARG OXT HXT  sing N N 38  
ASN N   CA   sing N N 39  
ASN N   H    sing N N 40  
ASN N   H2   sing N N 41  
ASN CA  C    sing N N 42  
ASN CA  CB   sing N N 43  
ASN CA  HA   sing N N 44  
ASN C   O    doub N N 45  
ASN C   OXT  sing N N 46  
ASN CB  CG   sing N N 47  
ASN CB  HB2  sing N N 48  
ASN CB  HB3  sing N N 49  
ASN CG  OD1  doub N N 50  
ASN CG  ND2  sing N N 51  
ASN ND2 HD21 sing N N 52  
ASN ND2 HD22 sing N N 53  
ASN OXT HXT  sing N N 54  
ASP N   CA   sing N N 55  
ASP N   H    sing N N 56  
ASP N   H2   sing N N 57  
ASP CA  C    sing N N 58  
ASP CA  CB   sing N N 59  
ASP CA  HA   sing N N 60  
ASP C   O    doub N N 61  
ASP C   OXT  sing N N 62  
ASP CB  CG   sing N N 63  
ASP CB  HB2  sing N N 64  
ASP CB  HB3  sing N N 65  
ASP CG  OD1  doub N N 66  
ASP CG  OD2  sing N N 67  
ASP OD2 HD2  sing N N 68  
ASP OXT HXT  sing N N 69  
CYS N   CA   sing N N 70  
CYS N   H    sing N N 71  
CYS N   H2   sing N N 72  
CYS CA  C    sing N N 73  
CYS CA  CB   sing N N 74  
CYS CA  HA   sing N N 75  
CYS C   O    doub N N 76  
CYS C   OXT  sing N N 77  
CYS CB  SG   sing N N 78  
CYS CB  HB2  sing N N 79  
CYS CB  HB3  sing N N 80  
CYS SG  HG   sing N N 81  
CYS OXT HXT  sing N N 82  
GLN N   CA   sing N N 83  
GLN N   H    sing N N 84  
GLN N   H2   sing N N 85  
GLN CA  C    sing N N 86  
GLN CA  CB   sing N N 87  
GLN CA  HA   sing N N 88  
GLN C   O    doub N N 89  
GLN C   OXT  sing N N 90  
GLN CB  CG   sing N N 91  
GLN CB  HB2  sing N N 92  
GLN CB  HB3  sing N N 93  
GLN CG  CD   sing N N 94  
GLN CG  HG2  sing N N 95  
GLN CG  HG3  sing N N 96  
GLN CD  OE1  doub N N 97  
GLN CD  NE2  sing N N 98  
GLN NE2 HE21 sing N N 99  
GLN NE2 HE22 sing N N 100 
GLN OXT HXT  sing N N 101 
GLU N   CA   sing N N 102 
GLU N   H    sing N N 103 
GLU N   H2   sing N N 104 
GLU CA  C    sing N N 105 
GLU CA  CB   sing N N 106 
GLU CA  HA   sing N N 107 
GLU C   O    doub N N 108 
GLU C   OXT  sing N N 109 
GLU CB  CG   sing N N 110 
GLU CB  HB2  sing N N 111 
GLU CB  HB3  sing N N 112 
GLU CG  CD   sing N N 113 
GLU CG  HG2  sing N N 114 
GLU CG  HG3  sing N N 115 
GLU CD  OE1  doub N N 116 
GLU CD  OE2  sing N N 117 
GLU OE2 HE2  sing N N 118 
GLU OXT HXT  sing N N 119 
GLY N   CA   sing N N 120 
GLY N   H    sing N N 121 
GLY N   H2   sing N N 122 
GLY CA  C    sing N N 123 
GLY CA  HA2  sing N N 124 
GLY CA  HA3  sing N N 125 
GLY C   O    doub N N 126 
GLY C   OXT  sing N N 127 
GLY OXT HXT  sing N N 128 
HIS N   CA   sing N N 129 
HIS N   H    sing N N 130 
HIS N   H2   sing N N 131 
HIS CA  C    sing N N 132 
HIS CA  CB   sing N N 133 
HIS CA  HA   sing N N 134 
HIS C   O    doub N N 135 
HIS C   OXT  sing N N 136 
HIS CB  CG   sing N N 137 
HIS CB  HB2  sing N N 138 
HIS CB  HB3  sing N N 139 
HIS CG  ND1  sing Y N 140 
HIS CG  CD2  doub Y N 141 
HIS ND1 CE1  doub Y N 142 
HIS ND1 HD1  sing N N 143 
HIS CD2 NE2  sing Y N 144 
HIS CD2 HD2  sing N N 145 
HIS CE1 NE2  sing Y N 146 
HIS CE1 HE1  sing N N 147 
HIS NE2 HE2  sing N N 148 
HIS OXT HXT  sing N N 149 
HOH O   H1   sing N N 150 
HOH O   H2   sing N N 151 
ILE N   CA   sing N N 152 
ILE N   H    sing N N 153 
ILE N   H2   sing N N 154 
ILE CA  C    sing N N 155 
ILE CA  CB   sing N N 156 
ILE CA  HA   sing N N 157 
ILE C   O    doub N N 158 
ILE C   OXT  sing N N 159 
ILE CB  CG1  sing N N 160 
ILE CB  CG2  sing N N 161 
ILE CB  HB   sing N N 162 
ILE CG1 CD1  sing N N 163 
ILE CG1 HG12 sing N N 164 
ILE CG1 HG13 sing N N 165 
ILE CG2 HG21 sing N N 166 
ILE CG2 HG22 sing N N 167 
ILE CG2 HG23 sing N N 168 
ILE CD1 HD11 sing N N 169 
ILE CD1 HD12 sing N N 170 
ILE CD1 HD13 sing N N 171 
ILE OXT HXT  sing N N 172 
LEU N   CA   sing N N 173 
LEU N   H    sing N N 174 
LEU N   H2   sing N N 175 
LEU CA  C    sing N N 176 
LEU CA  CB   sing N N 177 
LEU CA  HA   sing N N 178 
LEU C   O    doub N N 179 
LEU C   OXT  sing N N 180 
LEU CB  CG   sing N N 181 
LEU CB  HB2  sing N N 182 
LEU CB  HB3  sing N N 183 
LEU CG  CD1  sing N N 184 
LEU CG  CD2  sing N N 185 
LEU CG  HG   sing N N 186 
LEU CD1 HD11 sing N N 187 
LEU CD1 HD12 sing N N 188 
LEU CD1 HD13 sing N N 189 
LEU CD2 HD21 sing N N 190 
LEU CD2 HD22 sing N N 191 
LEU CD2 HD23 sing N N 192 
LEU OXT HXT  sing N N 193 
LYS N   CA   sing N N 194 
LYS N   H    sing N N 195 
LYS N   H2   sing N N 196 
LYS CA  C    sing N N 197 
LYS CA  CB   sing N N 198 
LYS CA  HA   sing N N 199 
LYS C   O    doub N N 200 
LYS C   OXT  sing N N 201 
LYS CB  CG   sing N N 202 
LYS CB  HB2  sing N N 203 
LYS CB  HB3  sing N N 204 
LYS CG  CD   sing N N 205 
LYS CG  HG2  sing N N 206 
LYS CG  HG3  sing N N 207 
LYS CD  CE   sing N N 208 
LYS CD  HD2  sing N N 209 
LYS CD  HD3  sing N N 210 
LYS CE  NZ   sing N N 211 
LYS CE  HE2  sing N N 212 
LYS CE  HE3  sing N N 213 
LYS NZ  HZ1  sing N N 214 
LYS NZ  HZ2  sing N N 215 
LYS NZ  HZ3  sing N N 216 
LYS OXT HXT  sing N N 217 
MET N   CA   sing N N 218 
MET N   H    sing N N 219 
MET N   H2   sing N N 220 
MET CA  C    sing N N 221 
MET CA  CB   sing N N 222 
MET CA  HA   sing N N 223 
MET C   O    doub N N 224 
MET C   OXT  sing N N 225 
MET CB  CG   sing N N 226 
MET CB  HB2  sing N N 227 
MET CB  HB3  sing N N 228 
MET CG  SD   sing N N 229 
MET CG  HG2  sing N N 230 
MET CG  HG3  sing N N 231 
MET SD  CE   sing N N 232 
MET CE  HE1  sing N N 233 
MET CE  HE2  sing N N 234 
MET CE  HE3  sing N N 235 
MET OXT HXT  sing N N 236 
PHE N   CA   sing N N 237 
PHE N   H    sing N N 238 
PHE N   H2   sing N N 239 
PHE CA  C    sing N N 240 
PHE CA  CB   sing N N 241 
PHE CA  HA   sing N N 242 
PHE C   O    doub N N 243 
PHE C   OXT  sing N N 244 
PHE CB  CG   sing N N 245 
PHE CB  HB2  sing N N 246 
PHE CB  HB3  sing N N 247 
PHE CG  CD1  doub Y N 248 
PHE CG  CD2  sing Y N 249 
PHE CD1 CE1  sing Y N 250 
PHE CD1 HD1  sing N N 251 
PHE CD2 CE2  doub Y N 252 
PHE CD2 HD2  sing N N 253 
PHE CE1 CZ   doub Y N 254 
PHE CE1 HE1  sing N N 255 
PHE CE2 CZ   sing Y N 256 
PHE CE2 HE2  sing N N 257 
PHE CZ  HZ   sing N N 258 
PHE OXT HXT  sing N N 259 
PRO N   CA   sing N N 260 
PRO N   CD   sing N N 261 
PRO N   H    sing N N 262 
PRO CA  C    sing N N 263 
PRO CA  CB   sing N N 264 
PRO CA  HA   sing N N 265 
PRO C   O    doub N N 266 
PRO C   OXT  sing N N 267 
PRO CB  CG   sing N N 268 
PRO CB  HB2  sing N N 269 
PRO CB  HB3  sing N N 270 
PRO CG  CD   sing N N 271 
PRO CG  HG2  sing N N 272 
PRO CG  HG3  sing N N 273 
PRO CD  HD2  sing N N 274 
PRO CD  HD3  sing N N 275 
PRO OXT HXT  sing N N 276 
SER N   CA   sing N N 277 
SER N   H    sing N N 278 
SER N   H2   sing N N 279 
SER CA  C    sing N N 280 
SER CA  CB   sing N N 281 
SER CA  HA   sing N N 282 
SER C   O    doub N N 283 
SER C   OXT  sing N N 284 
SER CB  OG   sing N N 285 
SER CB  HB2  sing N N 286 
SER CB  HB3  sing N N 287 
SER OG  HG   sing N N 288 
SER OXT HXT  sing N N 289 
THR N   CA   sing N N 290 
THR N   H    sing N N 291 
THR N   H2   sing N N 292 
THR CA  C    sing N N 293 
THR CA  CB   sing N N 294 
THR CA  HA   sing N N 295 
THR C   O    doub N N 296 
THR C   OXT  sing N N 297 
THR CB  OG1  sing N N 298 
THR CB  CG2  sing N N 299 
THR CB  HB   sing N N 300 
THR OG1 HG1  sing N N 301 
THR CG2 HG21 sing N N 302 
THR CG2 HG22 sing N N 303 
THR CG2 HG23 sing N N 304 
THR OXT HXT  sing N N 305 
TRP N   CA   sing N N 306 
TRP N   H    sing N N 307 
TRP N   H2   sing N N 308 
TRP CA  C    sing N N 309 
TRP CA  CB   sing N N 310 
TRP CA  HA   sing N N 311 
TRP C   O    doub N N 312 
TRP C   OXT  sing N N 313 
TRP CB  CG   sing N N 314 
TRP CB  HB2  sing N N 315 
TRP CB  HB3  sing N N 316 
TRP CG  CD1  doub Y N 317 
TRP CG  CD2  sing Y N 318 
TRP CD1 NE1  sing Y N 319 
TRP CD1 HD1  sing N N 320 
TRP CD2 CE2  doub Y N 321 
TRP CD2 CE3  sing Y N 322 
TRP NE1 CE2  sing Y N 323 
TRP NE1 HE1  sing N N 324 
TRP CE2 CZ2  sing Y N 325 
TRP CE3 CZ3  doub Y N 326 
TRP CE3 HE3  sing N N 327 
TRP CZ2 CH2  doub Y N 328 
TRP CZ2 HZ2  sing N N 329 
TRP CZ3 CH2  sing Y N 330 
TRP CZ3 HZ3  sing N N 331 
TRP CH2 HH2  sing N N 332 
TRP OXT HXT  sing N N 333 
TYR N   CA   sing N N 334 
TYR N   H    sing N N 335 
TYR N   H2   sing N N 336 
TYR CA  C    sing N N 337 
TYR CA  CB   sing N N 338 
TYR CA  HA   sing N N 339 
TYR C   O    doub N N 340 
TYR C   OXT  sing N N 341 
TYR CB  CG   sing N N 342 
TYR CB  HB2  sing N N 343 
TYR CB  HB3  sing N N 344 
TYR CG  CD1  doub Y N 345 
TYR CG  CD2  sing Y N 346 
TYR CD1 CE1  sing Y N 347 
TYR CD1 HD1  sing N N 348 
TYR CD2 CE2  doub Y N 349 
TYR CD2 HD2  sing N N 350 
TYR CE1 CZ   doub Y N 351 
TYR CE1 HE1  sing N N 352 
TYR CE2 CZ   sing Y N 353 
TYR CE2 HE2  sing N N 354 
TYR CZ  OH   sing N N 355 
TYR OH  HH   sing N N 356 
TYR OXT HXT  sing N N 357 
VAL N   CA   sing N N 358 
VAL N   H    sing N N 359 
VAL N   H2   sing N N 360 
VAL CA  C    sing N N 361 
VAL CA  CB   sing N N 362 
VAL CA  HA   sing N N 363 
VAL C   O    doub N N 364 
VAL C   OXT  sing N N 365 
VAL CB  CG1  sing N N 366 
VAL CB  CG2  sing N N 367 
VAL CB  HB   sing N N 368 
VAL CG1 HG11 sing N N 369 
VAL CG1 HG12 sing N N 370 
VAL CG1 HG13 sing N N 371 
VAL CG2 HG21 sing N N 372 
VAL CG2 HG22 sing N N 373 
VAL CG2 HG23 sing N N 374 
VAL OXT HXT  sing N N 375 
ZJI O1  C1   doub N N 376 
ZJI C1  N1   sing N N 377 
ZJI N1  C2   sing N N 378 
ZJI C2  C3   sing N N 379 
ZJI C3  C4   sing N N 380 
ZJI C1  N2   sing N N 381 
ZJI N2  C5   sing N N 382 
ZJI C5  C6   sing N N 383 
ZJI C6  N3   sing N N 384 
ZJI N3  C7   sing N N 385 
ZJI C7  C8   sing N N 386 
ZJI N3  C9   sing N N 387 
ZJI C9  O2   doub N N 388 
ZJI C9  C10  sing N N 389 
ZJI C10 C11  doub Y N 390 
ZJI C11 C12  sing Y N 391 
ZJI C12 C13  doub Y N 392 
ZJI C13 O3   sing Y N 393 
ZJI C2  C4   sing N N 394 
ZJI N2  C8   sing N N 395 
ZJI C10 O3   sing Y N 396 
ZJI N1  H1   sing N N 397 
ZJI C4  H6   sing N N 398 
ZJI C4  H5   sing N N 399 
ZJI C5  H7   sing N N 400 
ZJI C5  H8   sing N N 401 
ZJI C6  H10  sing N N 402 
ZJI C6  H9   sing N N 403 
ZJI C7  H11  sing N N 404 
ZJI C7  H12  sing N N 405 
ZJI C8  H14  sing N N 406 
ZJI C8  H13  sing N N 407 
ZJI C13 H17  sing N N 408 
ZJI C11 H15  sing N N 409 
ZJI C12 H16  sing N N 410 
ZJI C2  H2   sing N N 411 
ZJI C3  H4   sing N N 412 
ZJI C3  H3   sing N N 413 
# 
_pdbx_audit_support.ordinal                1 
_pdbx_audit_support.funding_organization   'Wellcome Trust' 
_pdbx_audit_support.grant_number           None 
_pdbx_audit_support.country                'United Kingdom' 
# 
_pdbx_deposit_group.group_id            G_1002265 
_pdbx_deposit_group.group_description   
;XDomainX of XOrganismX PHIP screened against predicted false negatives and catalogue compounds by X-ray Crystallography at the XChem facility of Diamond Light Source beamline I04-1
;
_pdbx_deposit_group.group_title         'PanDDA analysis group deposition' 
_pdbx_deposit_group.group_type          'changed state' 
# 
_pdbx_entity_instance_feature.ordinal        1 
_pdbx_entity_instance_feature.comp_id        ZJI 
_pdbx_entity_instance_feature.asym_id        ? 
_pdbx_entity_instance_feature.seq_num        ? 
_pdbx_entity_instance_feature.auth_comp_id   ZJI 
_pdbx_entity_instance_feature.auth_asym_id   ? 
_pdbx_entity_instance_feature.auth_seq_num   ? 
_pdbx_entity_instance_feature.feature_type   'SUBJECT OF INVESTIGATION' 
_pdbx_entity_instance_feature.details        ? 
# 
_atom_sites.entry_id                    7FUV 
_atom_sites.fract_transf_matrix[1][1]   -0.00320408 
_atom_sites.fract_transf_matrix[1][2]   -0.01194211 
_atom_sites.fract_transf_matrix[1][3]   -0.00098208 
_atom_sites.fract_transf_matrix[2][1]   0.03491405 
_atom_sites.fract_transf_matrix[2][2]   -0.00891058 
_atom_sites.fract_transf_matrix[2][3]   -0.00555602 
_atom_sites.fract_transf_matrix[3][1]   0.00143143 
_atom_sites.fract_transf_matrix[3][2]   -0.00509411 
_atom_sites.fract_transf_matrix[3][3]   0.01716492 
_atom_sites.fract_transf_vector[1]      -0.146319 
_atom_sites.fract_transf_vector[2]      0.450021 
_atom_sites.fract_transf_vector[3]      0.217488 
# 
loop_
_atom_type.symbol 
C 
N 
O 
S 
# 
loop_
_atom_site.group_PDB 
_atom_site.id 
_atom_site.type_symbol 
_atom_site.label_atom_id 
_atom_site.label_alt_id 
_atom_site.label_comp_id 
_atom_site.label_asym_id 
_atom_site.label_entity_id 
_atom_site.label_seq_id 
_atom_site.pdbx_PDB_ins_code 
_atom_site.Cartn_x 
_atom_site.Cartn_y 
_atom_site.Cartn_z 
_atom_site.occupancy 
_atom_site.B_iso_or_equiv 
_atom_site.pdbx_formal_charge 
_atom_site.auth_seq_id 
_atom_site.auth_comp_id 
_atom_site.auth_asym_id 
_atom_site.auth_atom_id 
_atom_site.pdbx_PDB_model_num 
ATOM   1    N N   . SER A 1 24  ? -2.503  3.694   -24.267 1.00 25.73  ? 1315 SER A N   1 
ATOM   2    C CA  . SER A 1 24  ? -1.877  2.730   -23.309 1.00 24.53  ? 1315 SER A CA  1 
ATOM   3    C C   . SER A 1 24  ? -2.982  1.917   -22.628 1.00 21.36  ? 1315 SER A C   1 
ATOM   4    O O   . SER A 1 24  ? -3.214  2.150   -21.417 1.00 20.74  ? 1315 SER A O   1 
ATOM   5    C CB  . SER A 1 24  ? -1.024  3.470   -22.305 1.00 25.87  ? 1315 SER A CB  1 
ATOM   6    O OG  . SER A 1 24  ? -0.248  2.572   -21.521 1.00 30.08  ? 1315 SER A OG  1 
ATOM   7    N N   . TYR A 1 25  ? -3.637  0.998   -23.361 1.00 18.48  ? 1316 TYR A N   1 
ATOM   8    C CA  . TYR A 1 25  ? -4.950  0.409   -22.973 1.00 15.61  ? 1316 TYR A CA  1 
ATOM   9    C C   . TYR A 1 25  ? -4.772  -1.049  -22.496 1.00 14.26  ? 1316 TYR A C   1 
ATOM   10   O O   . TYR A 1 25  ? -5.738  -1.823  -22.554 1.00 13.40  ? 1316 TYR A O   1 
ATOM   11   C CB  . TYR A 1 25  ? -5.963  0.533   -24.113 1.00 15.81  ? 1316 TYR A CB  1 
ATOM   12   C CG  . TYR A 1 25  ? -6.196  1.935   -24.633 1.00 14.60  ? 1316 TYR A CG  1 
ATOM   13   C CD1 . TYR A 1 25  ? -6.583  2.977   -23.806 1.00 14.54  ? 1316 TYR A CD1 1 
ATOM   14   C CD2 . TYR A 1 25  ? -6.071  2.197   -25.985 1.00 15.81  ? 1316 TYR A CD2 1 
ATOM   15   C CE1 . TYR A 1 25  ? -6.783  4.257   -24.299 1.00 14.91  ? 1316 TYR A CE1 1 
ATOM   16   C CE2 . TYR A 1 25  ? -6.300  3.464   -26.500 1.00 15.96  ? 1316 TYR A CE2 1 
ATOM   17   C CZ  . TYR A 1 25  ? -6.664  4.494   -25.654 1.00 15.59  ? 1316 TYR A CZ  1 
ATOM   18   O OH  . TYR A 1 25  ? -6.871  5.763   -26.146 1.00 16.83  ? 1316 TYR A OH  1 
ATOM   19   N N   . ASP A 1 26  ? -3.593  -1.405  -21.978 1.00 13.20  ? 1317 ASP A N   1 
ATOM   20   C CA  . ASP A 1 26  ? -3.341  -2.768  -21.407 1.00 12.54  ? 1317 ASP A CA  1 
ATOM   21   C C   . ASP A 1 26  ? -4.015  -2.897  -20.034 1.00 12.22  ? 1317 ASP A C   1 
ATOM   22   O O   . ASP A 1 26  ? -3.544  -2.275  -19.048 1.00 13.01  ? 1317 ASP A O   1 
ATOM   23   C CB  . ASP A 1 26  ? -1.840  -2.999  -21.349 1.00 13.28  ? 1317 ASP A CB  1 
ATOM   24   C CG  . ASP A 1 26  ? -1.417  -4.374  -20.837 1.00 12.96  ? 1317 ASP A CG  1 
ATOM   25   O OD1 . ASP A 1 26  ? -2.240  -5.076  -20.239 1.00 14.03  ? 1317 ASP A OD1 1 
ATOM   26   O OD2 . ASP A 1 26  ? -0.271  -4.777  -21.115 1.00 17.02  ? 1317 ASP A OD2 1 
ATOM   27   N N   . ILE A 1 27  ? -5.070  -3.717  -19.966 1.00 11.32  ? 1318 ILE A N   1 
ATOM   28   C CA  . ILE A 1 27  ? -5.903  -3.959  -18.749 1.00 11.74  ? 1318 ILE A CA  1 
ATOM   29   C C   . ILE A 1 27  ? -5.064  -4.658  -17.667 1.00 11.60  ? 1318 ILE A C   1 
ATOM   30   O O   . ILE A 1 27  ? -5.404  -4.489  -16.479 1.00 12.02  ? 1318 ILE A O   1 
ATOM   31   C CB  . ILE A 1 27  ? -7.152  -4.793  -19.123 1.00 12.08  ? 1318 ILE A CB  1 
ATOM   32   C CG1 . ILE A 1 27  ? -8.049  -4.049  -20.123 1.00 12.70  ? 1318 ILE A CG1 1 
ATOM   33   C CG2 . ILE A 1 27  ? -7.925  -5.248  -17.888 1.00 12.99  ? 1318 ILE A CG2 1 
ATOM   34   C CD1 . ILE A 1 27  ? -9.101  -4.904  -20.787 1.00 13.45  ? 1318 ILE A CD1 1 
ATOM   35   N N   . GLN A 1 28  ? -4.012  -5.392  -18.045 1.00 10.81  ? 1319 GLN A N   1 
ATOM   36   C CA  . GLN A 1 28  ? -3.202  -6.194  -17.075 1.00 10.99  ? 1319 GLN A CA  1 
ATOM   37   C C   . GLN A 1 28  ? -1.956  -5.473  -16.586 1.00 10.88  ? 1319 GLN A C   1 
ATOM   38   O O   . GLN A 1 28  ? -1.305  -5.979  -15.672 1.00 11.33  ? 1319 GLN A O   1 
ATOM   39   C CB  . GLN A 1 28  ? -2.821  -7.550  -17.670 1.00 11.44  ? 1319 GLN A CB  1 
ATOM   40   C CG  . GLN A 1 28  ? -3.969  -8.577  -17.736 1.00 12.04  ? 1319 GLN A CG  1 
ATOM   41   C CD  . GLN A 1 28  ? -4.749  -8.546  -19.045 1.00 10.92  ? 1319 GLN A CD  1 
ATOM   42   O OE1 . GLN A 1 28  ? -4.195  -8.590  -20.137 1.00 12.46  ? 1319 GLN A OE1 1 
ATOM   43   N NE2 . GLN A 1 28  ? -6.048  -8.514  -18.910 1.00 12.86  ? 1319 GLN A NE2 1 
ATOM   44   N N   . ALA A 1 29  ? -1.590  -4.303  -17.165 1.00 12.14  ? 1320 ALA A N   1 
ATOM   45   C CA  . ALA A 1 29  ? -0.271  -3.674  -16.920 1.00 11.56  ? 1320 ALA A CA  1 
ATOM   46   C C   . ALA A 1 29  ? -0.087  -3.278  -15.428 1.00 10.54  ? 1320 ALA A C   1 
ATOM   47   O O   . ALA A 1 29  ? 1.054   -3.220  -14.992 1.00 11.63  ? 1320 ALA A O   1 
ATOM   48   C CB  . ALA A 1 29  ? -0.042  -2.478  -17.847 1.00 11.85  ? 1320 ALA A CB  1 
ATOM   49   N N   . TRP A 1 30  ? -1.181  -3.003  -14.739 1.00 11.13  ? 1321 TRP A N   1 
ATOM   50   C CA  . TRP A 1 30  ? -1.094  -2.502  -13.350 1.00 10.64  ? 1321 TRP A CA  1 
ATOM   51   C C   . TRP A 1 30  ? -0.289  -3.484  -12.491 1.00 10.28  ? 1321 TRP A C   1 
ATOM   52   O O   . TRP A 1 30  ? 0.299   -3.064  -11.510 1.00 10.87  ? 1321 TRP A O   1 
ATOM   53   C CB  . TRP A 1 30  ? -2.493  -2.278  -12.765 1.00 11.21  ? 1321 TRP A CB  1 
ATOM   54   C CG  . TRP A 1 30  ? -3.298  -3.554  -12.674 1.00 11.05  ? 1321 TRP A CG  1 
ATOM   55   C CD1 . TRP A 1 30  ? -4.051  -4.097  -13.648 1.00 11.58  ? 1321 TRP A CD1 1 
ATOM   56   C CD2 . TRP A 1 30  ? -3.413  -4.442  -11.538 1.00 10.61  ? 1321 TRP A CD2 1 
ATOM   57   N NE1 . TRP A 1 30  ? -4.596  -5.292  -13.233 1.00 11.80  ? 1321 TRP A NE1 1 
ATOM   58   C CE2 . TRP A 1 30  ? -4.241  -5.509  -11.943 1.00 11.02  ? 1321 TRP A CE2 1 
ATOM   59   C CE3 . TRP A 1 30  ? -2.914  -4.451  -10.240 1.00 12.08  ? 1321 TRP A CE3 1 
ATOM   60   C CZ2 . TRP A 1 30  ? -4.570  -6.575  -11.101 1.00 12.42  ? 1321 TRP A CZ2 1 
ATOM   61   C CZ3 . TRP A 1 30  ? -3.217  -5.506  -9.400  1.00 12.12  ? 1321 TRP A CZ3 1 
ATOM   62   C CH2 . TRP A 1 30  ? -4.042  -6.546  -9.835  1.00 13.50  ? 1321 TRP A CH2 1 
ATOM   63   N N   . LYS A 1 31  ? -0.365  -4.792  -12.765 1.00 10.84  ? 1322 LYS A N   1 
ATOM   64   C CA  . LYS A 1 31  ? 0.187   -5.785  -11.822 1.00 10.80  ? 1322 LYS A CA  1 
ATOM   65   C C   . LYS A 1 31  ? 1.710   -5.663  -11.741 1.00 11.21  ? 1322 LYS A C   1 
ATOM   66   O O   . LYS A 1 31  ? 2.268   -5.536  -10.618 1.00 11.77  ? 1322 LYS A O   1 
ATOM   67   C CB  . LYS A 1 31  ? -0.280  -7.182  -12.185 1.00 11.15  ? 1322 LYS A CB  1 
ATOM   68   C CG  . LYS A 1 31  ? 0.217   -8.274  -11.227 1.00 12.48  ? 1322 LYS A CG  1 
ATOM   69   C CD  . LYS A 1 31  ? -0.386  -9.622  -11.470 1.00 12.36  ? 1322 LYS A CD  1 
ATOM   70   C CE  . LYS A 1 31  ? 0.068   -10.724 -10.528 1.00 12.94  ? 1322 LYS A CE  1 
ATOM   71   N NZ  . LYS A 1 31  ? -0.682  -11.966 -10.843 1.00 13.78  ? 1322 LYS A NZ  1 
ATOM   72   N N   . LYS A 1 32  ? 2.398   -5.643  -12.867 1.00 12.12  ? 1323 LYS A N   1 
ATOM   73   C CA  . LYS A 1 32  ? 3.854   -5.450  -12.837 1.00 12.73  ? 1323 LYS A CA  1 
ATOM   74   C C   . LYS A 1 32  ? 4.229   -4.041  -12.350 1.00 12.10  ? 1323 LYS A C   1 
ATOM   75   O O   . LYS A 1 32  ? 5.248   -3.897  -11.681 1.00 12.66  ? 1323 LYS A O   1 
ATOM   76   C CB  . LYS A 1 32  ? 4.401   -5.657  -14.242 1.00 16.96  ? 1323 LYS A CB  1 
ATOM   77   C CG  . LYS A 1 32  ? 5.900   -5.710  -14.275 1.00 23.28  ? 1323 LYS A CG  1 
ATOM   78   C CD  . LYS A 1 32  ? 6.503   -6.260  -15.575 1.00 32.01  ? 1323 LYS A CD  1 
ATOM   79   C CE  . LYS A 1 32  ? 7.961   -6.640  -15.390 1.00 41.36  ? 1323 LYS A CE  1 
ATOM   80   N NZ  . LYS A 1 32  ? 8.729   -6.532  -16.653 1.00 50.35  ? 1323 LYS A NZ  1 
ATOM   81   N N   . GLN A 1 33  ? 3.421   -3.025  -12.674 1.00 11.95  ? 1324 GLN A N   1 
ATOM   82   C CA  . GLN A 1 33  ? 3.708   -1.668  -12.177 1.00 11.08  ? 1324 GLN A CA  1 
ATOM   83   C C   . GLN A 1 33  ? 3.624   -1.671  -10.645 1.00 12.00  ? 1324 GLN A C   1 
ATOM   84   O O   . GLN A 1 33  ? 4.456   -1.051  -9.977  1.00 11.79  ? 1324 GLN A O   1 
ATOM   85   C CB  . GLN A 1 33  ? 2.690   -0.690  -12.756 1.00 12.28  ? 1324 GLN A CB  1 
ATOM   86   C CG  . GLN A 1 33  ? 2.909   -0.433  -14.237 1.00 12.57  ? 1324 GLN A CG  1 
ATOM   87   C CD  . GLN A 1 33  ? 1.728   0.185   -14.918 1.00 13.67  ? 1324 GLN A CD  1 
ATOM   88   O OE1 . GLN A 1 33  ? 0.675   0.449   -14.344 1.00 15.10  ? 1324 GLN A OE1 1 
ATOM   89   N NE2 . GLN A 1 33  ? 1.859   0.374   -16.239 1.00 15.82  ? 1324 GLN A NE2 1 
ATOM   90   N N   . CYS A 1 34  ? 2.654   -2.390  -10.062 1.00 11.51  ? 1325 CYS A N   1 
ATOM   91   C CA  . CYS A 1 34  ? 2.584   -2.513  -8.584  1.00 11.13  ? 1325 CYS A CA  1 
ATOM   92   C C   . CYS A 1 34  ? 3.742   -3.349  -8.019  1.00 11.03  ? 1325 CYS A C   1 
ATOM   93   O O   . CYS A 1 34  ? 4.273   -3.012  -6.940  1.00 11.69  ? 1325 CYS A O   1 
ATOM   94   C CB  . CYS A 1 34  ? 1.235   -3.056  -8.144  1.00 11.54  ? 1325 CYS A CB  1 
ATOM   95   S SG  . CYS A 1 34  ? -0.177  -1.927  -8.365  1.00 12.29  ? 1325 CYS A SG  1 
ATOM   96   N N   . GLU A 1 35  ? 4.138   -4.423  -8.683  1.00 11.75  ? 1326 GLU A N   1 
ATOM   97   C CA  . GLU A 1 35  ? 5.343   -5.173  -8.226  1.00 12.56  ? 1326 GLU A CA  1 
ATOM   98   C C   . GLU A 1 35  ? 6.575   -4.243  -8.161  1.00 12.24  ? 1326 GLU A C   1 
ATOM   99   O O   . GLU A 1 35  ? 7.317   -4.306  -7.172  1.00 14.18  ? 1326 GLU A O   1 
ATOM   100  C CB  . GLU A 1 35  ? 5.610   -6.334  -9.181  1.00 14.33  ? 1326 GLU A CB  1 
ATOM   101  C CG  . GLU A 1 35  ? 4.603   -7.464  -9.181  1.00 17.33  ? 1326 GLU A CG  1 
ATOM   102  C CD  . GLU A 1 35  ? 4.775   -8.465  -10.324 1.00 20.16  ? 1326 GLU A CD  1 
ATOM   103  O OE1 . GLU A 1 35  ? 5.731   -8.344  -11.141 1.00 25.68  ? 1326 GLU A OE1 1 
ATOM   104  O OE2 . GLU A 1 35  ? 3.930   -9.384  -10.386 1.00 23.28  ? 1326 GLU A OE2 1 
ATOM   105  N N   . GLU A 1 36  ? 6.780   -3.437  -9.188  1.00 13.92  ? 1327 GLU A N   1 
ATOM   106  C CA  . GLU A 1 36  ? 7.942   -2.522  -9.266  1.00 14.94  ? 1327 GLU A CA  1 
ATOM   107  C C   . GLU A 1 36  ? 7.831   -1.491  -8.142  1.00 13.82  ? 1327 GLU A C   1 
ATOM   108  O O   . GLU A 1 36  ? 8.856   -1.179  -7.514  1.00 15.04  ? 1327 GLU A O   1 
ATOM   109  C CB  . GLU A 1 36  ? 8.029   -1.934  -10.683 1.00 17.65  ? 1327 GLU A CB  1 
ATOM   110  C CG  . GLU A 1 36  ? 8.403   -3.012  -11.694 1.00 25.21  ? 1327 GLU A CG  1 
ATOM   111  C CD  . GLU A 1 36  ? 8.356   -2.640  -13.172 1.00 33.20  ? 1327 GLU A CD  1 
ATOM   112  O OE1 . GLU A 1 36  ? 8.352   -1.418  -13.492 1.00 40.39  ? 1327 GLU A OE1 1 
ATOM   113  O OE2 . GLU A 1 36  ? 8.322   -3.577  -14.010 1.00 40.30  ? 1327 GLU A OE2 1 
ATOM   114  N N   . LEU A 1 37  ? 6.648   -0.911  -7.923  1.00 12.52  ? 1328 LEU A N   1 
ATOM   115  C CA  . LEU A 1 37  ? 6.481   0.095   -6.840  1.00 11.66  ? 1328 LEU A CA  1 
ATOM   116  C C   . LEU A 1 37  ? 6.748   -0.561  -5.482  1.00 12.08  ? 1328 LEU A C   1 
ATOM   117  O O   . LEU A 1 37  ? 7.385   0.054   -4.587  1.00 13.02  ? 1328 LEU A O   1 
ATOM   118  C CB  . LEU A 1 37  ? 5.083   0.701   -6.900  1.00 13.09  ? 1328 LEU A CB  1 
ATOM   119  C CG  . LEU A 1 37  ? 4.756   1.748   -5.844  1.00 13.04  ? 1328 LEU A CG  1 
ATOM   120  C CD1 . LEU A 1 37  ? 5.821   2.826   -5.712  1.00 14.46  ? 1328 LEU A CD1 1 
ATOM   121  C CD2 . LEU A 1 37  ? 3.419   2.338   -6.154  1.00 14.34  ? 1328 LEU A CD2 1 
ATOM   122  N N   . LEU A 1 38  ? 6.254   -1.764  -5.240  1.00 11.78  ? 1329 LEU A N   1 
ATOM   123  C CA  . LEU A 1 38  ? 6.555   -2.481  -3.972  1.00 11.75  ? 1329 LEU A CA  1 
ATOM   124  C C   . LEU A 1 38  ? 8.060   -2.719  -3.825  1.00 13.96  ? 1329 LEU A C   1 
ATOM   125  O O   . LEU A 1 38  ? 8.594   -2.541  -2.713  1.00 15.11  ? 1329 LEU A O   1 
ATOM   126  C CB  . LEU A 1 38  ? 5.785   -3.802  -3.933  1.00 13.54  ? 1329 LEU A CB  1 
ATOM   127  C CG  . LEU A 1 38  ? 4.294   -3.657  -3.706  1.00 13.17  ? 1329 LEU A CG  1 
ATOM   128  C CD1 . LEU A 1 38  ? 3.606   -5.013  -3.973  1.00 15.13  ? 1329 LEU A CD1 1 
ATOM   129  C CD2 . LEU A 1 38  ? 3.954   -3.172  -2.299  1.00 15.28  ? 1329 LEU A CD2 1 
ATOM   130  N N   . ASN A 1 39  ? 8.760   -3.025  -4.887  1.00 14.24  ? 1330 ASN A N   1 
ATOM   131  C CA  . ASN A 1 39  ? 10.251  -3.149  -4.832  1.00 17.14  ? 1330 ASN A CA  1 
ATOM   132  C C   . ASN A 1 39  ? 10.848  -1.799  -4.392  1.00 15.92  ? 1330 ASN A C   1 
ATOM   133  O O   . ASN A 1 39  ? 11.733  -1.814  -3.487  1.00 18.72  ? 1330 ASN A O   1 
ATOM   134  C CB  . ASN A 1 39  ? 10.855  -3.639  -6.155  1.00 20.27  ? 1330 ASN A CB  1 
ATOM   135  C CG  . ASN A 1 39  ? 10.517  -5.077  -6.505  1.00 23.97  ? 1330 ASN A CG  1 
ATOM   136  O OD1 . ASN A 1 39  ? 10.198  -5.887  -5.642  1.00 27.41  ? 1330 ASN A OD1 1 
ATOM   137  N ND2 . ASN A 1 39  ? 10.596  -5.418  -7.784  1.00 26.03  ? 1330 ASN A ND2 1 
ATOM   138  N N   . LEU A 1 40  ? 10.414  -0.681  -4.940  1.00 15.30  ? 1331 LEU A N   1 
ATOM   139  C CA  . LEU A 1 40  ? 10.923  0.648   -4.520  1.00 15.89  ? 1331 LEU A CA  1 
ATOM   140  C C   . LEU A 1 40  ? 10.636  0.850   -3.033  1.00 15.87  ? 1331 LEU A C   1 
ATOM   141  O O   . LEU A 1 40  ? 11.532  1.316   -2.283  1.00 17.35  ? 1331 LEU A O   1 
ATOM   142  C CB  . LEU A 1 40  ? 10.291  1.739   -5.366  1.00 14.92  ? 1331 LEU A CB  1 
ATOM   143  C CG  . LEU A 1 40  ? 10.762  1.776   -6.822  1.00 16.51  ? 1331 LEU A CG  1 
ATOM   144  C CD1 . LEU A 1 40  ? 10.036  2.869   -7.585  1.00 19.80  ? 1331 LEU A CD1 1 
ATOM   145  C CD2 . LEU A 1 40  ? 12.287  1.930   -6.984  1.00 18.65  ? 1331 LEU A CD2 1 
ATOM   146  N N   . ILE A 1 41  ? 9.425   0.502   -2.583  1.00 13.09  ? 1332 ILE A N   1 
ATOM   147  C CA  . ILE A 1 41  ? 9.039   0.681   -1.162  1.00 12.38  ? 1332 ILE A CA  1 
ATOM   148  C C   . ILE A 1 41  ? 9.953   -0.149  -0.269  1.00 13.22  ? 1332 ILE A C   1 
ATOM   149  O O   . ILE A 1 41  ? 10.457  0.395   0.740   1.00 14.19  ? 1332 ILE A O   1 
ATOM   150  C CB  . ILE A 1 41  ? 7.535   0.380   -0.988  1.00 13.40  ? 1332 ILE A CB  1 
ATOM   151  C CG1 . ILE A 1 41  ? 6.752   1.523   -1.636  1.00 13.84  ? 1332 ILE A CG1 1 
ATOM   152  C CG2 . ILE A 1 41  ? 7.172   0.187   0.489   1.00 12.83  ? 1332 ILE A CG2 1 
ATOM   153  C CD1 . ILE A 1 41  ? 5.283   1.334   -1.733  1.00 15.67  ? 1332 ILE A CD1 1 
ATOM   154  N N   . PHE A 1 42  ? 10.201  -1.411  -0.616  1.00 15.76  ? 1333 PHE A N   1 
ATOM   155  C CA  . PHE A 1 42  ? 11.156  -2.277  0.137   1.00 17.24  ? 1333 PHE A CA  1 
ATOM   156  C C   . PHE A 1 42  ? 12.594  -1.693  0.138   1.00 18.05  ? 1333 PHE A C   1 
ATOM   157  O O   . PHE A 1 42  ? 13.273  -1.942  1.159   1.00 26.14  ? 1333 PHE A O   1 
ATOM   158  C CB  . PHE A 1 42  ? 11.035  -3.730  -0.341  1.00 17.17  ? 1333 PHE A CB  1 
ATOM   159  C CG  . PHE A 1 42  ? 9.928   -4.519  0.324   1.00 16.19  ? 1333 PHE A CG  1 
ATOM   160  C CD1 . PHE A 1 42  ? 10.155  -5.234  1.489   1.00 19.05  ? 1333 PHE A CD1 1 
ATOM   161  C CD2 . PHE A 1 42  ? 8.646   -4.520  -0.206  1.00 19.79  ? 1333 PHE A CD2 1 
ATOM   162  C CE1 . PHE A 1 42  ? 9.130   -5.974  2.077   1.00 21.05  ? 1333 PHE A CE1 1 
ATOM   163  C CE2 . PHE A 1 42  ? 7.653   -5.308  0.353   1.00 19.46  ? 1333 PHE A CE2 1 
ATOM   164  C CZ  . PHE A 1 42  ? 7.866   -5.972  1.532   1.00 20.54  ? 1333 PHE A CZ  1 
ATOM   165  N N   . GLN A 1 43  ? 13.038  -0.861  -0.817  1.00 18.82  ? 1334 GLN A N   1 
ATOM   166  C CA  . GLN A 1 43  ? 14.397  -0.202  -0.784  1.00 19.43  ? 1334 GLN A CA  1 
ATOM   167  C C   . GLN A 1 43  ? 14.429  1.054   0.111   1.00 20.28  ? 1334 GLN A C   1 
ATOM   168  O O   . GLN A 1 43  ? 15.519  1.515   0.487   1.00 22.79  ? 1334 GLN A O   1 
ATOM   169  C CB  . GLN A 1 43  ? 14.833  0.194   -2.200  1.00 20.50  ? 1334 GLN A CB  1 
ATOM   170  C CG  . GLN A 1 43  ? 14.992  -0.997  -3.136  1.00 22.79  ? 1334 GLN A CG  1 
ATOM   171  N N   A CYS A 1 44  ? 13.260  1.626   0.424   0.32 18.30  ? 1335 CYS A N   1 
ATOM   172  N N   B CYS A 1 44  ? 13.260  1.622   0.423   0.32 19.60  ? 1335 CYS A N   1 
ATOM   173  C CA  A CYS A 1 44  ? 13.107  2.820   1.296   0.32 16.62  ? 1335 CYS A CA  1 
ATOM   174  C CA  B CYS A 1 44  ? 13.119  2.832   1.271   0.32 18.52  ? 1335 CYS A CA  1 
ATOM   175  C C   A CYS A 1 44  ? 13.389  2.410   2.752   0.32 16.19  ? 1335 CYS A C   1 
ATOM   176  C C   B CYS A 1 44  ? 13.374  2.436   2.739   0.32 17.25  ? 1335 CYS A C   1 
ATOM   177  O O   A CYS A 1 44  ? 12.734  1.483   3.269   0.32 14.88  ? 1335 CYS A O   1 
ATOM   178  O O   B CYS A 1 44  ? 12.686  1.537   3.249   0.32 16.09  ? 1335 CYS A O   1 
ATOM   179  C CB  A CYS A 1 44  ? 11.712  3.432   1.178   0.32 15.72  ? 1335 CYS A CB  1 
ATOM   180  C CB  B CYS A 1 44  ? 11.736  3.460   1.116   0.32 18.90  ? 1335 CYS A CB  1 
ATOM   181  S SG  A CYS A 1 44  ? 11.459  4.196   -0.439  0.32 17.02  ? 1335 CYS A SG  1 
ATOM   182  S SG  B CYS A 1 44  ? 11.692  5.167   1.708   0.32 24.05  ? 1335 CYS A SG  1 
ATOM   183  N N   . GLU A 1 45  ? 14.321  3.087   3.430   1.00 16.23  ? 1336 GLU A N   1 
ATOM   184  C CA  . GLU A 1 45  ? 14.517  2.826   4.886   1.00 15.54  ? 1336 GLU A CA  1 
ATOM   185  C C   . GLU A 1 45  ? 13.212  3.098   5.665   1.00 14.30  ? 1336 GLU A C   1 
ATOM   186  O O   . GLU A 1 45  ? 12.923  2.404   6.671   1.00 14.45  ? 1336 GLU A O   1 
ATOM   187  C CB  . GLU A 1 45  ? 15.610  3.716   5.451   1.00 15.90  ? 1336 GLU A CB  1 
ATOM   188  C CG  . GLU A 1 45  ? 16.991  3.247   5.003   1.00 19.47  ? 1336 GLU A CG  1 
ATOM   189  C CD  . GLU A 1 45  ? 18.143  4.158   5.374   1.00 22.00  ? 1336 GLU A CD  1 
ATOM   190  O OE1 . GLU A 1 45  ? 17.937  5.189   6.050   1.00 24.40  ? 1336 GLU A OE1 1 
ATOM   191  O OE2 . GLU A 1 45  ? 19.289  3.804   4.981   1.00 23.15  ? 1336 GLU A OE2 1 
ATOM   192  N N   . ASP A 1 46  ? 12.412  4.039   5.183   1.00 12.90  ? 1337 ASP A N   1 
ATOM   193  C CA  . ASP A 1 46  ? 11.129  4.385   5.848   1.00 12.97  ? 1337 ASP A CA  1 
ATOM   194  C C   . ASP A 1 46  ? 10.151  3.199   5.851   1.00 11.73  ? 1337 ASP A C   1 
ATOM   195  O O   . ASP A 1 46  ? 9.177   3.279   6.655   1.00 12.76  ? 1337 ASP A O   1 
ATOM   196  C CB  . ASP A 1 46  ? 10.482  5.605   5.216   1.00 13.62  ? 1337 ASP A CB  1 
ATOM   197  C CG  . ASP A 1 46  ? 11.153  6.925   5.566   1.00 14.88  ? 1337 ASP A CG  1 
ATOM   198  O OD1 . ASP A 1 46  ? 11.857  6.954   6.588   1.00 17.68  ? 1337 ASP A OD1 1 
ATOM   199  O OD2 . ASP A 1 46  ? 10.891  7.918   4.863   1.00 15.44  ? 1337 ASP A OD2 1 
ATOM   200  N N   . SER A 1 47  ? 10.300  2.162   5.026   1.00 11.53  ? 1338 SER A N   1 
ATOM   201  C CA  . SER A 1 47  ? 9.344   1.051   5.064   1.00 11.39  ? 1338 SER A CA  1 
ATOM   202  C C   . SER A 1 47  ? 9.621   0.020   6.149   1.00 11.75  ? 1338 SER A C   1 
ATOM   203  O O   . SER A 1 47  ? 8.805   -0.865  6.359   1.00 12.40  ? 1338 SER A O   1 
ATOM   204  C CB  . SER A 1 47  ? 9.219   0.351   3.761   1.00 11.68  ? 1338 SER A CB  1 
ATOM   205  O OG  . SER A 1 47  ? 10.397  -0.354  3.357   1.00 13.45  ? 1338 SER A OG  1 
ATOM   206  N N   . GLU A 1 48  ? 10.811  0.013   6.764   1.00 12.59  ? 1339 GLU A N   1 
ATOM   207  C CA  . GLU A 1 48  ? 11.225  -1.184  7.553   1.00 13.68  ? 1339 GLU A CA  1 
ATOM   208  C C   . GLU A 1 48  ? 10.175  -1.561  8.610   1.00 11.65  ? 1339 GLU A C   1 
ATOM   209  O O   . GLU A 1 48  ? 9.834   -2.743  8.747   1.00 12.71  ? 1339 GLU A O   1 
ATOM   210  C CB  . GLU A 1 48  ? 12.652  -1.024  8.092   1.00 15.62  ? 1339 GLU A CB  1 
ATOM   211  C CG  . GLU A 1 48  ? 13.149  -2.255  8.839   1.00 18.58  ? 1339 GLU A CG  1 
ATOM   212  C CD  . GLU A 1 48  ? 12.545  -2.411  10.218  1.00 23.25  ? 1339 GLU A CD  1 
ATOM   213  O OE1 . GLU A 1 48  ? 12.241  -1.372  10.821  1.00 25.86  ? 1339 GLU A OE1 1 
ATOM   214  O OE2 . GLU A 1 48  ? 12.373  -3.576  10.687  1.00 28.89  ? 1339 GLU A OE2 1 
ATOM   215  N N   . PRO A 1 49  ? 9.536   -0.614  9.358   1.00 11.68  ? 1340 PRO A N   1 
ATOM   216  C CA  . PRO A 1 49  ? 8.542   -0.978  10.374  1.00 11.91  ? 1340 PRO A CA  1 
ATOM   217  C C   . PRO A 1 49  ? 7.262   -1.614  9.817   1.00 11.96  ? 1340 PRO A C   1 
ATOM   218  O O   . PRO A 1 49  ? 6.502   -2.184  10.600  1.00 12.22  ? 1340 PRO A O   1 
ATOM   219  C CB  . PRO A 1 49  ? 8.202   0.356   11.061  1.00 12.60  ? 1340 PRO A CB  1 
ATOM   220  C CG  . PRO A 1 49  ? 9.415   1.197   10.784  1.00 12.84  ? 1340 PRO A CG  1 
ATOM   221  C CD  . PRO A 1 49  ? 9.763   0.836   9.358   1.00 11.93  ? 1340 PRO A CD  1 
ATOM   222  N N   . PHE A 1 50  ? 7.061   -1.487  8.505   1.00 11.26  ? 1341 PHE A N   1 
ATOM   223  C CA  . PHE A 1 50  ? 5.807   -1.868  7.805   1.00 10.79  ? 1341 PHE A CA  1 
ATOM   224  C C   . PHE A 1 50  ? 6.014   -3.090  6.913   1.00 11.50  ? 1341 PHE A C   1 
ATOM   225  O O   . PHE A 1 50  ? 5.149   -3.400  6.102   1.00 12.18  ? 1341 PHE A O   1 
ATOM   226  C CB  . PHE A 1 50  ? 5.260   -0.659  7.043   1.00 10.35  ? 1341 PHE A CB  1 
ATOM   227  C CG  . PHE A 1 50  ? 5.190   0.566   7.918   1.00 10.08  ? 1341 PHE A CG  1 
ATOM   228  C CD1 . PHE A 1 50  ? 4.297   0.601   8.982   1.00 10.53  ? 1341 PHE A CD1 1 
ATOM   229  C CD2 . PHE A 1 50  ? 6.027   1.660   7.714   1.00 11.33  ? 1341 PHE A CD2 1 
ATOM   230  C CE1 . PHE A 1 50  ? 4.263   1.694   9.829   1.00 10.82  ? 1341 PHE A CE1 1 
ATOM   231  C CE2 . PHE A 1 50  ? 6.002   2.741   8.575   1.00 11.58  ? 1341 PHE A CE2 1 
ATOM   232  C CZ  . PHE A 1 50  ? 5.113   2.758   9.623   1.00 11.44  ? 1341 PHE A CZ  1 
ATOM   233  N N   . ARG A 1 51  ? 7.133   -3.791  7.051   1.00 12.56  ? 1342 ARG A N   1 
ATOM   234  C CA  . ARG A 1 51  ? 7.515   -4.858  6.085   1.00 14.05  ? 1342 ARG A CA  1 
ATOM   235  C C   . ARG A 1 51  ? 7.019   -6.219  6.542   1.00 15.95  ? 1342 ARG A C   1 
ATOM   236  O O   . ARG A 1 51  ? 7.162   -7.169  5.731   1.00 17.68  ? 1342 ARG A O   1 
ATOM   237  C CB  . ARG A 1 51  ? 9.032   -4.972  5.931   1.00 15.24  ? 1342 ARG A CB  1 
ATOM   238  C CG  . ARG A 1 51  ? 9.596   -3.910  5.012   1.00 14.89  ? 1342 ARG A CG  1 
ATOM   239  C CD  . ARG A 1 51  ? 11.098  -4.057  4.926   1.00 15.15  ? 1342 ARG A CD  1 
ATOM   240  N NE  . ARG A 1 51  ? 11.684  -2.812  4.491   1.00 15.31  ? 1342 ARG A NE  1 
ATOM   241  C CZ  . ARG A 1 51  ? 12.953  -2.462  4.637   1.00 16.07  ? 1342 ARG A CZ  1 
ATOM   242  N NH1 . ARG A 1 51  ? 13.828  -3.281  5.195   1.00 18.18  ? 1342 ARG A NH1 1 
ATOM   243  N NH2 . ARG A 1 51  ? 13.338  -1.268  4.239   1.00 15.15  ? 1342 ARG A NH2 1 
ATOM   244  N N   . GLN A 1 52  ? 6.546   -6.326  7.781   1.00 16.26  ? 1343 GLN A N   1 
ATOM   245  C CA  . GLN A 1 52  ? 6.084   -7.601  8.369   1.00 19.32  ? 1343 GLN A CA  1 
ATOM   246  C C   . GLN A 1 52  ? 5.008   -7.283  9.394   1.00 21.02  ? 1343 GLN A C   1 
ATOM   247  O O   . GLN A 1 52  ? 4.947   -6.163  9.916   1.00 19.83  ? 1343 GLN A O   1 
ATOM   248  C CB  . GLN A 1 52  ? 7.264   -8.388  8.957   1.00 21.25  ? 1343 GLN A CB  1 
ATOM   249  C CG  . GLN A 1 52  ? 8.082   -7.603  9.969   1.00 23.89  ? 1343 GLN A CG  1 
ATOM   250  C CD  . GLN A 1 52  ? 9.222   -8.401  10.556  1.00 26.92  ? 1343 GLN A CD  1 
ATOM   251  O OE1 . GLN A 1 52  ? 10.361  -7.939  10.622  1.00 28.62  ? 1343 GLN A OE1 1 
ATOM   252  N NE2 . GLN A 1 52  ? 8.915   -9.613  10.992  1.00 28.22  ? 1343 GLN A NE2 1 
ATOM   253  N N   . PRO A 1 53  ? 4.118   -8.256  9.682   1.00 25.12  ? 1344 PRO A N   1 
ATOM   254  C CA  . PRO A 1 53  ? 3.038   -8.038  10.638  1.00 26.95  ? 1344 PRO A CA  1 
ATOM   255  C C   . PRO A 1 53  ? 3.634   -7.603  11.984  1.00 28.56  ? 1344 PRO A C   1 
ATOM   256  O O   . PRO A 1 53  ? 4.705   -8.096  12.337  1.00 30.05  ? 1344 PRO A O   1 
ATOM   257  C CB  . PRO A 1 53  ? 2.321   -9.399  10.699  1.00 26.19  ? 1344 PRO A CB  1 
ATOM   258  C CG  . PRO A 1 53  ? 2.685   -10.082 9.398   1.00 26.41  ? 1344 PRO A CG  1 
ATOM   259  C CD  . PRO A 1 53  ? 4.087   -9.601  9.085   1.00 25.06  ? 1344 PRO A CD  1 
ATOM   260  N N   . VAL A 1 54  ? 2.982   -6.652  12.660  1.00 29.61  ? 1345 VAL A N   1 
ATOM   261  C CA  . VAL A 1 54  ? 3.402   -6.151  14.002  1.00 29.57  ? 1345 VAL A CA  1 
ATOM   262  C C   . VAL A 1 54  ? 3.485   -7.350  14.948  1.00 31.58  ? 1345 VAL A C   1 
ATOM   263  O O   . VAL A 1 54  ? 2.723   -8.318  14.735  1.00 29.13  ? 1345 VAL A O   1 
ATOM   264  C CB  . VAL A 1 54  ? 2.467   -5.051  14.548  1.00 29.62  ? 1345 VAL A CB  1 
ATOM   265  C CG1 . VAL A 1 54  ? 2.771   -4.718  16.004  1.00 28.74  ? 1345 VAL A CG1 1 
ATOM   266  C CG2 . VAL A 1 54  ? 2.525   -3.794  13.699  1.00 29.53  ? 1345 VAL A CG2 1 
ATOM   267  N N   . ASP A 1 55  ? 4.412   -7.283  15.912  1.00 32.83  ? 1346 ASP A N   1 
ATOM   268  C CA  . ASP A 1 55  ? 4.600   -8.250  17.026  1.00 35.50  ? 1346 ASP A CA  1 
ATOM   269  C C   . ASP A 1 55  ? 3.925   -7.691  18.285  1.00 34.69  ? 1346 ASP A C   1 
ATOM   270  O O   . ASP A 1 55  ? 4.028   -6.470  18.518  1.00 38.50  ? 1346 ASP A O   1 
ATOM   271  C CB  . ASP A 1 55  ? 6.087   -8.513  17.280  1.00 36.63  ? 1346 ASP A CB  1 
ATOM   272  C CG  . ASP A 1 55  ? 6.361   -9.251  18.579  1.00 39.41  ? 1346 ASP A CG  1 
ATOM   273  O OD1 . ASP A 1 55  ? 7.230   -8.786  19.341  1.00 41.43  ? 1346 ASP A OD1 1 
ATOM   274  O OD2 . ASP A 1 55  ? 5.695   -10.281 18.817  1.00 37.56  ? 1346 ASP A OD2 1 
ATOM   275  N N   . LEU A 1 56  ? 3.303   -8.558  19.085  1.00 35.13  ? 1347 LEU A N   1 
ATOM   276  C CA  . LEU A 1 56  ? 2.478   -8.169  20.263  1.00 35.15  ? 1347 LEU A CA  1 
ATOM   277  C C   . LEU A 1 56  ? 3.307   -8.181  21.560  1.00 33.12  ? 1347 LEU A C   1 
ATOM   278  O O   . LEU A 1 56  ? 2.879   -7.525  22.526  1.00 33.90  ? 1347 LEU A O   1 
ATOM   279  C CB  . LEU A 1 56  ? 1.263   -9.104  20.334  1.00 35.28  ? 1347 LEU A CB  1 
ATOM   280  C CG  . LEU A 1 56  ? 0.332   -9.038  19.120  1.00 36.77  ? 1347 LEU A CG  1 
ATOM   281  C CD1 . LEU A 1 56  ? -0.917  -9.885  19.331  1.00 37.77  ? 1347 LEU A CD1 1 
ATOM   282  C CD2 . LEU A 1 56  ? -0.055  -7.602  18.795  1.00 38.75  ? 1347 LEU A CD2 1 
ATOM   283  N N   . LEU A 1 57  ? 4.466   -8.849  21.594  1.00 33.33  ? 1348 LEU A N   1 
ATOM   284  C CA  . LEU A 1 57  ? 5.318   -8.920  22.817  1.00 33.37  ? 1348 LEU A CA  1 
ATOM   285  C C   . LEU A 1 57  ? 5.938   -7.542  23.095  1.00 31.90  ? 1348 LEU A C   1 
ATOM   286  O O   . LEU A 1 57  ? 6.194   -7.229  24.276  1.00 31.73  ? 1348 LEU A O   1 
ATOM   287  C CB  . LEU A 1 57  ? 6.406   -9.984  22.632  1.00 35.18  ? 1348 LEU A CB  1 
ATOM   288  C CG  . LEU A 1 57  ? 5.980   -11.437 22.860  1.00 37.09  ? 1348 LEU A CG  1 
ATOM   289  C CD1 . LEU A 1 57  ? 5.712   -11.701 24.334  1.00 38.45  ? 1348 LEU A CD1 1 
ATOM   290  C CD2 . LEU A 1 57  ? 4.765   -11.804 22.016  1.00 37.82  ? 1348 LEU A CD2 1 
ATOM   291  N N   . GLU A 1 58  ? 6.143   -6.736  22.047  1.00 28.04  ? 1349 GLU A N   1 
ATOM   292  C CA  . GLU A 1 58  ? 6.748   -5.379  22.145  1.00 27.24  ? 1349 GLU A CA  1 
ATOM   293  C C   . GLU A 1 58  ? 5.665   -4.293  22.220  1.00 23.39  ? 1349 GLU A C   1 
ATOM   294  O O   . GLU A 1 58  ? 5.933   -3.242  22.849  1.00 25.43  ? 1349 GLU A O   1 
ATOM   295  C CB  . GLU A 1 58  ? 7.656   -5.144  20.941  1.00 26.79  ? 1349 GLU A CB  1 
ATOM   296  C CG  . GLU A 1 58  ? 8.865   -6.061  20.917  1.00 28.98  ? 1349 GLU A CG  1 
ATOM   297  C CD  . GLU A 1 58  ? 9.379   -6.404  19.530  1.00 31.76  ? 1349 GLU A CD  1 
ATOM   298  O OE1 . GLU A 1 58  ? 8.576   -6.344  18.568  1.00 33.39  ? 1349 GLU A OE1 1 
ATOM   299  O OE2 . GLU A 1 58  ? 10.581  -6.746  19.414  1.00 34.91  ? 1349 GLU A OE2 1 
ATOM   300  N N   . TYR A 1 59  ? 4.503   -4.520  21.594  1.00 21.89  ? 1350 TYR A N   1 
ATOM   301  C CA  . TYR A 1 59  ? 3.354   -3.575  21.547  1.00 19.99  ? 1350 TYR A CA  1 
ATOM   302  C C   . TYR A 1 59  ? 2.105   -4.317  22.032  1.00 19.02  ? 1350 TYR A C   1 
ATOM   303  O O   . TYR A 1 59  ? 1.234   -4.687  21.248  1.00 18.96  ? 1350 TYR A O   1 
ATOM   304  C CB  . TYR A 1 59  ? 3.244   -2.995  20.129  1.00 19.39  ? 1350 TYR A CB  1 
ATOM   305  C CG  . TYR A 1 59  ? 4.453   -2.215  19.666  1.00 18.68  ? 1350 TYR A CG  1 
ATOM   306  C CD1 . TYR A 1 59  ? 4.607   -0.880  19.992  1.00 19.00  ? 1350 TYR A CD1 1 
ATOM   307  C CD2 . TYR A 1 59  ? 5.458   -2.810  18.910  1.00 19.37  ? 1350 TYR A CD2 1 
ATOM   308  C CE1 . TYR A 1 59  ? 5.711   -0.154  19.574  1.00 19.16  ? 1350 TYR A CE1 1 
ATOM   309  C CE2 . TYR A 1 59  ? 6.577   -2.104  18.501  1.00 18.81  ? 1350 TYR A CE2 1 
ATOM   310  C CZ  . TYR A 1 59  ? 6.698   -0.767  18.824  1.00 18.92  ? 1350 TYR A CZ  1 
ATOM   311  O OH  . TYR A 1 59  ? 7.769   -0.040  18.388  1.00 19.20  ? 1350 TYR A OH  1 
ATOM   312  N N   . PRO A 1 60  ? 1.973   -4.597  23.356  1.00 18.98  ? 1351 PRO A N   1 
ATOM   313  C CA  . PRO A 1 60  ? 0.972   -5.555  23.843  1.00 18.20  ? 1351 PRO A CA  1 
ATOM   314  C C   . PRO A 1 60  ? -0.489  -5.132  23.615  1.00 18.13  ? 1351 PRO A C   1 
ATOM   315  O O   . PRO A 1 60  ? -1.372  -5.981  23.612  1.00 17.25  ? 1351 PRO A O   1 
ATOM   316  C CB  . PRO A 1 60  ? 1.250   -5.697  25.354  1.00 19.76  ? 1351 PRO A CB  1 
ATOM   317  C CG  . PRO A 1 60  ? 2.537   -4.953  25.627  1.00 20.58  ? 1351 PRO A CG  1 
ATOM   318  C CD  . PRO A 1 60  ? 2.804   -4.049  24.441  1.00 19.72  ? 1351 PRO A CD  1 
ATOM   319  N N   . ASP A 1 61  ? -0.722  -3.834  23.443  1.00 16.50  ? 1352 ASP A N   1 
ATOM   320  C CA  . ASP A 1 61  ? -2.085  -3.278  23.248  1.00 16.74  ? 1352 ASP A CA  1 
ATOM   321  C C   . ASP A 1 61  ? -2.459  -3.163  21.754  1.00 17.23  ? 1352 ASP A C   1 
ATOM   322  O O   . ASP A 1 61  ? -3.567  -2.662  21.477  1.00 15.59  ? 1352 ASP A O   1 
ATOM   323  C CB  . ASP A 1 61  ? -2.205  -1.912  23.928  1.00 17.88  ? 1352 ASP A CB  1 
ATOM   324  C CG  . ASP A 1 61  ? -1.254  -0.884  23.358  1.00 18.01  ? 1352 ASP A CG  1 
ATOM   325  O OD1 . ASP A 1 61  ? -0.187  -1.286  22.859  1.00 21.06  ? 1352 ASP A OD1 1 
ATOM   326  O OD2 . ASP A 1 61  ? -1.549  0.331   23.479  1.00 23.53  ? 1352 ASP A OD2 1 
ATOM   327  N N   . TYR A 1 62  ? -1.662  -3.662  20.802  1.00 17.54  ? 1353 TYR A N   1 
ATOM   328  C CA  . TYR A 1 62  ? -1.921  -3.406  19.347  1.00 17.34  ? 1353 TYR A CA  1 
ATOM   329  C C   . TYR A 1 62  ? -3.354  -3.782  18.917  1.00 18.69  ? 1353 TYR A C   1 
ATOM   330  O O   . TYR A 1 62  ? -4.043  -2.906  18.326  1.00 17.48  ? 1353 TYR A O   1 
ATOM   331  C CB  . TYR A 1 62  ? -0.904  -4.133  18.463  1.00 16.94  ? 1353 TYR A CB  1 
ATOM   332  C CG  . TYR A 1 62  ? -0.846  -3.591  17.051  1.00 15.71  ? 1353 TYR A CG  1 
ATOM   333  C CD1 . TYR A 1 62  ? -0.473  -2.281  16.836  1.00 15.40  ? 1353 TYR A CD1 1 
ATOM   334  C CD2 . TYR A 1 62  ? -1.223  -4.356  15.955  1.00 14.94  ? 1353 TYR A CD2 1 
ATOM   335  C CE1 . TYR A 1 62  ? -0.450  -1.734  15.564  1.00 14.58  ? 1353 TYR A CE1 1 
ATOM   336  C CE2 . TYR A 1 62  ? -1.180  -3.831  14.666  1.00 13.80  ? 1353 TYR A CE2 1 
ATOM   337  C CZ  . TYR A 1 62  ? -0.797  -2.517  14.474  1.00 14.11  ? 1353 TYR A CZ  1 
ATOM   338  O OH  . TYR A 1 62  ? -0.795  -2.019  13.197  1.00 13.12  ? 1353 TYR A OH  1 
ATOM   339  N N   . ARG A 1 63  ? -3.802  -5.026  19.139  1.00 18.14  ? 1354 ARG A N   1 
ATOM   340  C CA  . ARG A 1 63  ? -5.102  -5.517  18.669  1.00 19.13  ? 1354 ARG A CA  1 
ATOM   341  C C   . ARG A 1 63  ? -6.286  -4.994  19.480  1.00 18.57  ? 1354 ARG A C   1 
ATOM   342  O O   . ARG A 1 63  ? -7.393  -5.154  18.992  1.00 20.69  ? 1354 ARG A O   1 
ATOM   343  C CB  . ARG A 1 63  ? -5.166  -7.042  18.571  1.00 21.78  ? 1354 ARG A CB  1 
ATOM   344  C CG  . ARG A 1 63  ? -4.134  -7.596  17.599  1.00 25.61  ? 1354 ARG A CG  1 
ATOM   345  C CD  . ARG A 1 63  ? -4.341  -7.108  16.162  1.00 26.01  ? 1354 ARG A CD  1 
ATOM   346  N NE  . ARG A 1 63  ? -5.669  -7.469  15.711  1.00 28.87  ? 1354 ARG A NE  1 
ATOM   347  C CZ  . ARG A 1 63  ? -6.009  -8.663  15.236  1.00 33.25  ? 1354 ARG A CZ  1 
ATOM   348  N NH1 . ARG A 1 63  ? -5.106  -9.623  15.112  1.00 34.35  ? 1354 ARG A NH1 1 
ATOM   349  N NH2 . ARG A 1 63  ? -7.259  -8.888  14.886  1.00 34.05  ? 1354 ARG A NH2 1 
ATOM   350  N N   . ASP A 1 64  ? -6.047  -4.255  20.566  1.00 19.89  ? 1355 ASP A N   1 
ATOM   351  C CA  . ASP A 1 64  ? -7.121  -3.507  21.263  1.00 20.83  ? 1355 ASP A CA  1 
ATOM   352  C C   . ASP A 1 64  ? -7.464  -2.250  20.462  1.00 20.98  ? 1355 ASP A C   1 
ATOM   353  O O   . ASP A 1 64  ? -8.569  -1.719  20.641  1.00 25.08  ? 1355 ASP A O   1 
ATOM   354  C CB  . ASP A 1 64  ? -6.714  -3.056  22.659  1.00 21.07  ? 1355 ASP A CB  1 
ATOM   355  C CG  . ASP A 1 64  ? -6.273  -4.174  23.585  1.00 22.69  ? 1355 ASP A CG  1 
ATOM   356  O OD1 . ASP A 1 64  ? -6.593  -5.347  23.321  1.00 26.74  ? 1355 ASP A OD1 1 
ATOM   357  O OD2 . ASP A 1 64  ? -5.557  -3.858  24.528  1.00 25.20  ? 1355 ASP A OD2 1 
ATOM   358  N N   . ILE A 1 65  ? -6.502  -1.747  19.672  1.00 19.44  ? 1356 ILE A N   1 
ATOM   359  C CA  . ILE A 1 65  ? -6.618  -0.474  18.898  1.00 18.24  ? 1356 ILE A CA  1 
ATOM   360  C C   . ILE A 1 65  ? -6.884  -0.770  17.420  1.00 17.62  ? 1356 ILE A C   1 
ATOM   361  O O   . ILE A 1 65  ? -7.798  -0.112  16.824  1.00 20.98  ? 1356 ILE A O   1 
ATOM   362  C CB  . ILE A 1 65  ? -5.378  0.398   19.146  1.00 19.41  ? 1356 ILE A CB  1 
ATOM   363  C CG1 . ILE A 1 65  ? -5.185  0.636   20.645  1.00 20.28  ? 1356 ILE A CG1 1 
ATOM   364  C CG2 . ILE A 1 65  ? -5.443  1.733   18.416  1.00 18.29  ? 1356 ILE A CG2 1 
ATOM   365  C CD1 . ILE A 1 65  ? -3.829  0.775   21.050  1.00 26.73  ? 1356 ILE A CD1 1 
ATOM   366  N N   . ILE A 1 66  ? -6.261  -1.797  16.873  1.00 17.67  ? 1357 ILE A N   1 
ATOM   367  C CA  . ILE A 1 66  ? -6.234  -2.076  15.414  1.00 17.57  ? 1357 ILE A CA  1 
ATOM   368  C C   . ILE A 1 66  ? -7.025  -3.348  15.136  1.00 17.77  ? 1357 ILE A C   1 
ATOM   369  O O   . ILE A 1 66  ? -6.572  -4.446  15.515  1.00 19.76  ? 1357 ILE A O   1 
ATOM   370  C CB  . ILE A 1 66  ? -4.766  -2.154  14.930  1.00 15.65  ? 1357 ILE A CB  1 
ATOM   371  C CG1 . ILE A 1 66  ? -4.018  -0.840  15.172  1.00 17.18  ? 1357 ILE A CG1 1 
ATOM   372  C CG2 . ILE A 1 66  ? -4.720  -2.632  13.469  1.00 17.63  ? 1357 ILE A CG2 1 
ATOM   373  C CD1 . ILE A 1 66  ? -4.623  0.340   14.530  1.00 17.13  ? 1357 ILE A CD1 1 
ATOM   374  N N   . ASP A 1 67  ? -8.122  -3.191  14.397  1.00 20.58  ? 1358 ASP A N   1 
ATOM   375  C CA  . ASP A 1 67  ? -9.019  -4.326  14.059  1.00 22.02  ? 1358 ASP A CA  1 
ATOM   376  C C   . ASP A 1 67  ? -8.426  -5.204  12.953  1.00 19.49  ? 1358 ASP A C   1 
ATOM   377  O O   . ASP A 1 67  ? -8.687  -6.400  12.900  1.00 22.66  ? 1358 ASP A O   1 
ATOM   378  C CB  . ASP A 1 67  ? -10.340 -3.805  13.486  1.00 24.79  ? 1358 ASP A CB  1 
ATOM   379  C CG  . ASP A 1 67  ? -11.437 -3.426  14.464  1.00 32.07  ? 1358 ASP A CG  1 
ATOM   380  O OD1 . ASP A 1 67  ? -11.125 -2.992  15.593  1.00 34.31  ? 1358 ASP A OD1 1 
ATOM   381  O OD2 . ASP A 1 67  ? -12.610 -3.538  14.063  1.00 42.35  ? 1358 ASP A OD2 1 
ATOM   382  N N   . THR A 1 68  ? -7.749  -4.584  11.955  1.00 18.55  ? 1359 THR A N   1 
ATOM   383  C CA  . THR A 1 68  ? -7.312  -5.299  10.736  1.00 17.95  ? 1359 THR A CA  1 
ATOM   384  C C   . THR A 1 68  ? -5.839  -4.975  10.454  1.00 15.81  ? 1359 THR A C   1 
ATOM   385  O O   . THR A 1 68  ? -5.552  -3.972  9.750   1.00 16.26  ? 1359 THR A O   1 
ATOM   386  C CB  . THR A 1 68  ? -8.172  -4.935  9.518   1.00 18.68  ? 1359 THR A CB  1 
ATOM   387  O OG1 . THR A 1 68  ? -9.556  -5.125  9.859   1.00 22.32  ? 1359 THR A OG1 1 
ATOM   388  C CG2 . THR A 1 68  ? -7.865  -5.782  8.309   1.00 20.23  ? 1359 THR A CG2 1 
ATOM   389  N N   . PRO A 1 69  ? -4.898  -5.762  10.983  1.00 14.53  ? 1360 PRO A N   1 
ATOM   390  C CA  . PRO A 1 69  ? -3.477  -5.556  10.684  1.00 15.27  ? 1360 PRO A CA  1 
ATOM   391  C C   . PRO A 1 69  ? -3.196  -5.669  9.183   1.00 13.70  ? 1360 PRO A C   1 
ATOM   392  O O   . PRO A 1 69  ? -3.871  -6.390  8.448   1.00 15.54  ? 1360 PRO A O   1 
ATOM   393  C CB  . PRO A 1 69  ? -2.762  -6.666  11.458  1.00 17.12  ? 1360 PRO A CB  1 
ATOM   394  C CG  . PRO A 1 69  ? -3.745  -7.013  12.574  1.00 19.86  ? 1360 PRO A CG  1 
ATOM   395  C CD  . PRO A 1 69  ? -5.118  -6.914  11.917  1.00 17.32  ? 1360 PRO A CD  1 
ATOM   396  N N   . MET A 1 70  ? -2.202  -4.904  8.723   1.00 12.89  ? 1361 MET A N   1 
ATOM   397  C CA  . MET A 1 70  ? -1.756  -4.993  7.307   1.00 12.65  ? 1361 MET A CA  1 
ATOM   398  C C   . MET A 1 70  ? -0.284  -4.575  7.235   1.00 11.34  ? 1361 MET A C   1 
ATOM   399  O O   . MET A 1 70  ? 0.147   -3.750  8.011   1.00 12.07  ? 1361 MET A O   1 
ATOM   400  C CB  . MET A 1 70  ? -2.641  -4.128  6.382   1.00 12.56  ? 1361 MET A CB  1 
ATOM   401  C CG  . MET A 1 70  ? -2.406  -4.330  4.892   1.00 12.11  ? 1361 MET A CG  1 
ATOM   402  S SD  . MET A 1 70  ? -2.483  -5.992  4.289   1.00 13.14  ? 1361 MET A SD  1 
ATOM   403  C CE  . MET A 1 70  ? -4.151  -6.475  4.745   1.00 15.17  ? 1361 MET A CE  1 
ATOM   404  N N   . ASP A 1 71  ? 0.442   -5.177  6.316   1.00 11.43  ? 1362 ASP A N   1 
ATOM   405  C CA  . ASP A 1 71  ? 1.869   -4.867  6.119   1.00 11.29  ? 1362 ASP A CA  1 
ATOM   406  C C   . ASP A 1 71  ? 2.213   -5.088  4.660   1.00 11.16  ? 1362 ASP A C   1 
ATOM   407  O O   . ASP A 1 71  ? 1.453   -5.758  3.920   1.00 11.79  ? 1362 ASP A O   1 
ATOM   408  C CB  . ASP A 1 71  ? 2.709   -5.734  7.059   1.00 13.17  ? 1362 ASP A CB  1 
ATOM   409  C CG  . ASP A 1 71  ? 2.607   -7.196  6.657   1.00 14.80  ? 1362 ASP A CG  1 
ATOM   410  O OD1 . ASP A 1 71  ? 1.580   -7.824  7.072   1.00 18.27  ? 1362 ASP A OD1 1 
ATOM   411  O OD2 . ASP A 1 71  ? 3.370   -7.631  5.810   1.00 16.43  ? 1362 ASP A OD2 1 
ATOM   412  N N   . PHE A 1 72  ? 3.416   -4.668  4.235   1.00 11.06  ? 1363 PHE A N   1 
ATOM   413  C CA  . PHE A 1 72  ? 3.771   -4.721  2.805   1.00 10.73  ? 1363 PHE A CA  1 
ATOM   414  C C   . PHE A 1 72  ? 4.102   -6.148  2.337   1.00 11.74  ? 1363 PHE A C   1 
ATOM   415  O O   . PHE A 1 72  ? 3.907   -6.411  1.161   1.00 11.60  ? 1363 PHE A O   1 
ATOM   416  C CB  . PHE A 1 72  ? 4.925   -3.766  2.492   1.00 11.35  ? 1363 PHE A CB  1 
ATOM   417  C CG  . PHE A 1 72  ? 4.491   -2.328  2.415   1.00 10.40  ? 1363 PHE A CG  1 
ATOM   418  C CD1 . PHE A 1 72  ? 3.784   -1.877  1.319   1.00 10.98  ? 1363 PHE A CD1 1 
ATOM   419  C CD2 . PHE A 1 72  ? 4.806   -1.415  3.400   1.00 11.76  ? 1363 PHE A CD2 1 
ATOM   420  C CE1 . PHE A 1 72  ? 3.342   -0.571  1.268   1.00 12.32  ? 1363 PHE A CE1 1 
ATOM   421  C CE2 . PHE A 1 72  ? 4.401   -0.105  3.309   1.00 11.67  ? 1363 PHE A CE2 1 
ATOM   422  C CZ  . PHE A 1 72  ? 3.645   0.295   2.260   1.00 11.26  ? 1363 PHE A CZ  1 
ATOM   423  N N   . ALA A 1 73  ? 4.576   -7.019  3.221   1.00 11.16  ? 1364 ALA A N   1 
ATOM   424  C CA  . ALA A 1 73  ? 4.781   -8.422  2.810   1.00 12.40  ? 1364 ALA A CA  1 
ATOM   425  C C   . ALA A 1 73  ? 3.434   -9.107  2.517   1.00 12.14  ? 1364 ALA A C   1 
ATOM   426  O O   . ALA A 1 73  ? 3.313   -9.831  1.485   1.00 13.15  ? 1364 ALA A O   1 
ATOM   427  C CB  . ALA A 1 73  ? 5.537   -9.205  3.888   1.00 14.01  ? 1364 ALA A CB  1 
ATOM   428  N N   . THR A 1 74  ? 2.411   -8.817  3.316   1.00 11.96  ? 1365 THR A N   1 
ATOM   429  C CA  . THR A 1 74  ? 1.063   -9.344  3.046   1.00 11.74  ? 1365 THR A CA  1 
ATOM   430  C C   . THR A 1 74  ? 0.550   -8.790  1.713   1.00 10.94  ? 1365 THR A C   1 
ATOM   431  O O   . THR A 1 74  ? 0.002   -9.582  0.893   1.00 12.05  ? 1365 THR A O   1 
ATOM   432  C CB  . THR A 1 74  ? 0.103   -9.025  4.168   1.00 12.32  ? 1365 THR A CB  1 
ATOM   433  O OG1 . THR A 1 74  ? 0.590   -9.679  5.363   1.00 15.07  ? 1365 THR A OG1 1 
ATOM   434  C CG2 . THR A 1 74  ? -1.330  -9.462  3.914   1.00 13.12  ? 1365 THR A CG2 1 
ATOM   435  N N   . VAL A 1 75  ? 0.735   -7.507  1.461   1.00 10.95  ? 1366 VAL A N   1 
ATOM   436  C CA  . VAL A 1 75  ? 0.308   -6.941  0.148   1.00 10.96  ? 1366 VAL A CA  1 
ATOM   437  C C   . VAL A 1 75  ? 1.039   -7.616  -1.016  1.00 10.77  ? 1366 VAL A C   1 
ATOM   438  O O   . VAL A 1 75  ? 0.376   -8.039  -2.003  1.00 10.75  ? 1366 VAL A O   1 
ATOM   439  C CB  . VAL A 1 75  ? 0.474   -5.413  0.128   1.00 10.94  ? 1366 VAL A CB  1 
ATOM   440  C CG1 . VAL A 1 75  ? 0.176   -4.887  -1.254  1.00 11.14  ? 1366 VAL A CG1 1 
ATOM   441  C CG2 . VAL A 1 75  ? -0.373  -4.734  1.171   1.00 11.46  ? 1366 VAL A CG2 1 
ATOM   442  N N   . ARG A 1 76  ? 2.347   -7.796  -0.945  1.00 10.36  ? 1367 ARG A N   1 
ATOM   443  C CA  . ARG A 1 76  ? 3.108   -8.433  -2.027  1.00 12.76  ? 1367 ARG A CA  1 
ATOM   444  C C   . ARG A 1 76  ? 2.655   -9.888  -2.227  1.00 11.60  ? 1367 ARG A C   1 
ATOM   445  O O   . ARG A 1 76  ? 2.507   -10.327 -3.398  1.00 12.24  ? 1367 ARG A O   1 
ATOM   446  C CB  . ARG A 1 76  ? 4.588   -8.388  -1.667  1.00 14.16  ? 1367 ARG A CB  1 
ATOM   447  C CG  . ARG A 1 76  ? 5.529   -9.042  -2.663  1.00 18.15  ? 1367 ARG A CG  1 
ATOM   448  C CD  . ARG A 1 76  ? 6.940   -8.856  -2.100  1.00 24.47  ? 1367 ARG A CD  1 
ATOM   449  N NE  . ARG A 1 76  ? 7.649   -7.729  -2.657  1.00 23.53  ? 1367 ARG A NE  1 
ATOM   450  C CZ  . ARG A 1 76  ? 8.866   -7.331  -2.255  1.00 23.86  ? 1367 ARG A CZ  1 
ATOM   451  N NH1 . ARG A 1 76  ? 9.410   -7.840  -1.158  1.00 22.18  ? 1367 ARG A NH1 1 
ATOM   452  N NH2 . ARG A 1 76  ? 9.485   -6.394  -2.931  1.00 26.86  ? 1367 ARG A NH2 1 
ATOM   453  N N   . GLU A 1 77  ? 2.455   -10.632 -1.144  1.00 11.78  ? 1368 GLU A N   1 
ATOM   454  C CA  . GLU A 1 77  ? 2.019   -12.041 -1.244  1.00 13.34  ? 1368 GLU A CA  1 
ATOM   455  C C   . GLU A 1 77  ? 0.625   -12.097 -1.873  1.00 12.26  ? 1368 GLU A C   1 
ATOM   456  O O   . GLU A 1 77  ? 0.329   -13.048 -2.637  1.00 13.03  ? 1368 GLU A O   1 
ATOM   457  C CB  . GLU A 1 77  ? 2.050   -12.662 0.147   1.00 16.62  ? 1368 GLU A CB  1 
ATOM   458  C CG  . GLU A 1 77  ? 3.447   -12.967 0.670   1.00 20.85  ? 1368 GLU A CG  1 
ATOM   459  C CD  . GLU A 1 77  ? 3.626   -12.999 2.189   1.00 30.03  ? 1368 GLU A CD  1 
ATOM   460  O OE1 . GLU A 1 77  ? 2.610   -13.135 2.927   1.00 38.09  ? 1368 GLU A OE1 1 
ATOM   461  O OE2 . GLU A 1 77  ? 4.808   -12.895 2.644   1.00 41.99  ? 1368 GLU A OE2 1 
ATOM   462  N N   . THR A 1 78  ? -0.292  -11.232 -1.503  1.00 11.94  ? 1369 THR A N   1 
ATOM   463  C CA  . THR A 1 78  ? -1.674  -11.212 -2.052  1.00 11.93  ? 1369 THR A CA  1 
ATOM   464  C C   . THR A 1 78  ? -1.608  -10.921 -3.558  1.00 12.10  ? 1369 THR A C   1 
ATOM   465  O O   . THR A 1 78  ? -2.310  -11.619 -4.387  1.00 12.21  ? 1369 THR A O   1 
ATOM   466  C CB  . THR A 1 78  ? -2.545  -10.171 -1.329  1.00 12.05  ? 1369 THR A CB  1 
ATOM   467  O OG1 . THR A 1 78  ? -2.570  -10.463 0.063   1.00 12.69  ? 1369 THR A OG1 1 
ATOM   468  C CG2 . THR A 1 78  ? -3.942  -10.097 -1.875  1.00 12.68  ? 1369 THR A CG2 1 
ATOM   469  N N   . LEU A 1 79  ? -0.777  -9.958  -3.977  1.00 10.68  ? 1370 LEU A N   1 
ATOM   470  C CA  . LEU A 1 79  ? -0.570  -9.669  -5.403  1.00 11.08  ? 1370 LEU A CA  1 
ATOM   471  C C   . LEU A 1 79  ? -0.046  -10.902 -6.130  1.00 11.45  ? 1370 LEU A C   1 
ATOM   472  O O   . LEU A 1 79  ? -0.574  -11.289 -7.245  1.00 11.63  ? 1370 LEU A O   1 
ATOM   473  C CB  . LEU A 1 79  ? 0.351   -8.448  -5.517  1.00 10.69  ? 1370 LEU A CB  1 
ATOM   474  C CG  . LEU A 1 79  ? 0.572   -7.902  -6.936  1.00 11.82  ? 1370 LEU A CG  1 
ATOM   475  C CD1 . LEU A 1 79  ? -0.709  -7.305  -7.514  1.00 11.06  ? 1370 LEU A CD1 1 
ATOM   476  C CD2 . LEU A 1 79  ? 1.687   -6.832  -6.904  1.00 13.07  ? 1370 LEU A CD2 1 
ATOM   477  N N   . GLU A 1 80  ? 1.039   -11.484 -5.632  1.00 12.35  ? 1371 GLU A N   1 
ATOM   478  C CA  . GLU A 1 80  ? 1.698   -12.641 -6.293  1.00 13.98  ? 1371 GLU A CA  1 
ATOM   479  C C   . GLU A 1 80  ? 0.831   -13.897 -6.290  1.00 13.34  ? 1371 GLU A C   1 
ATOM   480  O O   . GLU A 1 80  ? 0.970   -14.712 -7.230  1.00 15.23  ? 1371 GLU A O   1 
ATOM   481  C CB  . GLU A 1 80  ? 3.064   -12.890 -5.651  1.00 14.05  ? 1371 GLU A CB  1 
ATOM   482  C CG  . GLU A 1 80  ? 4.044   -11.826 -6.108  1.00 22.80  ? 1371 GLU A CG  1 
ATOM   483  C CD  . GLU A 1 80  ? 3.815   -11.528 -7.607  1.00 30.05  ? 1371 GLU A CD  1 
ATOM   484  O OE1 . GLU A 1 80  ? 3.972   -12.509 -8.422  1.00 32.74  ? 1371 GLU A OE1 1 
ATOM   485  O OE2 . GLU A 1 80  ? 3.324   -10.377 -7.979  1.00 25.26  ? 1371 GLU A OE2 1 
ATOM   486  N N   . ALA A 1 81  ? -0.068  -14.054 -5.358  1.00 13.42  ? 1372 ALA A N   1 
ATOM   487  C CA  . ALA A 1 81  ? -1.062  -15.161 -5.346  1.00 13.67  ? 1372 ALA A CA  1 
ATOM   488  C C   . ALA A 1 81  ? -2.141  -14.993 -6.424  1.00 13.95  ? 1372 ALA A C   1 
ATOM   489  O O   . ALA A 1 81  ? -2.943  -15.903 -6.658  1.00 14.51  ? 1372 ALA A O   1 
ATOM   490  C CB  . ALA A 1 81  ? -1.695  -15.287 -3.994  1.00 14.04  ? 1372 ALA A CB  1 
ATOM   491  N N   . GLY A 1 82  ? -2.238  -13.800 -7.054  1.00 13.12  ? 1373 GLY A N   1 
ATOM   492  C CA  . GLY A 1 82  ? -3.363  -13.497 -7.936  1.00 11.82  ? 1373 GLY A CA  1 
ATOM   493  C C   . GLY A 1 82  ? -4.639  -13.271 -7.202  1.00 11.99  ? 1373 GLY A C   1 
ATOM   494  O O   . GLY A 1 82  ? -5.721  -13.678 -7.674  1.00 13.26  ? 1373 GLY A O   1 
ATOM   495  N N   . ASN A 1 83  ? -4.594  -12.620 -6.022  1.00 11.39  ? 1374 ASN A N   1 
ATOM   496  C CA  . ASN A 1 83  ? -5.785  -12.410 -5.175  1.00 11.07  ? 1374 ASN A CA  1 
ATOM   497  C C   . ASN A 1 83  ? -6.162  -10.907 -5.066  1.00 11.22  ? 1374 ASN A C   1 
ATOM   498  O O   . ASN A 1 83  ? -7.038  -10.551 -4.296  1.00 12.61  ? 1374 ASN A O   1 
ATOM   499  C CB  . ASN A 1 83  ? -5.560  -13.015 -3.790  1.00 12.32  ? 1374 ASN A CB  1 
ATOM   500  C CG  . ASN A 1 83  ? -5.599  -14.532 -3.763  1.00 14.05  ? 1374 ASN A CG  1 
ATOM   501  O OD1 . ASN A 1 83  ? -5.354  -15.083 -2.685  1.00 17.79  ? 1374 ASN A OD1 1 
ATOM   502  N ND2 . ASN A 1 83  ? -5.875  -15.247 -4.846  1.00 14.01  ? 1374 ASN A ND2 1 
ATOM   503  N N   . TYR A 1 84  ? -5.549  -10.070 -5.916  1.00 12.42  ? 1375 TYR A N   1 
ATOM   504  C CA  . TYR A 1 84  ? -6.103  -8.727  -6.224  1.00 12.31  ? 1375 TYR A CA  1 
ATOM   505  C C   . TYR A 1 84  ? -6.710  -8.769  -7.634  1.00 12.08  ? 1375 TYR A C   1 
ATOM   506  O O   . TYR A 1 84  ? -6.059  -9.229  -8.558  1.00 13.33  ? 1375 TYR A O   1 
ATOM   507  C CB  . TYR A 1 84  ? -5.066  -7.598  -6.102  1.00 11.22  ? 1375 TYR A CB  1 
ATOM   508  C CG  . TYR A 1 84  ? -4.570  -7.283  -4.712  1.00 10.59  ? 1375 TYR A CG  1 
ATOM   509  C CD1 . TYR A 1 84  ? -5.470  -6.995  -3.715  1.00 10.91  ? 1375 TYR A CD1 1 
ATOM   510  C CD2 . TYR A 1 84  ? -3.220  -7.286  -4.404  1.00 10.91  ? 1375 TYR A CD2 1 
ATOM   511  C CE1 . TYR A 1 84  ? -5.046  -6.669  -2.439  1.00 10.85  ? 1375 TYR A CE1 1 
ATOM   512  C CE2 . TYR A 1 84  ? -2.769  -6.955  -3.142  1.00 10.86  ? 1375 TYR A CE2 1 
ATOM   513  C CZ  . TYR A 1 84  ? -3.687  -6.670  -2.162  1.00 10.93  ? 1375 TYR A CZ  1 
ATOM   514  O OH  . TYR A 1 84  ? -3.205  -6.366  -0.914  1.00 12.23  ? 1375 TYR A OH  1 
ATOM   515  N N   . GLU A 1 85  ? -7.922  -8.229  -7.784  1.00 13.47  ? 1376 GLU A N   1 
ATOM   516  C CA  . GLU A 1 85  ? -8.505  -8.091  -9.150  1.00 14.50  ? 1376 GLU A CA  1 
ATOM   517  C C   . GLU A 1 85  ? -8.174  -6.732  -9.773  1.00 14.46  ? 1376 GLU A C   1 
ATOM   518  O O   . GLU A 1 85  ? -8.260  -6.633  -11.012 1.00 18.26  ? 1376 GLU A O   1 
ATOM   519  C CB  . GLU A 1 85  ? -10.022 -8.241  -9.102  1.00 17.43  ? 1376 GLU A CB  1 
ATOM   520  C CG  . GLU A 1 85  ? -10.597 -8.289  -10.513 1.00 24.08  ? 1376 GLU A CG  1 
ATOM   521  C CD  . GLU A 1 85  ? -12.068 -8.611  -10.590 1.00 31.56  ? 1376 GLU A CD  1 
ATOM   522  O OE1 . GLU A 1 85  ? -12.730 -8.430  -9.554  1.00 35.35  ? 1376 GLU A OE1 1 
ATOM   523  O OE2 . GLU A 1 85  ? -12.518 -9.082  -11.685 1.00 33.95  ? 1376 GLU A OE2 1 
ATOM   524  N N   . SER A 1 86  ? -7.771  -5.719  -9.013  1.00 12.85  ? 1377 SER A N   1 
ATOM   525  C CA  . SER A 1 86  ? -7.545  -4.370  -9.565  1.00 12.29  ? 1377 SER A CA  1 
ATOM   526  C C   . SER A 1 86  ? -6.532  -3.683  -8.698  1.00 11.42  ? 1377 SER A C   1 
ATOM   527  O O   . SER A 1 86  ? -6.328  -4.040  -7.526  1.00 10.94  ? 1377 SER A O   1 
ATOM   528  C CB  . SER A 1 86  ? -8.817  -3.579  -9.577  1.00 13.01  ? 1377 SER A CB  1 
ATOM   529  O OG  . SER A 1 86  ? -9.214  -3.269  -8.245  1.00 13.62  ? 1377 SER A OG  1 
ATOM   530  N N   . PRO A 1 87  ? -5.903  -2.619  -9.229  1.00 11.32  ? 1378 PRO A N   1 
ATOM   531  C CA  . PRO A 1 87  ? -5.000  -1.836  -8.394  1.00 11.57  ? 1378 PRO A CA  1 
ATOM   532  C C   . PRO A 1 87  ? -5.730  -1.048  -7.302  1.00 10.84  ? 1378 PRO A C   1 
ATOM   533  O O   . PRO A 1 87  ? -5.078  -0.683  -6.311  1.00 11.09  ? 1378 PRO A O   1 
ATOM   534  C CB  . PRO A 1 87  ? -4.300  -0.876  -9.397  1.00 12.31  ? 1378 PRO A CB  1 
ATOM   535  C CG  . PRO A 1 87  ? -5.300  -0.766  -10.586 1.00 11.39  ? 1378 PRO A CG  1 
ATOM   536  C CD  . PRO A 1 87  ? -5.886  -2.173  -10.650 1.00 11.00  ? 1378 PRO A CD  1 
ATOM   537  N N   . MET A 1 88  ? -7.035  -0.770  -7.454  1.00 10.62  ? 1379 MET A N   1 
ATOM   538  C CA  . MET A 1 88  ? -7.844  -0.127  -6.390  1.00 11.09  ? 1379 MET A CA  1 
ATOM   539  C C   . MET A 1 88  ? -7.855  -0.974  -5.121  1.00 10.08  ? 1379 MET A C   1 
ATOM   540  O O   . MET A 1 88  ? -7.746  -0.448  -4.021  1.00 10.71  ? 1379 MET A O   1 
ATOM   541  C CB  . MET A 1 88  ? -9.285  0.181   -6.830  1.00 11.51  ? 1379 MET A CB  1 
ATOM   542  C CG  . MET A 1 88  ? -9.310  1.169   -7.992  1.00 12.60  ? 1379 MET A CG  1 
ATOM   543  S SD  . MET A 1 88  ? -9.099  0.483   -9.664  1.00 14.59  ? 1379 MET A SD  1 
ATOM   544  C CE  . MET A 1 88  ? -10.759 -0.157  -9.940  1.00 17.21  ? 1379 MET A CE  1 
ATOM   545  N N   . GLU A 1 89  ? -7.949  -2.301  -5.268  1.00 10.16  ? 1380 GLU A N   1 
ATOM   546  C CA  . GLU A 1 89  ? -7.947  -3.191  -4.107  1.00 11.16  ? 1380 GLU A CA  1 
ATOM   547  C C   . GLU A 1 89  ? -6.572  -3.127  -3.420  1.00 10.03  ? 1380 GLU A C   1 
ATOM   548  O O   . GLU A 1 89  ? -6.483  -3.137  -2.167  1.00 10.60  ? 1380 GLU A O   1 
ATOM   549  C CB  . GLU A 1 89  ? -8.258  -4.628  -4.539  1.00 11.96  ? 1380 GLU A CB  1 
ATOM   550  C CG  . GLU A 1 89  ? -9.694  -4.869  -4.940  1.00 13.24  ? 1380 GLU A CG  1 
ATOM   551  C CD  . GLU A 1 89  ? -9.966  -6.295  -5.385  1.00 14.71  ? 1380 GLU A CD  1 
ATOM   552  O OE1 . GLU A 1 89  ? -9.026  -7.054  -5.493  1.00 15.10  ? 1380 GLU A OE1 1 
ATOM   553  O OE2 . GLU A 1 89  ? -11.169 -6.614  -5.637  1.00 20.92  ? 1380 GLU A OE2 1 
ATOM   554  N N   . LEU A 1 90  ? -5.479  -3.192  -4.173  1.00 9.94   ? 1381 LEU A N   1 
ATOM   555  C CA  . LEU A 1 90  ? -4.115  -3.128  -3.601  1.00 10.50  ? 1381 LEU A CA  1 
ATOM   556  C C   . LEU A 1 90  ? -3.970  -1.787  -2.856  1.00 10.60  ? 1381 LEU A C   1 
ATOM   557  O O   . LEU A 1 90  ? -3.407  -1.717  -1.736  1.00 10.75  ? 1381 LEU A O   1 
ATOM   558  C CB  . LEU A 1 90  ? -3.061  -3.271  -4.710  1.00 10.63  ? 1381 LEU A CB  1 
ATOM   559  C CG  . LEU A 1 90  ? -1.598  -3.149  -4.242  1.00 11.11  ? 1381 LEU A CG  1 
ATOM   560  C CD1 . LEU A 1 90  ? -0.716  -4.114  -4.974  1.00 11.25  ? 1381 LEU A CD1 1 
ATOM   561  C CD2 . LEU A 1 90  ? -1.065  -1.737  -4.377  1.00 11.19  ? 1381 LEU A CD2 1 
ATOM   562  N N   A CYS A 1 91  ? -4.476  -0.702  -3.457  0.35 10.82  ? 1382 CYS A N   1 
ATOM   563  N N   B CYS A 1 91  ? -4.447  -0.691  -3.452  0.15 10.91  ? 1382 CYS A N   1 
ATOM   564  C CA  A CYS A 1 91  ? -4.349  0.668   -2.904  0.35 11.61  ? 1382 CYS A CA  1 
ATOM   565  C CA  B CYS A 1 91  ? -4.376  0.652   -2.819  0.15 11.34  ? 1382 CYS A CA  1 
ATOM   566  C C   A CYS A 1 91  ? -5.113  0.723   -1.567  0.35 11.53  ? 1382 CYS A C   1 
ATOM   567  C C   B CYS A 1 91  ? -5.078  0.645   -1.478  0.15 11.45  ? 1382 CYS A C   1 
ATOM   568  O O   A CYS A 1 91  ? -4.614  1.351   -0.618  0.35 11.54  ? 1382 CYS A O   1 
ATOM   569  O O   B CYS A 1 91  ? -4.551  1.238   -0.520  0.15 11.32  ? 1382 CYS A O   1 
ATOM   570  C CB  A CYS A 1 91  ? -4.793  1.689   -3.955  0.35 11.82  ? 1382 CYS A CB  1 
ATOM   571  C CB  B CYS A 1 91  ? -5.095  1.720   -3.616  0.15 11.56  ? 1382 CYS A CB  1 
ATOM   572  S SG  A CYS A 1 91  ? -4.544  3.423   -3.503  0.35 13.06  ? 1382 CYS A SG  1 
ATOM   573  S SG  B CYS A 1 91  ? -4.058  2.285   -4.967  0.15 12.10  ? 1382 CYS A SG  1 
ATOM   574  N N   . LYS A 1 92  ? -6.278  0.079   -1.455  1.00 11.61  ? 1383 LYS A N   1 
ATOM   575  C CA  . LYS A 1 92  ? -7.042  0.079   -0.201  1.00 12.56  ? 1383 LYS A CA  1 
ATOM   576  C C   . LYS A 1 92  ? -6.198  -0.602  0.904   1.00 11.51  ? 1383 LYS A C   1 
ATOM   577  O O   . LYS A 1 92  ? -6.160  -0.087  2.042   1.00 11.82  ? 1383 LYS A O   1 
ATOM   578  C CB  . LYS A 1 92  ? -8.362  -0.651  -0.468  1.00 13.21  ? 1383 LYS A CB  1 
ATOM   579  C CG  . LYS A 1 92  ? -9.249  -0.743  0.751   1.00 15.60  ? 1383 LYS A CG  1 
ATOM   580  C CD  . LYS A 1 92  ? -10.628 -1.264  0.416   1.00 21.00  ? 1383 LYS A CD  1 
ATOM   581  C CE  . LYS A 1 92  ? -11.441 -1.598  1.658   1.00 27.03  ? 1383 LYS A CE  1 
ATOM   582  N NZ  . LYS A 1 92  ? -12.781 -2.187  1.352   1.00 30.96  ? 1383 LYS A NZ  1 
ATOM   583  N N   . ASP A 1 93  ? -5.540  -1.718  0.626   1.00 10.74  ? 1384 ASP A N   1 
ATOM   584  C CA  . ASP A 1 93  ? -4.719  -2.405  1.646   1.00 10.60  ? 1384 ASP A CA  1 
ATOM   585  C C   . ASP A 1 93  ? -3.478  -1.568  2.034   1.00 9.37   ? 1384 ASP A C   1 
ATOM   586  O O   . ASP A 1 93  ? -3.144  -1.469  3.198   1.00 9.57   ? 1384 ASP A O   1 
ATOM   587  C CB  . ASP A 1 93  ? -4.305  -3.796  1.180   1.00 11.24  ? 1384 ASP A CB  1 
ATOM   588  C CG  . ASP A 1 93  ? -5.379  -4.869  1.329   1.00 13.74  ? 1384 ASP A CG  1 
ATOM   589  O OD1 . ASP A 1 93  ? -6.453  -4.554  1.919   1.00 17.60  ? 1384 ASP A OD1 1 
ATOM   590  O OD2 . ASP A 1 93  ? -5.171  -5.982  0.829   1.00 13.65  ? 1384 ASP A OD2 1 
ATOM   591  N N   . VAL A 1 94  ? -2.818  -0.920  1.054   1.00 9.36   ? 1385 VAL A N   1 
ATOM   592  C CA  . VAL A 1 94  ? -1.643  -0.047  1.387   1.00 9.26   ? 1385 VAL A CA  1 
ATOM   593  C C   . VAL A 1 94  ? -2.127  1.125   2.265   1.00 9.26   ? 1385 VAL A C   1 
ATOM   594  O O   . VAL A 1 94  ? -1.491  1.430   3.281   1.00 10.39  ? 1385 VAL A O   1 
ATOM   595  C CB  . VAL A 1 94  ? -0.898  0.411   0.139   1.00 9.85   ? 1385 VAL A CB  1 
ATOM   596  C CG1 . VAL A 1 94  ? 0.130   1.473   0.476   1.00 10.37  ? 1385 VAL A CG1 1 
ATOM   597  C CG2 . VAL A 1 94  ? -0.268  -0.767  -0.588  1.00 9.93   ? 1385 VAL A CG2 1 
ATOM   598  N N   . ARG A 1 95  ? -3.298  1.714   1.930   1.00 9.15   ? 1386 ARG A N   1 
ATOM   599  C CA  . ARG A 1 95  ? -3.756  2.858   2.713   1.00 9.43   ? 1386 ARG A CA  1 
ATOM   600  C C   . ARG A 1 95  ? -4.126  2.381   4.127   1.00 10.12  ? 1386 ARG A C   1 
ATOM   601  O O   . ARG A 1 95  ? -3.967  3.178   5.084   1.00 11.03  ? 1386 ARG A O   1 
ATOM   602  C CB  . ARG A 1 95  ? -4.918  3.529   1.987   1.00 10.29  ? 1386 ARG A CB  1 
ATOM   603  C CG  . ARG A 1 95  ? -4.427  4.308   0.774   1.00 11.04  ? 1386 ARG A CG  1 
ATOM   604  C CD  . ARG A 1 95  ? -5.594  4.783   -0.066  1.00 13.28  ? 1386 ARG A CD  1 
ATOM   605  N NE  . ARG A 1 95  ? -5.141  5.632   -1.163  1.00 14.88  ? 1386 ARG A NE  1 
ATOM   606  C CZ  . ARG A 1 95  ? -5.915  6.111   -2.151  1.00 18.41  ? 1386 ARG A CZ  1 
ATOM   607  N NH1 . ARG A 1 95  ? -7.175  5.700   -2.276  1.00 18.72  ? 1386 ARG A NH1 1 
ATOM   608  N NH2 . ARG A 1 95  ? -5.399  6.951   -3.037  1.00 20.41  ? 1386 ARG A NH2 1 
ATOM   609  N N   . LEU A 1 96  ? -4.501  1.124   4.328   1.00 9.67   ? 1387 LEU A N   1 
ATOM   610  C CA  . LEU A 1 96  ? -4.801  0.550   5.671   1.00 10.57  ? 1387 LEU A CA  1 
ATOM   611  C C   . LEU A 1 96  ? -3.513  0.462   6.481   1.00 10.13  ? 1387 LEU A C   1 
ATOM   612  O O   . LEU A 1 96  ? -3.502  0.700   7.690   1.00 10.78  ? 1387 LEU A O   1 
ATOM   613  C CB  . LEU A 1 96  ? -5.437  -0.821  5.491   1.00 11.08  ? 1387 LEU A CB  1 
ATOM   614  C CG  . LEU A 1 96  ? -5.770  -1.585  6.757   1.00 12.48  ? 1387 LEU A CG  1 
ATOM   615  C CD1 . LEU A 1 96  ? -6.751  -0.840  7.621   1.00 12.77  ? 1387 LEU A CD1 1 
ATOM   616  C CD2 . LEU A 1 96  ? -6.336  -2.953  6.432   1.00 12.34  ? 1387 LEU A CD2 1 
ATOM   617  N N   . ILE A 1 97  ? -2.362  0.153   5.856   1.00 10.00  ? 1388 ILE A N   1 
ATOM   618  C CA  . ILE A 1 97  ? -1.050  0.188   6.585   1.00 9.62   ? 1388 ILE A CA  1 
ATOM   619  C C   . ILE A 1 97  ? -0.915  1.561   7.240   1.00 9.56   ? 1388 ILE A C   1 
ATOM   620  O O   . ILE A 1 97  ? -0.539  1.701   8.422   1.00 10.91  ? 1388 ILE A O   1 
ATOM   621  C CB  . ILE A 1 97  ? 0.127   -0.120  5.637   1.00 10.33  ? 1388 ILE A CB  1 
ATOM   622  C CG1 . ILE A 1 97  ? -0.018  -1.525  5.068   1.00 10.15  ? 1388 ILE A CG1 1 
ATOM   623  C CG2 . ILE A 1 97  ? 1.444   0.055   6.365   1.00 11.30  ? 1388 ILE A CG2 1 
ATOM   624  C CD1 . ILE A 1 97  ? 0.991   -1.868  3.970   1.00 10.45  ? 1388 ILE A CD1 1 
ATOM   625  N N   . PHE A 1 98  ? -1.158  2.610   6.466   1.00 10.12  ? 1389 PHE A N   1 
ATOM   626  C CA  . PHE A 1 98  ? -0.902  3.988   6.930   1.00 10.23  ? 1389 PHE A CA  1 
ATOM   627  C C   . PHE A 1 98  ? -1.980  4.420   7.937   1.00 10.35  ? 1389 PHE A C   1 
ATOM   628  O O   . PHE A 1 98  ? -1.641  5.074   8.939   1.00 11.13  ? 1389 PHE A O   1 
ATOM   629  C CB  . PHE A 1 98  ? -0.817  4.946   5.731   1.00 10.83  ? 1389 PHE A CB  1 
ATOM   630  C CG  . PHE A 1 98  ? 0.315   4.589   4.787   1.00 10.92  ? 1389 PHE A CG  1 
ATOM   631  C CD1 . PHE A 1 98  ? 1.598   4.284   5.231   1.00 12.59  ? 1389 PHE A CD1 1 
ATOM   632  C CD2 . PHE A 1 98  ? 0.082   4.497   3.432   1.00 11.61  ? 1389 PHE A CD2 1 
ATOM   633  C CE1 . PHE A 1 98  ? 2.656   3.979   4.354   1.00 14.20  ? 1389 PHE A CE1 1 
ATOM   634  C CE2 . PHE A 1 98  ? 1.146   4.199   2.573   1.00 12.74  ? 1389 PHE A CE2 1 
ATOM   635  C CZ  . PHE A 1 98  ? 2.391   3.943   3.046   1.00 13.42  ? 1389 PHE A CZ  1 
ATOM   636  N N   . SER A 1 99  ? -3.246  4.080   7.726   1.00 11.23  ? 1390 SER A N   1 
ATOM   637  C CA  . SER A 1 99  ? -4.289  4.467   8.709   1.00 11.30  ? 1390 SER A CA  1 
ATOM   638  C C   . SER A 1 99  ? -4.076  3.719   10.031  1.00 11.69  ? 1390 SER A C   1 
ATOM   639  O O   . SER A 1 99  ? -4.311  4.328   11.126  1.00 11.44  ? 1390 SER A O   1 
ATOM   640  C CB  . SER A 1 99  ? -5.686  4.294   8.176   1.00 11.73  ? 1390 SER A CB  1 
ATOM   641  O OG  . SER A 1 99  ? -5.988  2.976   7.835   1.00 13.12  ? 1390 SER A OG  1 
ATOM   642  N N   . ASN A 1 100 ? -3.605  2.489   9.975   1.00 11.13  ? 1391 ASN A N   1 
ATOM   643  C CA  . ASN A 1 100 ? -3.258  1.738   11.209  1.00 12.10  ? 1391 ASN A CA  1 
ATOM   644  C C   . ASN A 1 100 ? -2.163  2.493   11.963  1.00 12.24  ? 1391 ASN A C   1 
ATOM   645  O O   . ASN A 1 100 ? -2.252  2.648   13.227  1.00 13.71  ? 1391 ASN A O   1 
ATOM   646  C CB  . ASN A 1 100 ? -2.866  0.291   10.981  1.00 11.89  ? 1391 ASN A CB  1 
ATOM   647  C CG  . ASN A 1 100 ? -4.012  -0.609  10.572  1.00 11.83  ? 1391 ASN A CG  1 
ATOM   648  O OD1 . ASN A 1 100 ? -5.193  -0.242  10.742  1.00 12.29  ? 1391 ASN A OD1 1 
ATOM   649  N ND2 . ASN A 1 100 ? -3.703  -1.781  10.108  1.00 12.02  ? 1391 ASN A ND2 1 
ATOM   650  N N   . SER A 1 101 ? -1.102  2.945   11.292  1.00 11.39  ? 1392 SER A N   1 
ATOM   651  C CA  . SER A 1 101 ? -0.024  3.683   11.982  1.00 11.15  ? 1392 SER A CA  1 
ATOM   652  C C   . SER A 1 101 ? -0.577  4.946   12.647  1.00 11.59  ? 1392 SER A C   1 
ATOM   653  O O   . SER A 1 101 ? -0.226  5.293   13.802  1.00 11.67  ? 1392 SER A O   1 
ATOM   654  C CB  . SER A 1 101 ? 1.107   3.945   11.007  1.00 10.84  ? 1392 SER A CB  1 
ATOM   655  O OG  . SER A 1 101 ? 2.197   4.566   11.670  1.00 12.52  ? 1392 SER A OG  1 
ATOM   656  N N   . LYS A 1 102 ? -1.398  5.713   11.952  1.00 12.12  ? 1393 LYS A N   1 
ATOM   657  C CA  . LYS A 1 102 ? -2.000  6.948   12.505  1.00 12.48  ? 1393 LYS A CA  1 
ATOM   658  C C   . LYS A 1 102 ? -2.907  6.637   13.705  1.00 13.09  ? 1393 LYS A C   1 
ATOM   659  O O   . LYS A 1 102 ? -2.895  7.430   14.691  1.00 13.95  ? 1393 LYS A O   1 
ATOM   660  C CB  . LYS A 1 102 ? -2.802  7.630   11.401  1.00 12.67  ? 1393 LYS A CB  1 
ATOM   661  C CG  . LYS A 1 102 ? -3.288  9.042   11.749  1.00 14.31  ? 1393 LYS A CG  1 
ATOM   662  C CD  . LYS A 1 102 ? -3.882  9.760   10.588  1.00 15.16  ? 1393 LYS A CD  1 
ATOM   663  C CE  . LYS A 1 102 ? -4.185  11.204  10.908  1.00 16.61  ? 1393 LYS A CE  1 
ATOM   664  N NZ  . LYS A 1 102 ? -4.756  11.904  9.739   1.00 18.74  ? 1393 LYS A NZ  1 
ATOM   665  N N   . ALA A 1 103 ? -3.616  5.519   13.693  1.00 13.03  ? 1394 ALA A N   1 
ATOM   666  C CA  . ALA A 1 103 ? -4.518  5.159   14.812  1.00 13.52  ? 1394 ALA A CA  1 
ATOM   667  C C   . ALA A 1 103 ? -3.728  4.555   15.984  1.00 13.74  ? 1394 ALA A C   1 
ATOM   668  O O   . ALA A 1 103 ? -4.103  4.770   17.161  1.00 13.81  ? 1394 ALA A O   1 
ATOM   669  C CB  . ALA A 1 103 ? -5.585  4.218   14.331  1.00 13.44  ? 1394 ALA A CB  1 
ATOM   670  N N   . TYR A 1 104 ? -2.646  3.820   15.741  1.00 13.22  ? 1395 TYR A N   1 
ATOM   671  C CA  . TYR A 1 104 ? -1.886  3.200   16.849  1.00 13.59  ? 1395 TYR A CA  1 
ATOM   672  C C   . TYR A 1 104 ? -0.925  4.204   17.498  1.00 13.13  ? 1395 TYR A C   1 
ATOM   673  O O   . TYR A 1 104 ? -0.533  3.990   18.670  1.00 14.11  ? 1395 TYR A O   1 
ATOM   674  C CB  . TYR A 1 104 ? -1.123  1.956   16.408  1.00 14.73  ? 1395 TYR A CB  1 
ATOM   675  C CG  . TYR A 1 104 ? -0.428  1.360   17.599  1.00 16.12  ? 1395 TYR A CG  1 
ATOM   676  C CD1 . TYR A 1 104 ? -1.159  0.871   18.666  1.00 16.67  ? 1395 TYR A CD1 1 
ATOM   677  C CD2 . TYR A 1 104 ? 0.950   1.388   17.711  1.00 17.36  ? 1395 TYR A CD2 1 
ATOM   678  C CE1 . TYR A 1 104 ? -0.541  0.386   19.810  1.00 16.90  ? 1395 TYR A CE1 1 
ATOM   679  C CE2 . TYR A 1 104 ? 1.585   0.904   18.843  1.00 18.24  ? 1395 TYR A CE2 1 
ATOM   680  C CZ  . TYR A 1 104 ? 0.839   0.373   19.881  1.00 17.50  ? 1395 TYR A CZ  1 
ATOM   681  O OH  . TYR A 1 104 ? 1.458   -0.086  21.006  1.00 17.21  ? 1395 TYR A OH  1 
ATOM   682  N N   . THR A 1 105 ? -0.541  5.275   16.814  1.00 13.13  ? 1396 THR A N   1 
ATOM   683  C CA  . THR A 1 105 ? 0.548   6.152   17.318  1.00 12.21  ? 1396 THR A CA  1 
ATOM   684  C C   . THR A 1 105 ? 0.077   6.867   18.589  1.00 13.51  ? 1396 THR A C   1 
ATOM   685  O O   . THR A 1 105 ? -1.077  7.312   18.666  1.00 13.55  ? 1396 THR A O   1 
ATOM   686  C CB  . THR A 1 105 ? 1.084   7.119   16.252  1.00 12.13  ? 1396 THR A CB  1 
ATOM   687  O OG1 . THR A 1 105 ? 2.280   7.686   16.781  1.00 12.23  ? 1396 THR A OG1 1 
ATOM   688  C CG2 . THR A 1 105 ? 0.117   8.216   15.871  1.00 12.56  ? 1396 THR A CG2 1 
ATOM   689  N N   . PRO A 1 106 ? 0.945   6.968   19.631  1.00 15.30  ? 1397 PRO A N   1 
ATOM   690  C CA  . PRO A 1 106 ? 0.608   7.732   20.834  1.00 15.20  ? 1397 PRO A CA  1 
ATOM   691  C C   . PRO A 1 106 ? 0.799   9.247   20.669  1.00 15.54  ? 1397 PRO A C   1 
ATOM   692  O O   . PRO A 1 106 ? 0.406   10.015  21.560  1.00 17.24  ? 1397 PRO A O   1 
ATOM   693  C CB  . PRO A 1 106 ? 1.603   7.210   21.885  1.00 16.68  ? 1397 PRO A CB  1 
ATOM   694  C CG  . PRO A 1 106 ? 2.799   6.736   21.100  1.00 16.49  ? 1397 PRO A CG  1 
ATOM   695  C CD  . PRO A 1 106 ? 2.248   6.285   19.761  1.00 15.44  ? 1397 PRO A CD  1 
ATOM   696  N N   . SER A 1 107 ? 1.476   9.652   19.589  1.00 15.63  ? 1398 SER A N   1 
ATOM   697  C CA  . SER A 1 107 ? 1.872   11.052  19.295  1.00 15.58  ? 1398 SER A CA  1 
ATOM   698  C C   . SER A 1 107 ? 1.970   11.249  17.781  1.00 15.62  ? 1398 SER A C   1 
ATOM   699  O O   . SER A 1 107 ? 2.462   10.330  17.073  1.00 15.14  ? 1398 SER A O   1 
ATOM   700  C CB  . SER A 1 107 ? 3.190   11.352  19.944  1.00 16.82  ? 1398 SER A CB  1 
ATOM   701  O OG  . SER A 1 107 ? 3.722   12.557  19.429  1.00 17.16  ? 1398 SER A OG  1 
ATOM   702  N N   . LYS A 1 108 ? 1.582   12.427  17.295  1.00 17.15  ? 1399 LYS A N   1 
ATOM   703  C CA  . LYS A 1 108 ? 1.730   12.756  15.855  1.00 17.90  ? 1399 LYS A CA  1 
ATOM   704  C C   . LYS A 1 108 ? 3.204   13.095  15.569  1.00 18.06  ? 1399 LYS A C   1 
ATOM   705  O O   . LYS A 1 108 ? 3.555   13.162  14.376  1.00 17.46  ? 1399 LYS A O   1 
ATOM   706  C CB  . LYS A 1 108 ? 0.665   13.780  15.438  1.00 19.88  ? 1399 LYS A CB  1 
ATOM   707  C CG  . LYS A 1 108 ? -0.711  13.142  15.236  1.00 22.14  ? 1399 LYS A CG  1 
ATOM   708  C CD  . LYS A 1 108 ? -1.827  14.050  14.776  1.00 24.28  ? 1399 LYS A CD  1 
ATOM   709  C CE  . LYS A 1 108 ? -3.057  13.271  14.348  1.00 26.11  ? 1399 LYS A CE  1 
ATOM   710  N NZ  . LYS A 1 108 ? -4.097  14.136  13.745  1.00 27.81  ? 1399 LYS A NZ  1 
ATOM   711  N N   . ARG A 1 109 ? 4.053   13.205  16.608  1.00 17.90  ? 1400 ARG A N   1 
ATOM   712  C CA  . ARG A 1 109 ? 5.525   13.447  16.530  1.00 21.43  ? 1400 ARG A CA  1 
ATOM   713  C C   . ARG A 1 109 ? 6.326   12.138  16.680  1.00 20.79  ? 1400 ARG A C   1 
ATOM   714  O O   . ARG A 1 109 ? 7.573   12.215  16.826  1.00 21.30  ? 1400 ARG A O   1 
ATOM   715  C CB  . ARG A 1 109 ? 5.930   14.446  17.619  1.00 24.24  ? 1400 ARG A CB  1 
ATOM   716  C CG  . ARG A 1 109 ? 5.306   15.825  17.455  1.00 27.42  ? 1400 ARG A CG  1 
ATOM   717  C CD  . ARG A 1 109 ? 5.705   16.798  18.552  1.00 30.60  ? 1400 ARG A CD  1 
ATOM   718  N NE  . ARG A 1 109 ? 7.112   16.638  18.886  1.00 32.89  ? 1400 ARG A NE  1 
ATOM   719  C CZ  . ARG A 1 109 ? 7.946   17.604  19.247  1.00 36.42  ? 1400 ARG A CZ  1 
ATOM   720  N NH1 . ARG A 1 109 ? 7.543   18.864  19.330  1.00 36.93  ? 1400 ARG A NH1 1 
ATOM   721  N NH2 . ARG A 1 109 ? 9.204   17.293  19.520  1.00 37.35  ? 1400 ARG A NH2 1 
ATOM   722  N N   . SER A 1 110 ? 5.660   10.985  16.683  1.00 19.66  ? 1401 SER A N   1 
ATOM   723  C CA  . SER A 1 110 ? 6.283   9.637   16.716  1.00 19.27  ? 1401 SER A CA  1 
ATOM   724  C C   . SER A 1 110 ? 7.302   9.474   15.572  1.00 16.75  ? 1401 SER A C   1 
ATOM   725  O O   . SER A 1 110 ? 7.020   9.874   14.420  1.00 15.80  ? 1401 SER A O   1 
ATOM   726  C CB  . SER A 1 110 ? 5.199   8.605   16.636  1.00 21.08  ? 1401 SER A CB  1 
ATOM   727  O OG  . SER A 1 110 ? 5.645   7.399   16.064  1.00 23.62  ? 1401 SER A OG  1 
ATOM   728  N N   . ARG A 1 111 ? 8.452   8.846   15.847  1.00 14.18  ? 1402 ARG A N   1 
ATOM   729  C CA  . ARG A 1 111 ? 9.414   8.378   14.813  1.00 14.68  ? 1402 ARG A CA  1 
ATOM   730  C C   . ARG A 1 111 ? 8.680   7.558   13.749  1.00 12.91  ? 1402 ARG A C   1 
ATOM   731  O O   . ARG A 1 111 ? 8.771   7.894   12.566  1.00 12.56  ? 1402 ARG A O   1 
ATOM   732  C CB  . ARG A 1 111 ? 10.501  7.502   15.448  1.00 15.05  ? 1402 ARG A CB  1 
ATOM   733  C CG  . ARG A 1 111 ? 11.424  6.820   14.447  1.00 15.99  ? 1402 ARG A CG  1 
ATOM   734  C CD  . ARG A 1 111 ? 12.353  7.795   13.740  1.00 16.93  ? 1402 ARG A CD  1 
ATOM   735  N NE  . ARG A 1 111 ? 13.091  7.233   12.605  1.00 17.92  ? 1402 ARG A NE  1 
ATOM   736  C CZ  . ARG A 1 111 ? 14.321  6.717   12.632  1.00 18.16  ? 1402 ARG A CZ  1 
ATOM   737  N NH1 . ARG A 1 111 ? 15.041  6.706   13.742  1.00 19.96  ? 1402 ARG A NH1 1 
ATOM   738  N NH2 . ARG A 1 111 ? 14.853  6.244   11.513  1.00 19.33  ? 1402 ARG A NH2 1 
ATOM   739  N N   . ILE A 1 112 ? 8.038   6.478   14.168  1.00 11.62  ? 1403 ILE A N   1 
ATOM   740  C CA  . ILE A 1 112 ? 7.438   5.465   13.237  1.00 11.47  ? 1403 ILE A CA  1 
ATOM   741  C C   . ILE A 1 112 ? 6.254   6.103   12.483  1.00 12.09  ? 1403 ILE A C   1 
ATOM   742  O O   . ILE A 1 112 ? 6.164   6.015   11.242  1.00 11.02  ? 1403 ILE A O   1 
ATOM   743  C CB  . ILE A 1 112 ? 7.068   4.164   13.992  1.00 11.47  ? 1403 ILE A CB  1 
ATOM   744  C CG1 . ILE A 1 112 ? 8.323   3.403   14.439  1.00 11.71  ? 1403 ILE A CG1 1 
ATOM   745  C CG2 . ILE A 1 112 ? 6.193   3.286   13.108  1.00 12.56  ? 1403 ILE A CG2 1 
ATOM   746  C CD1 . ILE A 1 112 ? 8.114   2.289   15.469  1.00 12.18  ? 1403 ILE A CD1 1 
ATOM   747  N N   . TYR A 1 113 ? 5.377   6.836   13.150  1.00 12.13  ? 1404 TYR A N   1 
ATOM   748  C CA  . TYR A 1 113 ? 4.326   7.574   12.416  1.00 11.72  ? 1404 TYR A CA  1 
ATOM   749  C C   . TYR A 1 113 ? 4.913   8.536   11.396  1.00 11.86  ? 1404 TYR A C   1 
ATOM   750  O O   . TYR A 1 113 ? 4.416   8.638   10.275  1.00 11.29  ? 1404 TYR A O   1 
ATOM   751  C CB  . TYR A 1 113 ? 3.382   8.294   13.381  1.00 12.91  ? 1404 TYR A CB  1 
ATOM   752  C CG  . TYR A 1 113 ? 2.335   9.161   12.718  1.00 11.75  ? 1404 TYR A CG  1 
ATOM   753  C CD1 . TYR A 1 113 ? 1.362   8.567   11.933  1.00 13.35  ? 1404 TYR A CD1 1 
ATOM   754  C CD2 . TYR A 1 113 ? 2.296   10.537  12.929  1.00 13.17  ? 1404 TYR A CD2 1 
ATOM   755  C CE1 . TYR A 1 113 ? 0.394   9.360   11.317  1.00 13.57  ? 1404 TYR A CE1 1 
ATOM   756  C CE2 . TYR A 1 113 ? 1.324   11.314  12.349  1.00 14.64  ? 1404 TYR A CE2 1 
ATOM   757  C CZ  . TYR A 1 113 ? 0.358   10.715  11.560  1.00 13.44  ? 1404 TYR A CZ  1 
ATOM   758  O OH  . TYR A 1 113 ? -0.605  11.510  10.987  1.00 16.01  ? 1404 TYR A OH  1 
ATOM   759  N N   A SER A 1 114 ? 5.984   9.243   11.753  0.32 12.34  ? 1405 SER A N   1 
ATOM   760  N N   B SER A 1 114 ? 5.977   9.248   11.751  0.32 12.33  ? 1405 SER A N   1 
ATOM   761  C CA  A SER A 1 114 ? 6.652   10.200  10.835  0.32 13.35  ? 1405 SER A CA  1 
ATOM   762  C CA  B SER A 1 114 ? 6.625   10.210  10.826  0.32 13.32  ? 1405 SER A CA  1 
ATOM   763  C C   A SER A 1 114 ? 7.152   9.461   9.581   0.32 12.88  ? 1405 SER A C   1 
ATOM   764  C C   B SER A 1 114 ? 7.157   9.467   9.583   0.32 12.86  ? 1405 SER A C   1 
ATOM   765  O O   A SER A 1 114 ? 7.104   10.018  8.465   0.32 12.51  ? 1405 SER A O   1 
ATOM   766  O O   B SER A 1 114 ? 7.120   10.022  8.465   0.32 12.46  ? 1405 SER A O   1 
ATOM   767  C CB  A SER A 1 114 ? 7.783   10.961  11.500  0.32 13.82  ? 1405 SER A CB  1 
ATOM   768  C CB  B SER A 1 114 ? 7.711   11.006  11.509  0.32 13.80  ? 1405 SER A CB  1 
ATOM   769  O OG  A SER A 1 114 ? 8.947   10.159  11.661  0.32 15.37  ? 1405 SER A OG  1 
ATOM   770  O OG  B SER A 1 114 ? 7.167   11.842  12.529  0.32 15.36  ? 1405 SER A OG  1 
ATOM   771  N N   . MET A 1 115 ? 7.689   8.261   9.763   1.00 11.87  ? 1406 MET A N   1 
ATOM   772  C CA  . MET A 1 115 ? 8.174   7.414   8.635   1.00 12.64  ? 1406 MET A CA  1 
ATOM   773  C C   . MET A 1 115 ? 6.961   7.045   7.777   1.00 11.39  ? 1406 MET A C   1 
ATOM   774  O O   . MET A 1 115 ? 7.049   7.100   6.513   1.00 11.84  ? 1406 MET A O   1 
ATOM   775  C CB  . MET A 1 115 ? 8.833   6.150   9.152   1.00 13.07  ? 1406 MET A CB  1 
ATOM   776  C CG  . MET A 1 115 ? 10.171  6.385   9.825   1.00 13.94  ? 1406 MET A CG  1 
ATOM   777  S SD  . MET A 1 115 ? 10.795  5.063   10.890  1.00 14.99  ? 1406 MET A SD  1 
ATOM   778  C CE  . MET A 1 115 ? 11.527  4.045   9.635   1.00 17.23  ? 1406 MET A CE  1 
ATOM   779  N N   . SER A 1 116 ? 5.811   6.740   8.402   1.00 11.17  ? 1407 SER A N   1 
ATOM   780  C CA  . SER A 1 116 ? 4.589   6.370   7.655   1.00 10.86  ? 1407 SER A CA  1 
ATOM   781  C C   . SER A 1 116 ? 4.149   7.520   6.756   1.00 10.07  ? 1407 SER A C   1 
ATOM   782  O O   . SER A 1 116 ? 3.690   7.293   5.632   1.00 11.38  ? 1407 SER A O   1 
ATOM   783  C CB  . SER A 1 116 ? 3.461   5.898   8.577   1.00 11.86  ? 1407 SER A CB  1 
ATOM   784  O OG  . SER A 1 116 ? 2.663   6.941   9.087   1.00 11.90  ? 1407 SER A OG  1 
ATOM   785  N N   . LEU A 1 117 ? 4.248   8.754   7.220   1.00 10.98  ? 1408 LEU A N   1 
ATOM   786  C CA  . LEU A 1 117 ? 3.744   9.892   6.435   1.00 11.64  ? 1408 LEU A CA  1 
ATOM   787  C C   . LEU A 1 117 ? 4.634   10.136  5.211   1.00 11.34  ? 1408 LEU A C   1 
ATOM   788  O O   . LEU A 1 117 ? 4.117   10.452  4.101   1.00 11.17  ? 1408 LEU A O   1 
ATOM   789  C CB  . LEU A 1 117 ? 3.646   11.168  7.262   1.00 12.43  ? 1408 LEU A CB  1 
ATOM   790  C CG  . LEU A 1 117 ? 2.619   11.160  8.391   1.00 13.91  ? 1408 LEU A CG  1 
ATOM   791  C CD1 . LEU A 1 117 ? 2.680   12.520  9.064   1.00 16.88  ? 1408 LEU A CD1 1 
ATOM   792  C CD2 . LEU A 1 117 ? 1.227   10.880  7.881   1.00 15.99  ? 1408 LEU A CD2 1 
ATOM   793  N N   . ARG A 1 118 ? 5.960   10.003  5.350   1.00 11.61  ? 1409 ARG A N   1 
ATOM   794  C CA  . ARG A 1 118 ? 6.846   10.133  4.155   1.00 11.21  ? 1409 ARG A CA  1 
ATOM   795  C C   . ARG A 1 118 ? 6.538   8.991   3.185   1.00 10.44  ? 1409 ARG A C   1 
ATOM   796  O O   . ARG A 1 118 ? 6.463   9.217   1.945   1.00 11.39  ? 1409 ARG A O   1 
ATOM   797  C CB  . ARG A 1 118 ? 8.319   10.153  4.583   1.00 11.28  ? 1409 ARG A CB  1 
ATOM   798  C CG  . ARG A 1 118 ? 8.730   11.433  5.346   1.00 11.67  ? 1409 ARG A CG  1 
ATOM   799  C CD  . ARG A 1 118 ? 10.243  11.455  5.512   1.00 12.76  ? 1409 ARG A CD  1 
ATOM   800  N NE  . ARG A 1 118 ? 10.750  10.414  6.325   1.00 12.82  ? 1409 ARG A NE  1 
ATOM   801  C CZ  . ARG A 1 118 ? 11.066  10.466  7.618   1.00 14.22  ? 1409 ARG A CZ  1 
ATOM   802  N NH1 . ARG A 1 118 ? 10.885  11.559  8.308   1.00 16.49  ? 1409 ARG A NH1 1 
ATOM   803  N NH2 . ARG A 1 118 ? 11.536  9.365   8.191   1.00 16.22  ? 1409 ARG A NH2 1 
ATOM   804  N N   . LEU A 1 119 ? 6.421   7.787   3.669   1.00 10.20  ? 1410 LEU A N   1 
ATOM   805  C CA  . LEU A 1 119 ? 6.213   6.634   2.781   1.00 10.72  ? 1410 LEU A CA  1 
ATOM   806  C C   . LEU A 1 119 ? 4.867   6.760   2.072   1.00 10.35  ? 1410 LEU A C   1 
ATOM   807  O O   . LEU A 1 119 ? 4.777   6.402   0.862   1.00 10.46  ? 1410 LEU A O   1 
ATOM   808  C CB  . LEU A 1 119 ? 6.346   5.355   3.579   1.00 11.48  ? 1410 LEU A CB  1 
ATOM   809  C CG  . LEU A 1 119 ? 6.519   4.095   2.740   1.00 12.76  ? 1410 LEU A CG  1 
ATOM   810  C CD1 . LEU A 1 119 ? 7.881   4.096   2.039   1.00 15.38  ? 1410 LEU A CD1 1 
ATOM   811  C CD2 . LEU A 1 119 ? 6.436   2.882   3.644   1.00 13.06  ? 1410 LEU A CD2 1 
ATOM   812  N N   . SER A 1 120 ? 3.846   7.241   2.768   1.00 10.23  ? 1411 SER A N   1 
ATOM   813  C CA  . SER A 1 120 ? 2.520   7.441   2.174   1.00 11.14  ? 1411 SER A CA  1 
ATOM   814  C C   . SER A 1 120 ? 2.641   8.442   1.018   1.00 10.76  ? 1411 SER A C   1 
ATOM   815  O O   . SER A 1 120 ? 2.022   8.258   -0.045  1.00 10.61  ? 1411 SER A O   1 
ATOM   816  C CB  . SER A 1 120 ? 1.551   7.886   3.232   1.00 10.83  ? 1411 SER A CB  1 
ATOM   817  O OG  . SER A 1 120 ? 0.289   8.261   2.653   1.00 12.86  ? 1411 SER A OG  1 
ATOM   818  N N   . ALA A 1 121 ? 3.333   9.570   1.215   1.00 10.02  ? 1412 ALA A N   1 
ATOM   819  C CA  . ALA A 1 121 ? 3.473   10.596  0.152   1.00 10.60  ? 1412 ALA A CA  1 
ATOM   820  C C   . ALA A 1 121 ? 4.149   9.987   -1.067  1.00 10.00  ? 1412 ALA A C   1 
ATOM   821  O O   . ALA A 1 121 ? 3.759   10.220  -2.216  1.00 11.59  ? 1412 ALA A O   1 
ATOM   822  C CB  . ALA A 1 121 ? 4.241   11.784  0.690   1.00 11.75  ? 1412 ALA A CB  1 
ATOM   823  N N   . PHE A 1 122 ? 5.178   9.168   -0.844  1.00 10.83  ? 1413 PHE A N   1 
ATOM   824  C CA  . PHE A 1 122 ? 5.885   8.492   -1.954  1.00 10.54  ? 1413 PHE A CA  1 
ATOM   825  C C   . PHE A 1 122 ? 4.932   7.553   -2.687  1.00 10.88  ? 1413 PHE A C   1 
ATOM   826  O O   . PHE A 1 122 ? 4.855   7.517   -3.917  1.00 11.15  ? 1413 PHE A O   1 
ATOM   827  C CB  . PHE A 1 122 ? 7.117   7.789   -1.394  1.00 11.43  ? 1413 PHE A CB  1 
ATOM   828  C CG  . PHE A 1 122 ? 7.867   6.968   -2.400  1.00 12.64  ? 1413 PHE A CG  1 
ATOM   829  C CD1 . PHE A 1 122 ? 8.805   7.550   -3.244  1.00 15.49  ? 1413 PHE A CD1 1 
ATOM   830  C CD2 . PHE A 1 122 ? 7.648   5.602   -2.543  1.00 13.02  ? 1413 PHE A CD2 1 
ATOM   831  C CE1 . PHE A 1 122 ? 9.495   6.804   -4.190  1.00 17.69  ? 1413 PHE A CE1 1 
ATOM   832  C CE2 . PHE A 1 122 ? 8.391   4.861   -3.455  1.00 15.58  ? 1413 PHE A CE2 1 
ATOM   833  C CZ  . PHE A 1 122 ? 9.302   5.459   -4.291  1.00 16.06  ? 1413 PHE A CZ  1 
ATOM   834  N N   . PHE A 1 123 ? 4.191   6.739   -1.917  1.00 10.55  ? 1414 PHE A N   1 
ATOM   835  C CA  . PHE A 1 123 ? 3.253   5.758   -2.520  1.00 10.81  ? 1414 PHE A CA  1 
ATOM   836  C C   . PHE A 1 123 ? 2.188   6.490   -3.349  1.00 10.34  ? 1414 PHE A C   1 
ATOM   837  O O   . PHE A 1 123 ? 1.917   6.111   -4.503  1.00 10.28  ? 1414 PHE A O   1 
ATOM   838  C CB  . PHE A 1 123 ? 2.590   4.887   -1.420  1.00 10.85  ? 1414 PHE A CB  1 
ATOM   839  C CG  . PHE A 1 123 ? 1.479   3.993   -1.958  1.00 10.12  ? 1414 PHE A CG  1 
ATOM   840  C CD1 . PHE A 1 123 ? 1.780   2.853   -2.668  1.00 11.06  ? 1414 PHE A CD1 1 
ATOM   841  C CD2 . PHE A 1 123 ? 0.133   4.339   -1.776  1.00 11.57  ? 1414 PHE A CD2 1 
ATOM   842  C CE1 . PHE A 1 123 ? 0.751   2.082   -3.208  1.00 10.78  ? 1414 PHE A CE1 1 
ATOM   843  C CE2 . PHE A 1 123 ? -0.883  3.561   -2.326  1.00 11.58  ? 1414 PHE A CE2 1 
ATOM   844  C CZ  . PHE A 1 123 ? -0.555  2.438   -2.999  1.00 11.72  ? 1414 PHE A CZ  1 
ATOM   845  N N   . GLU A 1 124 ? 1.574   7.515   -2.807  1.00 10.37  ? 1415 GLU A N   1 
ATOM   846  C CA  . GLU A 1 124 ? 0.499   8.236   -3.512  1.00 11.45  ? 1415 GLU A CA  1 
ATOM   847  C C   . GLU A 1 124 ? 1.018   8.890   -4.787  1.00 11.55  ? 1415 GLU A C   1 
ATOM   848  O O   . GLU A 1 124 ? 0.321   8.898   -5.829  1.00 12.79  ? 1415 GLU A O   1 
ATOM   849  C CB  . GLU A 1 124 ? -0.160  9.254   -2.595  1.00 12.53  ? 1415 GLU A CB  1 
ATOM   850  C CG  . GLU A 1 124 ? -0.962  8.642   -1.443  1.00 13.57  ? 1415 GLU A CG  1 
ATOM   851  C CD  . GLU A 1 124 ? -2.181  7.800   -1.807  1.00 14.31  ? 1415 GLU A CD  1 
ATOM   852  O OE1 . GLU A 1 124 ? -2.767  8.060   -2.883  1.00 17.05  ? 1415 GLU A OE1 1 
ATOM   853  O OE2 . GLU A 1 124 ? -2.498  6.851   -1.077  1.00 14.33  ? 1415 GLU A OE2 1 
ATOM   854  N N   . GLU A 1 125 ? 2.241   9.433   -4.740  1.00 11.29  ? 1416 GLU A N   1 
ATOM   855  C CA  . GLU A 1 125 ? 2.863   10.054  -5.937  1.00 12.32  ? 1416 GLU A CA  1 
ATOM   856  C C   . GLU A 1 125 ? 2.965   9.044   -7.055  1.00 12.03  ? 1416 GLU A C   1 
ATOM   857  O O   . GLU A 1 125 ? 2.754   9.417   -8.240  1.00 13.38  ? 1416 GLU A O   1 
ATOM   858  C CB  . GLU A 1 125 ? 4.249   10.545  -5.517  1.00 11.66  ? 1416 GLU A CB  1 
ATOM   859  C CG  . GLU A 1 125 ? 5.093   11.154  -6.611  1.00 13.42  ? 1416 GLU A CG  1 
ATOM   860  C CD  . GLU A 1 125 ? 6.390   11.699  -6.001  1.00 14.09  ? 1416 GLU A CD  1 
ATOM   861  O OE1 . GLU A 1 125 ? 6.319   12.673  -5.177  1.00 14.92  ? 1416 GLU A OE1 1 
ATOM   862  O OE2 . GLU A 1 125 ? 7.473   11.077  -6.199  1.00 16.38  ? 1416 GLU A OE2 1 
ATOM   863  N N   . HIS A 1 126 ? 3.331   7.813   -6.757  1.00 11.73  ? 1417 HIS A N   1 
ATOM   864  C CA  . HIS A 1 126 ? 3.591   6.766   -7.766  1.00 12.76  ? 1417 HIS A CA  1 
ATOM   865  C C   . HIS A 1 126 ? 2.338   5.963   -8.154  1.00 12.36  ? 1417 HIS A C   1 
ATOM   866  O O   . HIS A 1 126 ? 2.217   5.538   -9.322  1.00 15.18  ? 1417 HIS A O   1 
ATOM   867  C CB  . HIS A 1 126 ? 4.713   5.827   -7.300  1.00 13.94  ? 1417 HIS A CB  1 
ATOM   868  C CG  . HIS A 1 126 ? 6.077   6.439   -7.366  1.00 17.80  ? 1417 HIS A CG  1 
ATOM   869  N ND1 . HIS A 1 126 ? 6.511   7.399   -6.490  1.00 18.12  ? 1417 HIS A ND1 1 
ATOM   870  C CD2 . HIS A 1 126 ? 7.087   6.180   -8.212  1.00 23.97  ? 1417 HIS A CD2 1 
ATOM   871  C CE1 . HIS A 1 126 ? 7.718   7.802   -6.882  1.00 22.14  ? 1417 HIS A CE1 1 
ATOM   872  N NE2 . HIS A 1 126 ? 8.120   7.004   -7.843  1.00 27.13  ? 1417 HIS A NE2 1 
ATOM   873  N N   . ILE A 1 127 ? 1.357   5.785   -7.263  1.00 11.64  ? 1418 ILE A N   1 
ATOM   874  C CA  . ILE A 1 127 ? 0.170   4.955   -7.581  1.00 12.41  ? 1418 ILE A CA  1 
ATOM   875  C C   . ILE A 1 127 ? -0.819  5.705   -8.481  1.00 11.91  ? 1418 ILE A C   1 
ATOM   876  O O   . ILE A 1 127 ? -1.603  5.073   -9.178  1.00 11.97  ? 1418 ILE A O   1 
ATOM   877  C CB  . ILE A 1 127 ? -0.512  4.440   -6.304  1.00 11.88  ? 1418 ILE A CB  1 
ATOM   878  C CG1 . ILE A 1 127 ? -1.364  3.189   -6.569  1.00 12.74  ? 1418 ILE A CG1 1 
ATOM   879  C CG2 . ILE A 1 127 ? -1.363  5.506   -5.657  1.00 12.87  ? 1418 ILE A CG2 1 
ATOM   880  C CD1 . ILE A 1 127 ? -0.610  1.967   -6.999  1.00 14.09  ? 1418 ILE A CD1 1 
ATOM   881  N N   A SER A 1 128 ? -0.788  7.036   -8.494  0.25 11.90  ? 1419 SER A N   1 
ATOM   882  N N   B SER A 1 128 ? -0.754  7.040   -8.486  0.25 12.30  ? 1419 SER A N   1 
ATOM   883  C CA  A SER A 1 128 ? -1.803  7.830   -9.238  0.25 12.14  ? 1419 SER A CA  1 
ATOM   884  C CA  B SER A 1 128 ? -1.697  7.902   -9.248  0.25 12.91  ? 1419 SER A CA  1 
ATOM   885  C C   A SER A 1 128 ? -1.814  7.464   -10.741 0.25 11.93  ? 1419 SER A C   1 
ATOM   886  C C   B SER A 1 128 ? -1.795  7.449   -10.715 0.25 12.47  ? 1419 SER A C   1 
ATOM   887  O O   A SER A 1 128 ? -2.918  7.289   -11.292 0.25 12.17  ? 1419 SER A O   1 
ATOM   888  O O   B SER A 1 128 ? -2.926  7.227   -11.199 0.25 13.12  ? 1419 SER A O   1 
ATOM   889  C CB  A SER A 1 128 ? -1.609  9.296   -8.989  0.25 12.52  ? 1419 SER A CB  1 
ATOM   890  C CB  B SER A 1 128 ? -1.317  9.359   -9.151  0.25 13.99  ? 1419 SER A CB  1 
ATOM   891  O OG  A SER A 1 128 ? -0.288  9.664   -9.315  0.25 14.07  ? 1419 SER A OG  1 
ATOM   892  O OG  B SER A 1 128 ? -2.254  10.148  -9.880  0.25 16.65  ? 1419 SER A OG  1 
ATOM   893  N N   . SER A 1 129 ? -0.661  7.310   -11.395 1.00 11.55  ? 1420 SER A N   1 
ATOM   894  C CA  . SER A 1 129 ? -0.643  6.972   -12.832 1.00 13.24  ? 1420 SER A CA  1 
ATOM   895  C C   . SER A 1 129 ? -1.098  5.516   -13.023 1.00 11.49  ? 1420 SER A C   1 
ATOM   896  O O   . SER A 1 129 ? -1.718  5.211   -14.071 1.00 12.13  ? 1420 SER A O   1 
ATOM   897  C CB  . SER A 1 129 ? 0.681   7.217   -13.478 1.00 14.87  ? 1420 SER A CB  1 
ATOM   898  O OG  . SER A 1 129 ? 1.686   6.428   -12.931 1.00 20.84  ? 1420 SER A OG  1 
ATOM   899  N N   . VAL A 1 130 ? -0.728  4.628   -12.105 1.00 10.48  ? 1421 VAL A N   1 
ATOM   900  C CA  . VAL A 1 130 ? -1.174  3.214   -12.183 1.00 10.89  ? 1421 VAL A CA  1 
ATOM   901  C C   . VAL A 1 130 ? -2.693  3.166   -12.176 1.00 10.84  ? 1421 VAL A C   1 
ATOM   902  O O   . VAL A 1 130 ? -3.319  2.444   -13.032 1.00 11.69  ? 1421 VAL A O   1 
ATOM   903  C CB  . VAL A 1 130 ? -0.596  2.383   -11.048 1.00 10.35  ? 1421 VAL A CB  1 
ATOM   904  C CG1 . VAL A 1 130 ? -1.083  0.951   -11.140 1.00 10.63  ? 1421 VAL A CG1 1 
ATOM   905  C CG2 . VAL A 1 130 ? 0.924   2.422   -11.103 1.00 11.77  ? 1421 VAL A CG2 1 
ATOM   906  N N   . LEU A 1 131 ? -3.366  3.865   -11.272 1.00 11.28  ? 1422 LEU A N   1 
ATOM   907  C CA  . LEU A 1 131 ? -4.845  3.887   -11.200 1.00 11.16  ? 1422 LEU A CA  1 
ATOM   908  C C   . LEU A 1 131 ? -5.451  4.509   -12.454 1.00 11.56  ? 1422 LEU A C   1 
ATOM   909  O O   . LEU A 1 131 ? -6.402  3.943   -13.035 1.00 12.27  ? 1422 LEU A O   1 
ATOM   910  C CB  . LEU A 1 131 ? -5.300  4.640   -9.938  1.00 11.68  ? 1422 LEU A CB  1 
ATOM   911  C CG  . LEU A 1 131 ? -4.946  3.968   -8.611  1.00 12.92  ? 1422 LEU A CG  1 
ATOM   912  C CD1 . LEU A 1 131 ? -5.147  4.957   -7.478  1.00 14.33  ? 1422 LEU A CD1 1 
ATOM   913  C CD2 . LEU A 1 131 ? -5.678  2.663   -8.390  1.00 14.34  ? 1422 LEU A CD2 1 
ATOM   914  N N   A SER A 1 132 ? -4.925  5.652   -12.860 0.40 12.14  ? 1423 SER A N   1 
ATOM   915  N N   B SER A 1 132 ? -4.911  5.641   -12.889 0.10 12.07  ? 1423 SER A N   1 
ATOM   916  C CA  A SER A 1 132 ? -5.436  6.368   -14.054 0.40 11.88  ? 1423 SER A CA  1 
ATOM   917  C CA  B SER A 1 132 ? -5.448  6.393   -14.050 0.10 12.20  ? 1423 SER A CA  1 
ATOM   918  C C   A SER A 1 132 ? -5.351  5.465   -15.282 0.40 12.28  ? 1423 SER A C   1 
ATOM   919  C C   B SER A 1 132 ? -5.300  5.573   -15.339 0.10 12.23  ? 1423 SER A C   1 
ATOM   920  O O   A SER A 1 132 ? -6.359  5.369   -16.026 0.40 12.05  ? 1423 SER A O   1 
ATOM   921  O O   B SER A 1 132 ? -6.211  5.624   -16.181 0.10 12.03  ? 1423 SER A O   1 
ATOM   922  C CB  A SER A 1 132 ? -4.690  7.651   -14.290 0.40 13.51  ? 1423 SER A CB  1 
ATOM   923  C CB  B SER A 1 132 ? -4.789  7.729   -14.172 0.10 12.84  ? 1423 SER A CB  1 
ATOM   924  O OG  A SER A 1 132 ? -4.959  8.575   -13.255 0.40 14.69  ? 1423 SER A OG  1 
ATOM   925  O OG  B SER A 1 132 ? -5.443  8.498   -15.158 0.10 13.73  ? 1423 SER A OG  1 
ATOM   926  N N   . ASP A 1 133 ? -4.193  4.851   -15.505 1.00 11.86  ? 1424 ASP A N   1 
ATOM   927  C CA  . ASP A 1 133 ? -4.010  4.016   -16.717 1.00 12.47  ? 1424 ASP A CA  1 
ATOM   928  C C   . ASP A 1 133 ? -4.927  2.816   -16.687 1.00 11.79  ? 1424 ASP A C   1 
ATOM   929  O O   . ASP A 1 133 ? -5.534  2.463   -17.729 1.00 12.11  ? 1424 ASP A O   1 
ATOM   930  C CB  . ASP A 1 133 ? -2.564  3.561   -16.882 1.00 14.46  ? 1424 ASP A CB  1 
ATOM   931  C CG  . ASP A 1 133 ? -1.556  4.645   -17.262 1.00 18.89  ? 1424 ASP A CG  1 
ATOM   932  O OD1 . ASP A 1 133 ? -1.949  5.790   -17.471 1.00 19.37  ? 1424 ASP A OD1 1 
ATOM   933  O OD2 . ASP A 1 133 ? -0.366  4.303   -17.383 1.00 24.05  ? 1424 ASP A OD2 1 
ATOM   934  N N   . TYR A 1 134 ? -5.110  2.175   -15.528 1.00 11.11  ? 1425 TYR A N   1 
ATOM   935  C CA  . TYR A 1 134 ? -6.020  1.014   -15.432 1.00 10.64  ? 1425 TYR A CA  1 
ATOM   936  C C   . TYR A 1 134 ? -7.437  1.459   -15.752 1.00 11.37  ? 1425 TYR A C   1 
ATOM   937  O O   . TYR A 1 134 ? -8.176  0.799   -16.530 1.00 12.14  ? 1425 TYR A O   1 
ATOM   938  C CB  . TYR A 1 134 ? -5.922  0.362   -14.035 1.00 10.60  ? 1425 TYR A CB  1 
ATOM   939  C CG  . TYR A 1 134 ? -6.905  -0.745  -13.847 1.00 11.46  ? 1425 TYR A CG  1 
ATOM   940  C CD1 . TYR A 1 134 ? -6.696  -1.992  -14.404 1.00 13.03  ? 1425 TYR A CD1 1 
ATOM   941  C CD2 . TYR A 1 134 ? -8.079  -0.521  -13.151 1.00 12.49  ? 1425 TYR A CD2 1 
ATOM   942  C CE1 . TYR A 1 134 ? -7.595  -3.019  -14.213 1.00 14.37  ? 1425 TYR A CE1 1 
ATOM   943  C CE2 . TYR A 1 134 ? -8.986  -1.526  -12.943 1.00 13.99  ? 1425 TYR A CE2 1 
ATOM   944  C CZ  . TYR A 1 134 ? -8.757  -2.762  -13.506 1.00 13.77  ? 1425 TYR A CZ  1 
ATOM   945  O OH  . TYR A 1 134 ? -9.627  -3.816  -13.300 1.00 17.98  ? 1425 TYR A OH  1 
ATOM   946  N N   . LYS A 1 135 ? -7.909  2.539   -15.139 1.00 11.41  ? 1426 LYS A N   1 
ATOM   947  C CA  . LYS A 1 135 ? -9.319  2.952   -15.319 1.00 11.18  ? 1426 LYS A CA  1 
ATOM   948  C C   . LYS A 1 135 ? -9.555  3.345   -16.779 1.00 11.03  ? 1426 LYS A C   1 
ATOM   949  O O   . LYS A 1 135 ? -10.610 3.042   -17.350 1.00 10.85  ? 1426 LYS A O   1 
ATOM   950  C CB  . LYS A 1 135 ? -9.702  4.049   -14.322 1.00 13.15  ? 1426 LYS A CB  1 
ATOM   951  C CG  . LYS A 1 135 ? -9.702  3.532   -12.875 1.00 13.54  ? 1426 LYS A CG  1 
ATOM   952  C CD  . LYS A 1 135 ? -9.968  4.651   -11.874 1.00 15.33  ? 1426 LYS A CD  1 
ATOM   953  C CE  . LYS A 1 135 ? -10.074 4.135   -10.447 1.00 17.98  ? 1426 LYS A CE  1 
ATOM   954  N NZ  . LYS A 1 135 ? -10.726 5.105   -9.527  1.00 24.18  ? 1426 LYS A NZ  1 
ATOM   955  N N   A SER A 1 136 ? -8.576  4.001   -17.378 0.40 10.72  ? 1427 SER A N   1 
ATOM   956  N N   B SER A 1 136 ? -8.587  3.973   -17.434 0.10 10.87  ? 1427 SER A N   1 
ATOM   957  C CA  A SER A 1 136 ? -8.637  4.357   -18.824 0.40 11.76  ? 1427 SER A CA  1 
ATOM   958  C CA  B SER A 1 136 ? -8.766  4.371   -18.856 0.10 11.03  ? 1427 SER A CA  1 
ATOM   959  C C   A SER A 1 136 ? -8.766  3.093   -19.687 0.40 11.27  ? 1427 SER A C   1 
ATOM   960  C C   B SER A 1 136 ? -8.650  3.151   -19.787 0.10 11.43  ? 1427 SER A C   1 
ATOM   961  O O   A SER A 1 136 ? -9.578  3.052   -20.639 0.40 10.71  ? 1427 SER A O   1 
ATOM   962  O O   B SER A 1 136 ? -9.237  3.199   -20.889 0.10 11.30  ? 1427 SER A O   1 
ATOM   963  C CB  A SER A 1 136 ? -7.438  5.162   -19.193 0.40 12.84  ? 1427 SER A CB  1 
ATOM   964  C CB  B SER A 1 136 ? -7.835  5.479   -19.226 0.10 10.81  ? 1427 SER A CB  1 
ATOM   965  O OG  A SER A 1 136 ? -7.325  5.274   -20.604 0.40 16.65  ? 1427 SER A OG  1 
ATOM   966  O OG  B SER A 1 136 ? -6.496  5.034   -19.247 0.10 10.61  ? 1427 SER A OG  1 
ATOM   967  N N   . ALA A 1 137 ? -7.945  2.088   -19.373 1.00 12.20  ? 1428 ALA A N   1 
ATOM   968  C CA  . ALA A 1 137 ? -7.915  0.817   -20.131 1.00 12.83  ? 1428 ALA A CA  1 
ATOM   969  C C   . ALA A 1 137 ? -9.252  0.162   -20.036 1.00 13.04  ? 1428 ALA A C   1 
ATOM   970  O O   . ALA A 1 137 ? -9.800  -0.383  -21.067 1.00 13.99  ? 1428 ALA A O   1 
ATOM   971  C CB  . ALA A 1 137 ? -6.853  -0.126  -19.607 1.00 13.86  ? 1428 ALA A CB  1 
ATOM   972  N N   . LEU A 1 138 ? -9.894  0.137   -18.893 1.00 12.27  ? 1429 LEU A N   1 
ATOM   973  C CA  . LEU A 1 138 ? -11.197 -0.468  -18.727 1.00 14.28  ? 1429 LEU A CA  1 
ATOM   974  C C   . LEU A 1 138 ? -12.251 0.310   -19.498 1.00 12.59  ? 1429 LEU A C   1 
ATOM   975  O O   . LEU A 1 138 ? -13.123 -0.314  -20.146 1.00 13.64  ? 1429 LEU A O   1 
ATOM   976  C CB  . LEU A 1 138 ? -11.556 -0.555  -17.242 1.00 19.43  ? 1429 LEU A CB  1 
ATOM   977  C CG  . LEU A 1 138 ? -11.959 -1.903  -16.680 1.00 26.10  ? 1429 LEU A CG  1 
ATOM   978  C CD1 . LEU A 1 138 ? -11.100 -3.076  -17.127 1.00 25.43  ? 1429 LEU A CD1 1 
ATOM   979  C CD2 . LEU A 1 138 ? -12.010 -1.795  -15.176 1.00 24.86  ? 1429 LEU A CD2 1 
ATOM   980  N N   . ARG A 1 139 ? -12.151 1.648   -19.507 1.00 11.29  ? 1430 ARG A N   1 
ATOM   981  C CA  . ARG A 1 139 ? -13.149 2.415   -20.275 1.00 11.90  ? 1430 ARG A CA  1 
ATOM   982  C C   . ARG A 1 139 ? -12.971 2.120   -21.775 1.00 11.17  ? 1430 ARG A C   1 
ATOM   983  O O   . ARG A 1 139 ? -13.982 1.976   -22.478 1.00 13.53  ? 1430 ARG A O   1 
ATOM   984  C CB  . ARG A 1 139 ? -13.016 3.915   -20.019 1.00 12.38  ? 1430 ARG A CB  1 
ATOM   985  C CG  . ARG A 1 139 ? -13.450 4.338   -18.614 1.00 12.10  ? 1430 ARG A CG  1 
ATOM   986  C CD  . ARG A 1 139 ? -13.447 5.848   -18.447 1.00 12.53  ? 1430 ARG A CD  1 
ATOM   987  N NE  . ARG A 1 139 ? -12.175 6.509   -18.561 1.00 12.94  ? 1430 ARG A NE  1 
ATOM   988  C CZ  . ARG A 1 139 ? -11.370 6.849   -17.545 1.00 11.72  ? 1430 ARG A CZ  1 
ATOM   989  N NH1 . ARG A 1 139 ? -11.622 6.437   -16.314 1.00 13.19  ? 1430 ARG A NH1 1 
ATOM   990  N NH2 . ARG A 1 139 ? -10.268 7.540   -17.775 1.00 13.08  ? 1430 ARG A NH2 1 
ATOM   991  N N   . PHE A 1 140 ? -11.728 2.017   -22.250 1.00 10.18  ? 1431 PHE A N   1 
ATOM   992  C CA  . PHE A 1 140 ? -11.481 1.732   -23.677 1.00 11.91  ? 1431 PHE A CA  1 
ATOM   993  C C   . PHE A 1 140 ? -12.044 0.341   -24.024 1.00 11.60  ? 1431 PHE A C   1 
ATOM   994  O O   . PHE A 1 140 ? -12.712 0.152   -25.044 1.00 12.40  ? 1431 PHE A O   1 
ATOM   995  C CB  . PHE A 1 140 ? -10.001 1.810   -24.002 1.00 11.75  ? 1431 PHE A CB  1 
ATOM   996  C CG  . PHE A 1 140 ? -9.712  1.670   -25.469 1.00 13.11  ? 1431 PHE A CG  1 
ATOM   997  C CD1 . PHE A 1 140 ? -9.848  2.758   -26.345 1.00 15.56  ? 1431 PHE A CD1 1 
ATOM   998  C CD2 . PHE A 1 140 ? -9.289  0.469   -25.991 1.00 14.60  ? 1431 PHE A CD2 1 
ATOM   999  C CE1 . PHE A 1 140 ? -9.569  2.624   -27.713 1.00 16.24  ? 1431 PHE A CE1 1 
ATOM   1000 C CE2 . PHE A 1 140 ? -8.996  0.346   -27.351 1.00 16.58  ? 1431 PHE A CE2 1 
ATOM   1001 C CZ  . PHE A 1 140 ? -9.130  1.427   -28.194 1.00 16.42  ? 1431 PHE A CZ  1 
ATOM   1002 N N   . HIS A 1 141 ? -11.883 -0.641  -23.114 1.00 12.70  ? 1432 HIS A N   1 
ATOM   1003 C CA  . HIS A 1 141 ? -12.455 -2.004  -23.336 1.00 13.47  ? 1432 HIS A CA  1 
ATOM   1004 C C   . HIS A 1 141 ? -13.981 -1.966  -23.527 1.00 17.18  ? 1432 HIS A C   1 
ATOM   1005 O O   . HIS A 1 141 ? -14.537 -2.786  -24.337 1.00 17.74  ? 1432 HIS A O   1 
ATOM   1006 C CB  . HIS A 1 141 ? -12.060 -2.881  -22.167 1.00 14.83  ? 1432 HIS A CB  1 
ATOM   1007 C CG  . HIS A 1 141 ? -12.343 -4.327  -22.445 1.00 15.43  ? 1432 HIS A CG  1 
ATOM   1008 N ND1 . HIS A 1 141 ? -11.587 -5.075  -23.342 1.00 14.92  ? 1432 HIS A ND1 1 
ATOM   1009 C CD2 . HIS A 1 141 ? -13.293 -5.149  -21.948 1.00 16.66  ? 1432 HIS A CD2 1 
ATOM   1010 C CE1 . HIS A 1 141 ? -12.060 -6.324  -23.380 1.00 14.11  ? 1432 HIS A CE1 1 
ATOM   1011 N NE2 . HIS A 1 141 ? -13.105 -6.392  -22.528 1.00 14.81  ? 1432 HIS A NE2 1 
ATOM   1012 N N   . LYS A 1 142 ? -14.674 -1.084  -22.808 1.00 18.60  ? 1433 LYS A N   1 
ATOM   1013 C CA  . LYS A 1 142 ? -16.159 -0.986  -22.847 1.00 20.22  ? 1433 LYS A CA  1 
ATOM   1014 C C   . LYS A 1 142 ? -16.597 0.199   -23.729 1.00 21.33  ? 1433 LYS A C   1 
ATOM   1015 O O   . LYS A 1 142 ? -17.752 0.674   -23.563 1.00 24.89  ? 1433 LYS A O   1 
ATOM   1016 C CB  . LYS A 1 142 ? -16.667 -0.927  -21.399 1.00 22.61  ? 1433 LYS A CB  1 
ATOM   1017 C CG  . LYS A 1 142 ? -16.336 -2.161  -20.559 1.00 23.59  ? 1433 LYS A CG  1 
ATOM   1018 C CD  . LYS A 1 142 ? -15.713 -1.868  -19.203 1.00 24.01  ? 1433 LYS A CD  1 
ATOM   1019 C CE  . LYS A 1 142 ? -14.468 -2.689  -18.919 1.00 23.01  ? 1433 LYS A CE  1 
ATOM   1020 N NZ  . LYS A 1 142 ? -14.722 -3.780  -17.943 1.00 26.21  ? 1433 LYS A NZ  1 
ATOM   1021 N N   . ARG A 1 143 ? -15.752 0.655   -24.663 1.00 20.91  ? 1434 ARG A N   1 
ATOM   1022 C CA  . ARG A 1 143 ? -16.064 1.843   -25.506 1.00 23.75  ? 1434 ARG A CA  1 
ATOM   1023 C C   . ARG A 1 143 ? -17.212 1.608   -26.514 1.00 31.24  ? 1434 ARG A C   1 
ATOM   1024 O O   . ARG A 1 143 ? -17.804 2.608   -26.984 1.00 31.85  ? 1434 ARG A O   1 
ATOM   1025 C CB  . ARG A 1 143 ? -14.808 2.348   -26.207 1.00 22.20  ? 1434 ARG A CB  1 
ATOM   1026 C CG  . ARG A 1 143 ? -14.382 1.474   -27.371 1.00 21.24  ? 1434 ARG A CG  1 
ATOM   1027 C CD  . ARG A 1 143 ? -13.019 1.846   -27.845 1.00 20.62  ? 1434 ARG A CD  1 
ATOM   1028 N NE  . ARG A 1 143 ? -12.622 1.011   -28.967 1.00 20.83  ? 1434 ARG A NE  1 
ATOM   1029 C CZ  . ARG A 1 143 ? -12.219 -0.231  -28.908 1.00 20.87  ? 1434 ARG A CZ  1 
ATOM   1030 N NH1 . ARG A 1 143 ? -12.086 -0.856  -27.742 1.00 17.80  ? 1434 ARG A NH1 1 
ATOM   1031 N NH2 . ARG A 1 143 ? -11.848 -0.841  -30.025 1.00 23.05  ? 1434 ARG A NH2 1 
ATOM   1032 N N   . ASN A 1 144 ? -17.466 0.352   -26.884 1.00 30.12  ? 1435 ASN A N   1 
ATOM   1033 C CA  . ASN A 1 144 ? -18.548 -0.062  -27.823 1.00 34.59  ? 1435 ASN A CA  1 
ATOM   1034 C C   . ASN A 1 144 ? -19.546 -0.943  -27.064 1.00 35.56  ? 1435 ASN A C   1 
ATOM   1035 O O   . ASN A 1 144 ? -19.429 -2.180  -27.192 1.00 38.62  ? 1435 ASN A O   1 
ATOM   1036 C CB  . ASN A 1 144 ? -18.002 -0.801  -29.051 1.00 34.98  ? 1435 ASN A CB  1 
ATOM   1037 C CG  . ASN A 1 144 ? -17.087 0.044   -29.913 1.00 35.64  ? 1435 ASN A CG  1 
ATOM   1038 O OD1 . ASN A 1 144 ? -17.439 1.152   -30.313 1.00 36.09  ? 1435 ASN A OD1 1 
ATOM   1039 N ND2 . ASN A 1 144 ? -15.907 -0.476  -30.216 1.00 32.96  ? 1435 ASN A ND2 1 
HETATM 1040 N N1  . ZJI B 2 .   ? 6.662   -3.213  13.124  0.64 21.46  ? 1901 ZJI A N1  1 
HETATM 1041 N N3  . ZJI B 2 .   ? 3.431   0.400   14.297  0.64 18.87  ? 1901 ZJI A N3  1 
HETATM 1042 C C4  . ZJI B 2 .   ? 7.495   -5.559  12.755  0.64 22.42  ? 1901 ZJI A C4  1 
HETATM 1043 C C5  . ZJI B 2 .   ? 5.055   -0.858  13.035  0.64 19.18  ? 1901 ZJI A C5  1 
HETATM 1044 C C6  . ZJI B 2 .   ? 3.600   -0.445  13.116  0.64 19.28  ? 1901 ZJI A C6  1 
HETATM 1045 C C7  . ZJI B 2 .   ? 3.731   -0.349  15.522  0.64 19.42  ? 1901 ZJI A C7  1 
HETATM 1046 C C8  . ZJI B 2 .   ? 5.176   -0.817  15.488  0.64 19.39  ? 1901 ZJI A C8  1 
HETATM 1047 C C10 . ZJI B 2 .   ? 3.398   2.727   15.148  0.64 17.57  ? 1901 ZJI A C10 1 
HETATM 1048 C C13 . ZJI B 2 .   ? 4.417   3.574   16.897  0.64 17.93  ? 1901 ZJI A C13 1 
HETATM 1049 C C1  . ZJI B 2 .   ? 6.204   -2.709  14.285  0.64 20.55  ? 1901 ZJI A C1  1 
HETATM 1050 C C11 . ZJI B 2 .   ? 3.022   4.028   15.230  0.64 16.86  ? 1901 ZJI A C11 1 
HETATM 1051 C C12 . ZJI B 2 .   ? 3.681   4.586   16.355  0.64 16.48  ? 1901 ZJI A C12 1 
HETATM 1052 C C2  . ZJI B 2 .   ? 7.779   -4.132  13.070  0.64 22.20  ? 1901 ZJI A C2  1 
HETATM 1053 C C3  . ZJI B 2 .   ? 8.160   -4.696  11.744  0.64 22.04  ? 1901 ZJI A C3  1 
HETATM 1054 C C9  . ZJI B 2 .   ? 3.087   1.696   14.173  0.64 17.51  ? 1901 ZJI A C9  1 
HETATM 1055 N N2  . ZJI B 2 .   ? 5.488   -1.550  14.255  0.64 19.71  ? 1901 ZJI A N2  1 
HETATM 1056 O O1  . ZJI B 2 .   ? 6.492   -3.252  15.370  0.64 19.92  ? 1901 ZJI A O1  1 
HETATM 1057 O O2  . ZJI B 2 .   ? 2.579   2.064   13.118  0.64 16.80  ? 1901 ZJI A O2  1 
HETATM 1058 O O3  . ZJI B 2 .   ? 4.257   2.430   16.175  0.64 16.80  ? 1901 ZJI A O3  1 
HETATM 1059 O O   . HOH C 3 .   ? 8.136   2.096   19.118  1.00 40.00  ? 2001 HOH A O   1 
HETATM 1060 O O   . HOH C 3 .   ? 11.104  9.419   11.226  1.00 26.27  ? 2002 HOH A O   1 
HETATM 1061 O O   . HOH C 3 .   ? -14.752 -9.491  -12.423 1.00 35.94  ? 2003 HOH A O   1 
HETATM 1062 O O   . HOH C 3 .   ? -5.400  -7.268  22.538  1.00 38.98  ? 2004 HOH A O   1 
HETATM 1063 O O   . HOH C 3 .   ? 6.783   -5.662  16.021  0.64 27.42  ? 2005 HOH A O   1 
HETATM 1064 O O   . HOH C 3 .   ? 0.181   1.108   25.135  0.64 26.60  ? 2006 HOH A O   1 
HETATM 1065 O O   . HOH C 3 .   ? 14.231  0.195   11.062  1.00 39.25  ? 2007 HOH A O   1 
HETATM 1066 O O   . HOH C 3 .   ? -9.254  -6.135  -14.318 1.00 33.99  ? 2008 HOH A O   1 
HETATM 1067 O O   . HOH C 3 .   ? -5.179  -8.606  8.401   1.00 26.11  ? 2009 HOH A O   1 
HETATM 1068 O O   . HOH C 3 .   ? -3.686  0.546   24.902  1.00 24.18  ? 2010 HOH A O   1 
HETATM 1069 O O   . HOH C 3 .   ? -0.945  0.143   -22.035 1.00 24.15  ? 2011 HOH A O   1 
HETATM 1070 O O   . HOH C 3 .   ? -8.260  7.111   -22.202 1.00 22.49  ? 2012 HOH A O   1 
HETATM 1071 O O   . HOH C 3 .   ? -6.732  -8.052  0.551   1.00 34.68  ? 2013 HOH A O   1 
HETATM 1072 O O   . HOH C 3 .   ? 3.942   5.242   -11.281 1.00 27.92  ? 2014 HOH A O   1 
HETATM 1073 O O   . HOH C 3 .   ? -11.816 -3.105  -7.893  1.00 26.84  ? 2015 HOH A O   1 
HETATM 1074 O O   . HOH C 3 .   ? -6.537  5.343   17.981  1.00 19.11  ? 2016 HOH A O   1 
HETATM 1075 O O   . HOH C 3 .   ? -0.842  -3.056  10.778  1.00 15.71  ? 2017 HOH A O   1 
HETATM 1076 O O   . HOH C 3 .   ? -16.353 3.474   -29.679 1.00 37.91  ? 2018 HOH A O   1 
HETATM 1077 O O   . HOH C 3 .   ? 0.380   0.288   12.658  0.64 13.21  ? 2019 HOH A O   1 
HETATM 1078 O O   . HOH C 3 .   ? -0.353  14.141  10.775  1.00 30.50  ? 2020 HOH A O   1 
HETATM 1079 O O   . HOH C 3 .   ? 8.216   13.947  13.759  1.00 35.62  ? 2021 HOH A O   1 
HETATM 1080 O O   . HOH C 3 .   ? -1.551  6.573   1.392   1.00 17.31  ? 2022 HOH A O   1 
HETATM 1081 O O   . HOH C 3 .   ? 10.591  -2.942  12.559  1.00 33.74  ? 2023 HOH A O   1 
HETATM 1082 O O   . HOH C 3 .   ? 4.075   -9.314  -5.648  1.00 26.45  ? 2024 HOH A O   1 
HETATM 1083 O O   . HOH C 3 .   ? 3.184   -10.404 -12.747 1.00 27.85  ? 2025 HOH A O   1 
HETATM 1084 O O   . HOH C 3 .   ? 4.312   14.442  -5.319  1.00 22.77  ? 2026 HOH A O   1 
HETATM 1085 O O   . HOH C 3 .   ? -2.246  -18.443 -6.092  1.00 31.16  ? 2027 HOH A O   1 
HETATM 1086 O O   . HOH C 3 .   ? -3.437  8.115   17.641  1.00 17.41  ? 2028 HOH A O   1 
HETATM 1087 O O   . HOH C 3 .   ? -9.640  -3.710  -24.625 1.00 14.54  ? 2029 HOH A O   1 
HETATM 1088 O O   . HOH C 3 .   ? 0.113   -7.430  9.306   0.64 22.15  ? 2030 HOH A O   1 
HETATM 1089 O O   . HOH C 3 .   ? 0.174   -14.435 -9.799  1.00 17.15  ? 2031 HOH A O   1 
HETATM 1090 O O   . HOH C 3 .   ? 1.694   -17.313 -7.412  1.00 44.48  ? 2032 HOH A O   1 
HETATM 1091 O O   . HOH C 3 .   ? -4.380  4.988   -20.943 1.00 31.27  ? 2033 HOH A O   1 
HETATM 1092 O O   . HOH C 3 .   ? 4.118   -3.474  10.475  0.64 15.37  ? 2034 HOH A O   1 
HETATM 1093 O O   . HOH C 3 .   ? -7.623  2.875   5.657   1.00 15.37  ? 2035 HOH A O   1 
HETATM 1094 O O   . HOH C 3 .   ? 9.321   -1.498  16.683  0.64 22.39  ? 2036 HOH A O   1 
HETATM 1095 O O   . HOH C 3 .   ? -3.368  8.126   -17.471 1.00 39.68  ? 2037 HOH A O   1 
HETATM 1096 O O   . HOH C 3 .   ? -8.459  -1.701  -23.062 1.00 14.70  ? 2038 HOH A O   1 
HETATM 1097 O O   . HOH C 3 .   ? -16.286 3.428   -22.136 1.00 27.91  ? 2039 HOH A O   1 
HETATM 1098 O O   . HOH C 3 .   ? -8.014  1.376   3.444   1.00 14.76  ? 2040 HOH A O   1 
HETATM 1099 O O   . HOH C 3 .   ? -2.450  9.006   -5.444  1.00 16.24  ? 2041 HOH A O   1 
HETATM 1100 O O   . HOH C 3 .   ? -6.875  1.863   10.194  1.00 16.09  ? 2042 HOH A O   1 
HETATM 1101 O O   . HOH C 3 .   ? -12.020 -3.523  -11.976 1.00 26.60  ? 2043 HOH A O   1 
HETATM 1102 O O   . HOH C 3 .   ? -5.580  -1.383  25.747  1.00 28.62  ? 2044 HOH A O   1 
HETATM 1103 O O   . HOH C 3 .   ? 8.999   11.136  -3.899  1.00 14.48  ? 2045 HOH A O   1 
HETATM 1104 O O   . HOH C 3 .   ? -1.432  9.333   4.538   1.00 24.99  ? 2046 HOH A O   1 
HETATM 1105 O O   . HOH C 3 .   ? 8.221   -7.194  -11.526 1.00 38.75  ? 2047 HOH A O   1 
HETATM 1106 O O   . HOH C 3 .   ? -2.789  10.288  -13.058 1.00 22.04  ? 2048 HOH A O   1 
HETATM 1107 O O   . HOH C 3 .   ? 8.035   11.341  -8.900  1.00 24.85  ? 2049 HOH A O   1 
HETATM 1108 O O   . HOH C 3 .   ? -0.008  7.324   8.446   1.00 14.53  ? 2050 HOH A O   1 
HETATM 1109 O O   . HOH C 3 .   ? -1.206  -11.329 6.690   1.00 36.48  ? 2051 HOH A O   1 
HETATM 1110 O O   . HOH C 3 .   ? 1.379   -6.667  -15.470 1.00 13.30  ? 2052 HOH A O   1 
HETATM 1111 O O   . HOH C 3 .   ? 0.257   11.950  -7.828  1.00 30.93  ? 2053 HOH A O   1 
HETATM 1112 O O   . HOH C 3 .   ? 1.920   -3.073  -21.334 1.00 39.74  ? 2054 HOH A O   1 
HETATM 1113 O O   . HOH C 3 .   ? -5.139  8.514   -10.106 1.00 19.61  ? 2055 HOH A O   1 
HETATM 1114 O O   . HOH C 3 .   ? -4.607  5.883   4.906   1.00 13.25  ? 2056 HOH A O   1 
HETATM 1115 O O   . HOH C 3 .   ? 15.816  4.232   9.845   1.00 31.95  ? 2057 HOH A O   1 
HETATM 1116 O O   . HOH C 3 .   ? 14.032  -5.779  6.410   1.00 31.36  ? 2058 HOH A O   1 
HETATM 1117 O O   . HOH C 3 .   ? -13.677 0.399   1.888   1.00 30.01  ? 2059 HOH A O   1 
HETATM 1118 O O   . HOH C 3 .   ? 1.763   11.909  3.765   1.00 23.39  ? 2060 HOH A O   1 
HETATM 1119 O O   . HOH C 3 .   ? -8.898  2.045   -3.531  1.00 19.55  ? 2061 HOH A O   1 
HETATM 1120 O O   . HOH C 3 .   ? 2.320   -2.324  9.035   0.64 14.37  ? 2062 HOH A O   1 
HETATM 1121 O O   . HOH C 3 .   ? 6.876   12.796  8.251   1.00 16.26  ? 2063 HOH A O   1 
HETATM 1122 O O   . HOH C 3 .   ? -7.688  -9.348  -1.859  1.00 23.39  ? 2064 HOH A O   1 
HETATM 1123 O O   . HOH C 3 .   ? -8.451  -3.247  3.373   1.00 27.43  ? 2065 HOH A O   1 
HETATM 1124 O O   . HOH C 3 .   ? -8.346  6.254   -4.753  1.00 31.53  ? 2066 HOH A O   1 
HETATM 1125 O O   . HOH C 3 .   ? 14.035  -4.459  2.125   0.64 18.82  ? 2067 HOH A O   1 
HETATM 1126 O O   . HOH C 3 .   ? 19.863  1.098   4.502   1.00 22.32  ? 2068 HOH A O   1 
HETATM 1127 O O   . HOH C 3 .   ? 12.685  9.606   3.514   0.65 17.49  ? 2069 HOH A O   1 
HETATM 1128 O O   . HOH C 3 .   ? -11.758 7.133   -21.271 1.00 16.87  ? 2070 HOH A O   1 
HETATM 1129 O O   . HOH C 3 .   ? 3.236   -3.371  -16.766 1.00 22.47  ? 2071 HOH A O   1 
HETATM 1130 O O   . HOH C 3 .   ? -4.765  -17.835 -2.570  1.00 31.31  ? 2072 HOH A O   1 
HETATM 1131 O O   . HOH C 3 .   ? 1.980   8.584   -10.818 1.00 19.96  ? 2073 HOH A O   1 
HETATM 1132 O O   . HOH C 3 .   ? -4.839  -10.286 1.728   1.00 29.70  ? 2074 HOH A O   1 
HETATM 1133 O O   . HOH C 3 .   ? 13.523  -3.969  -3.158  1.00 24.84  ? 2075 HOH A O   1 
HETATM 1134 O O   . HOH C 3 .   ? 5.676   1.288   -10.979 1.00 25.55  ? 2076 HOH A O   1 
HETATM 1135 O O   . HOH C 3 .   ? -2.089  0.579   -14.915 1.00 11.91  ? 2077 HOH A O   1 
HETATM 1136 O O   . HOH C 3 .   ? -10.323 5.228   -22.532 1.00 13.97  ? 2078 HOH A O   1 
HETATM 1137 O O   . HOH C 3 .   ? 8.697   10.423  0.694   1.00 17.51  ? 2079 HOH A O   1 
HETATM 1138 O O   . HOH C 3 .   ? 16.045  4.884   2.082   1.00 27.87  ? 2080 HOH A O   1 
HETATM 1139 O O   . HOH C 3 .   ? 3.411   0.750   22.880  1.00 49.11  ? 2081 HOH A O   1 
HETATM 1140 O O   . HOH C 3 .   ? 1.873   12.046  -8.825  1.00 24.54  ? 2082 HOH A O   1 
HETATM 1141 O O   . HOH C 3 .   ? 2.811   -11.747 5.392   1.00 36.18  ? 2083 HOH A O   1 
HETATM 1142 O O   . HOH C 3 .   ? -8.350  -4.591  -0.605  1.00 21.66  ? 2084 HOH A O   1 
HETATM 1143 O O   . HOH C 3 .   ? -8.913  -6.545  17.033  1.00 32.39  ? 2085 HOH A O   1 
HETATM 1144 O O   . HOH C 3 .   ? 10.710  -5.617  9.014   0.64 38.42  ? 2086 HOH A O   1 
HETATM 1145 O O   . HOH C 3 .   ? -3.141  -10.174 -7.769  1.00 12.86  ? 2087 HOH A O   1 
HETATM 1146 O O   . HOH C 3 .   ? 0.016   -12.758 -13.495 1.00 17.74  ? 2088 HOH A O   1 
HETATM 1147 O O   . HOH C 3 .   ? -2.584  0.417   -19.020 1.00 17.62  ? 2089 HOH A O   1 
HETATM 1148 O O   . HOH C 3 .   ? 13.793  6.585   8.658   1.00 31.99  ? 2090 HOH A O   1 
HETATM 1149 O O   . HOH C 3 .   ? -11.111 3.961   -6.936  1.00 27.64  ? 2091 HOH A O   1 
HETATM 1150 O O   . HOH C 3 .   ? -12.731 2.347   -15.562 1.00 16.65  ? 2092 HOH A O   1 
HETATM 1151 O O   . HOH C 3 .   ? 9.447   13.982  7.816   1.00 16.46  ? 2093 HOH A O   1 
HETATM 1152 O O   . HOH C 3 .   ? -6.352  6.331   11.209  1.00 20.64  ? 2094 HOH A O   1 
HETATM 1153 O O   . HOH C 3 .   ? -3.307  -14.383 -0.808  1.00 34.95  ? 2095 HOH A O   1 
HETATM 1154 O O   . HOH C 3 .   ? -11.015 -7.960  13.509  1.00 42.78  ? 2096 HOH A O   1 
HETATM 1155 O O   . HOH C 3 .   ? 2.112   12.545  -2.592  1.00 21.74  ? 2097 HOH A O   1 
HETATM 1156 O O   . HOH C 3 .   ? -7.593  -1.670  11.431  1.00 18.72  ? 2098 HOH A O   1 
HETATM 1157 O O   . HOH C 3 .   ? 7.405   -6.722  -5.348  1.00 28.03  ? 2099 HOH A O   1 
HETATM 1158 O O   . HOH C 3 .   ? 3.908   -0.916  -17.809 1.00 37.67  ? 2100 HOH A O   1 
HETATM 1159 O O   . HOH C 3 .   ? 14.485  2.076   9.075   1.00 23.66  ? 2101 HOH A O   1 
HETATM 1160 O O   . HOH C 3 .   ? 0.609   -0.432  10.012  0.64 13.69  ? 2102 HOH A O   1 
HETATM 1161 O O   . HOH C 3 .   ? -3.177  -6.807  21.497  1.00 32.65  ? 2103 HOH A O   1 
HETATM 1162 O O   . HOH C 3 .   ? -3.085  14.634  11.065  1.00 37.06  ? 2104 HOH A O   1 
HETATM 1163 O O   . HOH C 3 .   ? -3.116  12.933  -9.826  1.00 39.85  ? 2105 HOH A O   1 
HETATM 1164 O O   . HOH C 3 .   ? 7.893   5.848   17.108  0.64 15.46  ? 2106 HOH A O   1 
HETATM 1165 O O   . HOH C 3 .   ? 0.175   10.988  1.603   1.00 20.56  ? 2107 HOH A O   1 
HETATM 1166 O O   . HOH C 3 .   ? -4.306  11.537  -8.325  1.00 41.37  ? 2108 HOH A O   1 
HETATM 1167 O O   . HOH C 3 .   ? 0.230   -7.243  13.643  1.00 25.36  ? 2109 HOH A O   1 
HETATM 1168 O O   . HOH C 3 .   ? -13.803 4.877   -15.132 1.00 17.60  ? 2110 HOH A O   1 
HETATM 1169 O O   . HOH C 3 .   ? -10.512 -3.268  -27.190 1.00 20.65  ? 2111 HOH A O   1 
HETATM 1170 O O   . HOH C 3 .   ? -7.811  -6.334  3.814   1.00 34.56  ? 2112 HOH A O   1 
HETATM 1171 O O   . HOH C 3 .   ? 0.372   -6.405  -18.751 1.00 18.28  ? 2113 HOH A O   1 
HETATM 1172 O O   . HOH C 3 .   ? 11.472  -1.382  -8.848  1.00 30.93  ? 2114 HOH A O   1 
HETATM 1173 O O   . HOH C 3 .   ? -0.115  1.388   -18.175 1.00 19.22  ? 2115 HOH A O   1 
HETATM 1174 O O   . HOH C 3 .   ? -6.671  8.099   -5.435  1.00 23.15  ? 2116 HOH A O   1 
HETATM 1175 O O   . HOH C 3 .   ? -10.805 -3.027  22.047  1.00 40.38  ? 2117 HOH A O   1 
HETATM 1176 O O   . HOH C 3 .   ? -3.454  -1.647  -16.086 1.00 12.25  ? 2118 HOH A O   1 
HETATM 1177 O O   . HOH C 3 .   ? -12.952 -5.841  -7.883  1.00 31.56  ? 2119 HOH A O   1 
HETATM 1178 O O   . HOH C 3 .   ? -7.807  -8.752  -16.519 1.00 21.43  ? 2120 HOH A O   1 
HETATM 1179 O O   . HOH C 3 .   ? 9.664   7.663   2.153   1.00 23.77  ? 2121 HOH A O   1 
HETATM 1180 O O   . HOH C 3 .   ? -1.049  -8.875  24.271  1.00 34.55  ? 2122 HOH A O   1 
HETATM 1181 O O   . HOH C 3 .   ? -8.759  -0.388  13.548  1.00 28.34  ? 2123 HOH A O   1 
HETATM 1182 O O   . HOH C 3 .   ? 0.452   -5.886  11.246  0.64 18.78  ? 2124 HOH A O   1 
HETATM 1183 O O   . HOH C 3 .   ? -11.116 -8.106  -14.149 0.50 32.07  ? 2125 HOH A O   1 
HETATM 1184 O O   . HOH C 3 .   ? -2.676  -8.312  -14.378 1.00 15.15  ? 2126 HOH A O   1 
HETATM 1185 O O   . HOH C 3 .   ? 16.301  -0.893  3.942   1.00 31.71  ? 2127 HOH A O   1 
HETATM 1186 O O   . HOH C 3 .   ? -4.602  -17.980 -5.257  1.00 26.37  ? 2128 HOH A O   1 
HETATM 1187 O O   . HOH C 3 .   ? -13.982 -1.381  3.994   1.00 31.69  ? 2129 HOH A O   1 
HETATM 1188 O O   . HOH C 3 .   ? -2.456  11.516  7.833   1.00 27.37  ? 2130 HOH A O   1 
HETATM 1189 O O   . HOH C 3 .   ? 0.122   10.781  -12.087 1.00 31.60  ? 2131 HOH A O   1 
HETATM 1190 O O   . HOH C 3 .   ? -5.266  7.055   -21.920 1.00 37.43  ? 2132 HOH A O   1 
HETATM 1191 O O   . HOH C 3 .   ? 8.397   -9.582  1.103   1.00 37.17  ? 2133 HOH A O   1 
HETATM 1192 O O   . HOH C 3 .   ? -5.471  -7.935  -14.437 1.00 20.05  ? 2134 HOH A O   1 
HETATM 1193 O O   . HOH C 3 .   ? 17.782  5.727   12.882  0.64 20.09  ? 2135 HOH A O   1 
HETATM 1194 O O   . HOH C 3 .   ? -0.239  12.987  21.666  1.00 23.60  ? 2136 HOH A O   1 
HETATM 1195 O O   . HOH C 3 .   ? -8.617  3.313   -1.055  1.00 16.08  ? 2137 HOH A O   1 
HETATM 1196 O O   . HOH C 3 .   ? 6.064   -11.008 0.573   1.00 36.21  ? 2138 HOH A O   1 
HETATM 1197 O O   . HOH C 3 .   ? 13.338  3.572   -3.319  1.00 32.70  ? 2139 HOH A O   1 
HETATM 1198 O O   . HOH C 3 .   ? 1.136   3.640   -14.775 1.00 30.67  ? 2140 HOH A O   1 
HETATM 1199 O O   . HOH C 3 .   ? -2.486  10.480  14.873  0.64 22.46  ? 2141 HOH A O   1 
HETATM 1200 O O   . HOH C 3 .   ? 17.726  0.566   2.476   1.00 22.71  ? 2142 HOH A O   1 
HETATM 1201 O O   . HOH C 3 .   ? 5.691   5.929   18.816  0.64 27.95  ? 2143 HOH A O   1 
HETATM 1202 O O   . HOH C 3 .   ? -5.458  7.988   -18.329 1.00 39.99  ? 2144 HOH A O   1 
HETATM 1203 O O   . HOH C 3 .   ? 1.054   15.299  18.659  0.64 23.99  ? 2145 HOH A O   1 
HETATM 1204 O O   . HOH C 3 .   ? -8.224  3.172   16.807  1.00 39.76  ? 2146 HOH A O   1 
HETATM 1205 O O   . HOH C 3 .   ? 16.476  -3.784  3.086   1.00 26.78  ? 2147 HOH A O   1 
HETATM 1206 O O   . HOH C 3 .   ? 16.354  -1.380  6.766   0.64 33.30  ? 2148 HOH A O   1 
HETATM 1207 O O   . HOH C 3 .   ? -11.156 -1.413  -3.905  1.00 27.73  ? 2149 HOH A O   1 
HETATM 1208 O O   . HOH C 3 .   ? -12.433 4.767   -24.417 1.00 15.65  ? 2150 HOH A O   1 
HETATM 1209 O O   . HOH C 3 .   ? -4.134  7.496   7.159   1.00 15.68  ? 2151 HOH A O   1 
HETATM 1210 O O   . HOH C 3 .   ? 14.211  -1.607  -6.069  1.00 40.65  ? 2152 HOH A O   1 
HETATM 1211 O O   . HOH C 3 .   ? 5.951   14.335  10.230  1.00 23.13  ? 2153 HOH A O   1 
HETATM 1212 O O   . HOH C 3 .   ? 16.738  -5.505  5.167   1.00 27.50  ? 2154 HOH A O   1 
HETATM 1213 O O   . HOH C 3 .   ? 8.614   -7.601  15.123  0.64 32.66  ? 2155 HOH A O   1 
HETATM 1214 O O   . HOH C 3 .   ? 0.231   12.530  -4.823  1.00 34.65  ? 2156 HOH A O   1 
HETATM 1215 O O   . HOH C 3 .   ? -14.767 1.062   -16.883 1.00 30.25  ? 2157 HOH A O   1 
HETATM 1216 O O   . HOH C 3 .   ? 5.646   13.822  3.469   1.00 26.90  ? 2158 HOH A O   1 
HETATM 1217 O O   . HOH C 3 .   ? -4.649  8.780   -7.222  1.00 18.32  ? 2159 HOH A O   1 
HETATM 1218 O O   . HOH C 3 .   ? -7.166  5.179   4.288   1.00 244.62 ? 2160 HOH A O   1 
HETATM 1219 O O   . HOH C 3 .   ? -15.274 5.386   -23.792 1.00 36.68  ? 2161 HOH A O   1 
HETATM 1220 O O   . HOH C 3 .   ? -12.337 -5.287  -27.156 1.00 38.95  ? 2162 HOH A O   1 
HETATM 1221 O O   . HOH C 3 .   ? -13.500 2.817   -11.051 1.00 37.97  ? 2163 HOH A O   1 
HETATM 1222 O O   . HOH C 3 .   ? -6.631  8.005   13.537  1.00 27.10  ? 2164 HOH A O   1 
HETATM 1223 O O   . HOH C 3 .   ? -7.880  7.900   0.955   1.00 33.90  ? 2165 HOH A O   1 
HETATM 1224 O O   . HOH C 3 .   ? 14.578  -5.406  -7.681  1.00 32.00  ? 2166 HOH A O   1 
HETATM 1225 O O   . HOH C 3 .   ? -3.625  7.470   2.940   1.00 19.94  ? 2167 HOH A O   1 
HETATM 1226 O O   . HOH C 3 .   ? -12.448 0.362   4.449   1.00 29.13  ? 2168 HOH A O   1 
HETATM 1227 O O   . HOH C 3 .   ? -2.009  10.302  -16.249 1.00 29.21  ? 2169 HOH A O   1 
HETATM 1228 O O   . HOH C 3 .   ? 11.163  0.432   -10.428 1.00 40.33  ? 2170 HOH A O   1 
HETATM 1229 O O   . HOH C 3 .   ? 11.492  -8.013  -14.073 1.00 46.87  ? 2171 HOH A O   1 
HETATM 1230 O O   . HOH C 3 .   ? -2.543  6.837   -21.349 1.00 46.53  ? 2172 HOH A O   1 
HETATM 1231 O O   . HOH C 3 .   ? -8.444  3.704   -5.599  1.00 25.66  ? 2173 HOH A O   1 
HETATM 1232 O O   . HOH C 3 .   ? 15.058  7.574   4.120   1.00 40.01  ? 2174 HOH A O   1 
HETATM 1233 O O   . HOH C 3 .   ? -9.947  -1.031  9.586   1.00 37.35  ? 2175 HOH A O   1 
HETATM 1234 O O   . HOH C 3 .   ? 6.609   -11.232 6.365   0.64 45.34  ? 2176 HOH A O   1 
HETATM 1235 O O   . HOH C 3 .   ? 4.423   9.141   -14.508 1.00 43.11  ? 2177 HOH A O   1 
HETATM 1236 O O   . HOH C 3 .   ? 5.548   14.091  6.058   1.00 32.99  ? 2178 HOH A O   1 
HETATM 1237 O O   . HOH C 3 .   ? 13.351  -5.068  -10.931 1.00 41.80  ? 2179 HOH A O   1 
HETATM 1238 O O   . HOH C 3 .   ? 2.949   -5.860  -17.693 1.00 22.99  ? 2180 HOH A O   1 
HETATM 1239 O O   . HOH C 3 .   ? -9.612  -0.782  4.382   1.00 25.20  ? 2181 HOH A O   1 
HETATM 1240 O O   . HOH C 3 .   ? 6.026   3.718   -9.679  1.00 30.18  ? 2182 HOH A O   1 
HETATM 1241 O O   . HOH C 3 .   ? -1.765  8.941   7.170   1.00 13.61  ? 2183 HOH A O   1 
HETATM 1242 O O   . HOH C 3 .   ? -12.216 -1.311  -5.938  1.00 43.06  ? 2184 HOH A O   1 
HETATM 1243 O O   . HOH C 3 .   ? 1.753   -9.330  -14.911 1.00 20.07  ? 2185 HOH A O   1 
HETATM 1244 O O   . HOH C 3 .   ? 12.741  -8.006  -16.431 1.00 26.58  ? 2186 HOH A O   1 
HETATM 1245 O O   . HOH C 3 .   ? -10.987 7.239   -0.841  1.00 36.82  ? 2187 HOH A O   1 
HETATM 1246 O O   . HOH C 3 .   ? 1.494   15.539  11.208  1.00 34.70  ? 2188 HOH A O   1 
HETATM 1247 O O   . HOH C 3 .   ? -12.504 -4.157  -32.955 1.00 51.73  ? 2189 HOH A O   1 
HETATM 1248 O O   . HOH C 3 .   ? 1.942   13.960  -4.566  1.00 29.59  ? 2190 HOH A O   1 
HETATM 1249 O O   . HOH C 3 .   ? 6.787   7.368   20.473  1.00 34.06  ? 2191 HOH A O   1 
HETATM 1250 O O   . HOH C 3 .   ? -16.587 2.321   -18.659 1.00 39.22  ? 2192 HOH A O   1 
HETATM 1251 O O   . HOH C 3 .   ? -1.301  13.823  7.085   1.00 36.77  ? 2193 HOH A O   1 
HETATM 1252 O O   . HOH C 3 .   ? -1.185  -10.641 -15.730 0.50 11.40  ? 2194 HOH A O   1 
HETATM 1253 O O   . HOH C 3 .   ? -10.870 7.205   -4.767  1.00 48.46  ? 2195 HOH A O   1 
HETATM 1254 O O   . HOH C 3 .   ? -0.170  12.415  -0.564  1.00 30.74  ? 2196 HOH A O   1 
HETATM 1255 O O   . HOH C 3 .   ? -5.039  -10.030 4.072   1.00 39.40  ? 2197 HOH A O   1 
HETATM 1256 O O   . HOH C 3 .   ? 16.744  -3.397  -2.323  1.00 32.43  ? 2198 HOH A O   1 
HETATM 1257 O O   . HOH C 3 .   ? -16.317 5.309   -15.997 1.00 33.47  ? 2199 HOH A O   1 
HETATM 1258 O O   . HOH C 3 .   ? 2.009   11.161  -14.168 1.00 39.44  ? 2200 HOH A O   1 
HETATM 1259 O O   . HOH C 3 .   ? 0.717   13.861  5.277   1.00 39.24  ? 2201 HOH A O   1 
HETATM 1260 O O   . HOH C 3 .   ? -12.261 1.044   -12.963 1.00 24.68  ? 2202 HOH A O   1 
# 
